data_4A64
#
_entry.id   4A64
#
_cell.length_a   64.248
_cell.length_b   157.091
_cell.length_c   92.916
_cell.angle_alpha   90.00
_cell.angle_beta   95.71
_cell.angle_gamma   90.00
#
_symmetry.space_group_name_H-M   'P 1 21 1'
#
loop_
_entity.id
_entity.type
_entity.pdbx_description
1 polymer CULLIN-4B
2 non-polymer 1,2-ETHANEDIOL
3 water water
#
_entity_poly.entity_id   1
_entity_poly.type   'polypeptide(L)'
_entity_poly.pdbx_seq_one_letter_code
;SMPKLPENYTDETWQKLKEAVEAIQNSTSIKYNLEELYQAVENLCSYKISANLYKQLRQICEDHIKAQIHQFREDSLDSV
LFLKKIDRCWQNHCRQMIMIRSIFLFLDRTYVLQNSMLPSIWDMGLELFRAHIISDQKVQNKTIDGILLLIERERNGEAI
DRSLLRSLLSMLSDLQIYQDSFEQRFLEETNRLYAAEGQKLMQEREVPEYLHHVNKRLEEEADRLITYLDQTTQKSLIAT
VEKQLLGEHLTAILQKGLNNLLDENRIQDLSLLYQLFSRVRGGVQVLLQQWIEYIKAFGSTIVINPEKDKTMRQELDDFK
DKVDHIIDICFLKNEKFINAMKEAFETFINKRPN
;
_entity_poly.pdbx_strand_id   A,B,C,D
#
loop_
_chem_comp.id
_chem_comp.type
_chem_comp.name
_chem_comp.formula
EDO non-polymer 1,2-ETHANEDIOL 'C2 H6 O2'
#
# COMPACT_ATOMS: atom_id res chain seq x y z
N SER A 1 18.17 5.37 39.26
CA SER A 1 18.71 6.75 39.43
C SER A 1 19.15 7.38 38.12
N MET A 2 18.43 8.41 37.67
CA MET A 2 18.75 9.12 36.43
C MET A 2 19.86 10.14 36.63
N PRO A 3 20.51 10.56 35.54
CA PRO A 3 21.53 11.61 35.62
C PRO A 3 20.98 13.04 35.57
N LYS A 4 21.81 14.01 35.94
CA LYS A 4 21.44 15.41 36.02
C LYS A 4 21.59 15.94 34.59
N LEU A 5 20.55 16.60 34.10
CA LEU A 5 20.62 17.30 32.81
C LEU A 5 21.47 18.57 32.97
N PRO A 6 22.50 18.76 32.15
CA PRO A 6 23.20 20.05 32.01
C PRO A 6 22.35 21.28 31.61
N GLU A 7 22.08 22.14 32.59
CA GLU A 7 21.26 23.34 32.44
C GLU A 7 21.54 24.18 33.68
N ASN A 8 21.28 25.48 33.61
CA ASN A 8 21.63 26.38 34.70
C ASN A 8 20.76 26.15 35.93
N TYR A 9 19.50 25.75 35.69
CA TYR A 9 18.58 25.44 36.78
C TYR A 9 17.51 24.43 36.33
N THR A 10 16.81 23.83 37.29
CA THR A 10 15.87 22.74 37.02
C THR A 10 14.74 23.25 36.17
N ASP A 11 14.59 22.64 35.00
CA ASP A 11 13.50 22.92 34.04
C ASP A 11 13.80 24.05 33.05
N GLU A 12 15.03 24.57 33.06
CA GLU A 12 15.39 25.64 32.12
C GLU A 12 15.17 25.17 30.71
N THR A 13 15.64 23.95 30.41
CA THR A 13 15.69 23.44 29.04
C THR A 13 14.29 23.22 28.54
N TRP A 14 13.48 22.54 29.33
CA TRP A 14 12.09 22.33 28.94
C TRP A 14 11.36 23.64 28.75
N GLN A 15 11.63 24.63 29.61
CA GLN A 15 10.89 25.90 29.51
C GLN A 15 11.06 26.52 28.14
N LYS A 16 12.28 26.48 27.59
CA LYS A 16 12.52 27.08 26.29
C LYS A 16 11.56 26.44 25.26
N LEU A 17 11.46 25.13 25.30
CA LEU A 17 10.59 24.44 24.38
C LEU A 17 9.10 24.77 24.65
N LYS A 18 8.71 24.88 25.92
CA LYS A 18 7.35 25.26 26.25
C LYS A 18 7.03 26.62 25.64
N GLU A 19 7.92 27.59 25.81
CA GLU A 19 7.68 28.91 25.25
C GLU A 19 7.66 28.87 23.73
N ALA A 20 8.55 28.09 23.12
CA ALA A 20 8.62 27.96 21.67
C ALA A 20 7.30 27.49 21.11
N VAL A 21 6.77 26.42 21.69
CA VAL A 21 5.51 25.83 21.28
C VAL A 21 4.33 26.81 21.45
N GLU A 22 4.32 27.55 22.56
CA GLU A 22 3.26 28.52 22.79
C GLU A 22 3.30 29.64 21.75
N ALA A 23 4.50 30.07 21.39
CA ALA A 23 4.68 31.03 20.33
C ALA A 23 4.10 30.48 19.04
N ILE A 24 4.41 29.21 18.73
CA ILE A 24 3.90 28.62 17.52
C ILE A 24 2.38 28.61 17.57
N GLN A 25 1.84 28.33 18.75
CA GLN A 25 0.40 28.18 18.89
C GLN A 25 -0.36 29.50 18.79
N ASN A 26 0.24 30.57 19.28
CA ASN A 26 -0.34 31.89 19.18
C ASN A 26 0.17 32.67 17.96
N SER A 27 0.94 32.02 17.10
CA SER A 27 1.47 32.65 15.88
C SER A 27 2.32 33.88 16.13
N THR A 28 3.00 33.95 17.28
CA THR A 28 3.90 35.07 17.58
C THR A 28 5.36 34.67 17.27
N SER A 29 6.36 35.35 17.85
CA SER A 29 7.78 35.12 17.55
C SER A 29 8.34 33.98 18.37
N ILE A 30 9.23 33.21 17.75
CA ILE A 30 10.01 32.23 18.48
C ILE A 30 11.26 32.90 18.94
N LYS A 31 11.32 33.20 20.23
CA LYS A 31 12.36 34.08 20.77
C LYS A 31 13.66 33.37 21.13
N TYR A 32 13.93 32.24 20.51
CA TYR A 32 15.20 31.54 20.63
C TYR A 32 15.69 31.24 19.23
N ASN A 33 16.99 31.12 19.06
CA ASN A 33 17.45 30.64 17.77
C ASN A 33 17.28 29.12 17.69
N LEU A 34 17.00 28.63 16.51
CA LEU A 34 16.49 27.27 16.35
C LEU A 34 17.46 26.20 16.87
N GLU A 35 18.75 26.38 16.60
CA GLU A 35 19.82 25.49 17.10
C GLU A 35 19.67 25.18 18.59
N GLU A 36 19.35 26.20 19.37
CA GLU A 36 19.20 26.07 20.81
C GLU A 36 18.03 25.16 21.16
N LEU A 37 16.96 25.26 20.39
CA LEU A 37 15.80 24.40 20.59
C LEU A 37 16.08 22.94 20.20
N TYR A 38 16.72 22.75 19.05
CA TYR A 38 17.07 21.41 18.60
C TYR A 38 17.95 20.74 19.67
N GLN A 39 18.89 21.49 20.20
CA GLN A 39 19.75 21.02 21.26
C GLN A 39 18.92 20.67 22.50
N ALA A 40 17.98 21.53 22.85
CA ALA A 40 17.14 21.31 24.00
C ALA A 40 16.38 19.97 23.88
N VAL A 41 15.89 19.67 22.68
CA VAL A 41 15.17 18.42 22.46
C VAL A 41 16.11 17.24 22.59
N GLU A 42 17.30 17.39 22.07
CA GLU A 42 18.27 16.30 22.11
C GLU A 42 18.74 16.02 23.53
N ASN A 43 19.03 17.08 24.29
CA ASN A 43 19.43 16.94 25.68
C ASN A 43 18.33 16.26 26.51
N LEU A 44 17.10 16.68 26.31
CA LEU A 44 16.00 16.13 27.09
C LEU A 44 15.76 14.62 26.82
N CYS A 45 16.00 14.16 25.59
CA CYS A 45 15.98 12.73 25.27
C CYS A 45 17.26 12.00 25.66
N SER A 46 18.34 12.71 25.90
CA SER A 46 19.60 12.04 26.18
C SER A 46 19.81 11.84 27.64
N TYR A 47 19.48 12.83 28.44
CA TYR A 47 19.64 12.74 29.88
C TYR A 47 18.35 12.39 30.59
N LYS A 48 17.23 12.67 29.95
CA LYS A 48 15.95 12.27 30.52
C LYS A 48 15.28 11.28 29.57
N ILE A 49 14.09 10.83 29.94
CA ILE A 49 13.37 9.85 29.14
C ILE A 49 12.47 10.46 28.03
N SER A 50 12.69 10.01 26.81
CA SER A 50 11.94 10.39 25.61
C SER A 50 10.45 10.32 25.82
N ALA A 51 9.98 9.21 26.32
CA ALA A 51 8.56 9.03 26.56
C ALA A 51 7.98 10.15 27.43
N ASN A 52 8.74 10.61 28.41
CA ASN A 52 8.27 11.71 29.25
C ASN A 52 8.20 13.01 28.47
N LEU A 53 9.22 13.32 27.67
CA LEU A 53 9.16 14.53 26.86
C LEU A 53 7.97 14.49 25.89
N TYR A 54 7.63 13.30 25.40
CA TYR A 54 6.53 13.14 24.50
C TYR A 54 5.24 13.45 25.25
N LYS A 55 5.12 12.96 26.47
CA LYS A 55 3.88 13.19 27.25
C LYS A 55 3.71 14.65 27.53
N GLN A 56 4.83 15.33 27.79
CA GLN A 56 4.79 16.77 28.07
C GLN A 56 4.31 17.56 26.84
N LEU A 57 4.79 17.19 25.67
CA LEU A 57 4.44 17.85 24.43
C LEU A 57 2.99 17.55 24.10
N ARG A 58 2.60 16.29 24.24
CA ARG A 58 1.19 15.91 24.04
CA ARG A 58 1.19 15.91 24.04
C ARG A 58 0.29 16.79 24.91
N GLN A 59 0.64 16.96 26.18
CA GLN A 59 -0.23 17.74 27.09
C GLN A 59 -0.37 19.17 26.62
N ILE A 60 0.73 19.86 26.29
CA ILE A 60 0.57 21.27 25.88
C ILE A 60 -0.14 21.40 24.50
N CYS A 61 0.01 20.38 23.65
CA CYS A 61 -0.77 20.31 22.43
C CYS A 61 -2.26 20.12 22.76
N GLU A 62 -2.58 19.19 23.66
CA GLU A 62 -3.95 18.96 24.03
C GLU A 62 -4.60 20.23 24.63
N ASP A 63 -3.87 20.93 25.49
CA ASP A 63 -4.44 22.08 26.18
C ASP A 63 -4.92 23.12 25.15
N HIS A 64 -4.10 23.35 24.14
CA HIS A 64 -4.42 24.34 23.17
C HIS A 64 -5.58 23.90 22.27
N ILE A 65 -5.53 22.67 21.77
CA ILE A 65 -6.60 22.17 20.91
C ILE A 65 -7.94 22.20 21.64
N LYS A 66 -8.00 21.70 22.87
CA LYS A 66 -9.23 21.74 23.67
C LYS A 66 -9.84 23.13 23.65
N ALA A 67 -8.98 24.14 23.77
CA ALA A 67 -9.43 25.54 23.81
C ALA A 67 -10.06 26.02 22.49
N GLN A 68 -9.72 25.42 21.37
CA GLN A 68 -10.29 25.85 20.10
C GLN A 68 -11.75 25.37 19.87
N ILE A 69 -12.38 24.67 20.82
CA ILE A 69 -13.76 24.17 20.63
C ILE A 69 -14.76 25.30 20.71
N HIS A 70 -14.43 26.30 21.50
CA HIS A 70 -15.46 27.25 21.95
C HIS A 70 -15.94 28.14 20.85
N GLN A 71 -15.08 28.44 19.89
CA GLN A 71 -15.53 29.23 18.77
C GLN A 71 -16.72 28.59 17.99
N PHE A 72 -16.88 27.27 18.11
CA PHE A 72 -17.95 26.56 17.37
C PHE A 72 -19.27 26.41 18.13
N ARG A 73 -19.44 27.16 19.21
CA ARG A 73 -20.75 27.27 19.87
C ARG A 73 -21.51 28.52 19.45
N GLU A 74 -20.94 29.33 18.55
CA GLU A 74 -21.51 30.63 18.15
C GLU A 74 -22.72 30.51 17.25
N ASP A 75 -23.42 29.37 17.29
CA ASP A 75 -24.56 29.17 16.37
C ASP A 75 -25.74 30.16 16.72
N SER A 76 -26.79 30.30 15.89
CA SER A 76 -27.00 29.58 14.62
C SER A 76 -26.35 30.31 13.44
N LEU A 77 -25.06 30.03 13.26
CA LEU A 77 -24.21 30.72 12.32
C LEU A 77 -24.52 30.10 10.96
N ASP A 78 -24.52 30.94 9.91
CA ASP A 78 -24.57 30.51 8.50
C ASP A 78 -23.71 29.27 8.26
N SER A 79 -24.29 28.30 7.55
CA SER A 79 -23.64 27.04 7.34
C SER A 79 -22.24 27.15 6.67
N VAL A 80 -22.14 27.91 5.57
CA VAL A 80 -20.85 28.08 4.90
C VAL A 80 -19.82 28.78 5.76
N LEU A 81 -20.25 29.79 6.51
CA LEU A 81 -19.34 30.52 7.37
C LEU A 81 -18.82 29.59 8.44
N PHE A 82 -19.66 28.66 8.89
CA PHE A 82 -19.23 27.67 9.87
C PHE A 82 -18.18 26.76 9.30
N LEU A 83 -18.46 26.22 8.10
CA LEU A 83 -17.52 25.34 7.46
C LEU A 83 -16.18 26.03 7.22
N LYS A 84 -16.20 27.28 6.83
CA LYS A 84 -14.95 28.00 6.64
C LYS A 84 -14.18 28.13 7.96
N LYS A 85 -14.91 28.25 9.06
CA LYS A 85 -14.30 28.42 10.37
C LYS A 85 -13.62 27.09 10.76
N ILE A 86 -14.30 25.97 10.55
CA ILE A 86 -13.69 24.68 10.74
C ILE A 86 -12.46 24.47 9.87
N ASP A 87 -12.53 24.85 8.61
CA ASP A 87 -11.37 24.74 7.74
C ASP A 87 -10.19 25.58 8.24
N ARG A 88 -10.45 26.81 8.67
CA ARG A 88 -9.37 27.68 9.15
C ARG A 88 -8.70 27.01 10.37
N CYS A 89 -9.50 26.42 11.22
CA CYS A 89 -9.03 25.82 12.44
C CYS A 89 -8.17 24.61 12.08
N TRP A 90 -8.63 23.86 11.08
CA TRP A 90 -7.86 22.72 10.58
C TRP A 90 -6.53 23.11 9.98
N GLN A 91 -6.51 24.17 9.17
CA GLN A 91 -5.26 24.64 8.60
CA GLN A 91 -5.25 24.64 8.62
C GLN A 91 -4.31 25.07 9.73
N ASN A 92 -4.80 25.83 10.69
CA ASN A 92 -3.91 26.31 11.75
C ASN A 92 -3.32 25.15 12.52
N HIS A 93 -4.17 24.21 12.86
CA HIS A 93 -3.69 23.04 13.53
C HIS A 93 -2.59 22.39 12.76
N CYS A 94 -2.81 22.17 11.47
CA CYS A 94 -1.82 21.44 10.65
C CYS A 94 -0.50 22.19 10.63
N ARG A 95 -0.63 23.48 10.46
CA ARG A 95 0.52 24.33 10.35
C ARG A 95 1.35 24.27 11.59
N GLN A 96 0.66 24.35 12.71
CA GLN A 96 1.32 24.35 14.02
C GLN A 96 2.00 22.99 14.28
N MET A 97 1.30 21.92 13.95
CA MET A 97 1.83 20.61 14.19
C MET A 97 3.04 20.30 13.29
N ILE A 98 3.06 20.84 12.07
CA ILE A 98 4.18 20.56 11.15
C ILE A 98 5.38 21.24 11.74
N MET A 99 5.17 22.42 12.31
CA MET A 99 6.29 23.19 12.84
C MET A 99 6.81 22.60 14.14
N ILE A 100 5.90 22.12 14.99
CA ILE A 100 6.27 21.42 16.23
C ILE A 100 7.03 20.15 15.85
N ARG A 101 6.54 19.45 14.87
CA ARG A 101 7.23 18.27 14.37
C ARG A 101 8.68 18.54 13.91
N SER A 102 8.93 19.72 13.38
CA SER A 102 10.29 20.06 12.94
C SER A 102 11.22 20.21 14.12
N ILE A 103 10.76 20.88 15.15
CA ILE A 103 11.59 21.13 16.32
C ILE A 103 11.87 19.82 17.04
N PHE A 104 10.86 18.97 17.12
CA PHE A 104 10.97 17.73 17.86
C PHE A 104 11.31 16.54 16.96
N LEU A 105 11.85 16.80 15.78
CA LEU A 105 12.16 15.71 14.86
C LEU A 105 12.97 14.61 15.54
N PHE A 106 13.93 14.99 16.38
CA PHE A 106 14.75 13.97 17.06
C PHE A 106 13.88 13.00 17.86
N LEU A 107 12.83 13.53 18.49
CA LEU A 107 11.98 12.71 19.31
C LEU A 107 11.20 11.73 18.46
N ASP A 108 10.64 12.21 17.37
CA ASP A 108 10.00 11.33 16.38
C ASP A 108 10.89 10.22 15.87
N ARG A 109 12.17 10.51 15.63
CA ARG A 109 13.06 9.58 14.90
C ARG A 109 13.81 8.62 15.83
N THR A 110 13.77 8.90 17.11
CA THR A 110 14.56 8.16 18.10
C THR A 110 14.36 6.62 18.02
N TYR A 111 15.50 5.93 18.13
CA TYR A 111 15.71 4.48 18.00
C TYR A 111 15.01 3.73 19.13
N VAL A 112 15.10 4.31 20.33
CA VAL A 112 14.48 3.83 21.55
C VAL A 112 12.97 3.72 21.44
N LEU A 113 12.34 4.64 20.71
CA LEU A 113 10.88 4.65 20.40
C LEU A 113 10.49 4.03 19.04
N GLN A 114 11.46 3.33 18.42
CA GLN A 114 11.22 2.61 17.14
C GLN A 114 10.06 1.68 17.47
N ASN A 115 10.35 0.80 18.41
CA ASN A 115 9.41 -0.18 18.93
C ASN A 115 8.18 0.31 19.75
N SER A 116 8.21 1.56 20.16
CA SER A 116 7.07 2.18 20.80
C SER A 116 5.80 2.06 19.97
N MET A 117 4.68 1.93 20.68
CA MET A 117 3.37 1.94 20.03
C MET A 117 2.78 3.36 20.03
N LEU A 118 3.55 4.34 20.50
CA LEU A 118 3.08 5.70 20.56
C LEU A 118 2.99 6.25 19.16
N PRO A 119 1.89 6.90 18.83
CA PRO A 119 1.83 7.54 17.52
C PRO A 119 2.91 8.60 17.32
N SER A 120 3.32 8.77 16.05
CA SER A 120 4.19 9.86 15.63
C SER A 120 3.60 11.19 16.10
N ILE A 121 4.43 12.23 16.15
CA ILE A 121 3.97 13.53 16.59
C ILE A 121 2.78 13.99 15.75
N TRP A 122 2.89 13.81 14.44
CA TRP A 122 1.85 14.21 13.54
C TRP A 122 0.58 13.50 13.84
N ASP A 123 0.64 12.20 14.00
CA ASP A 123 -0.54 11.37 14.24
C ASP A 123 -1.13 11.66 15.61
N MET A 124 -0.27 11.99 16.55
CA MET A 124 -0.72 12.42 17.88
C MET A 124 -1.62 13.65 17.76
N GLY A 125 -1.16 14.64 17.00
CA GLY A 125 -1.96 15.79 16.65
C GLY A 125 -3.31 15.47 16.01
N LEU A 126 -3.33 14.53 15.05
CA LEU A 126 -4.61 14.11 14.48
C LEU A 126 -5.54 13.50 15.54
N GLU A 127 -5.03 12.64 16.44
CA GLU A 127 -5.90 12.05 17.47
C GLU A 127 -6.54 13.16 18.30
N LEU A 128 -5.74 14.16 18.66
CA LEU A 128 -6.21 15.21 19.51
C LEU A 128 -7.26 16.02 18.80
N PHE A 129 -7.00 16.36 17.53
CA PHE A 129 -7.98 17.14 16.80
C PHE A 129 -9.30 16.36 16.66
N ARG A 130 -9.20 15.08 16.30
CA ARG A 130 -10.37 14.22 16.22
C ARG A 130 -11.10 14.19 17.56
N ALA A 131 -10.37 13.97 18.65
CA ALA A 131 -11.00 13.72 19.95
C ALA A 131 -11.72 14.98 20.48
N HIS A 132 -11.12 16.14 20.26
CA HIS A 132 -11.58 17.37 20.85
C HIS A 132 -12.37 18.30 19.99
N ILE A 133 -12.22 18.25 18.68
CA ILE A 133 -12.96 19.18 17.81
C ILE A 133 -13.98 18.44 17.00
N ILE A 134 -13.53 17.64 16.03
CA ILE A 134 -14.45 17.02 15.09
C ILE A 134 -15.31 15.92 15.70
N SER A 135 -14.91 15.30 16.81
CA SER A 135 -15.73 14.24 17.40
C SER A 135 -16.90 14.75 18.20
N ASP A 136 -16.83 15.99 18.64
CA ASP A 136 -17.94 16.62 19.37
C ASP A 136 -19.23 16.51 18.55
N GLN A 137 -20.30 16.06 19.18
CA GLN A 137 -21.49 15.69 18.41
C GLN A 137 -22.08 16.91 17.64
N LYS A 138 -22.14 18.05 18.32
CA LYS A 138 -22.70 19.25 17.72
C LYS A 138 -21.81 19.71 16.57
N VAL A 139 -20.51 19.86 16.80
CA VAL A 139 -19.64 20.22 15.70
C VAL A 139 -19.66 19.22 14.53
N GLN A 140 -19.72 17.94 14.80
CA GLN A 140 -19.66 16.97 13.70
C GLN A 140 -20.93 17.02 12.89
N ASN A 141 -22.06 16.94 13.57
CA ASN A 141 -23.34 17.06 12.88
C ASN A 141 -23.45 18.34 12.02
N LYS A 142 -22.98 19.47 12.52
CA LYS A 142 -23.07 20.71 11.75
C LYS A 142 -22.11 20.67 10.57
N THR A 143 -20.90 20.14 10.77
CA THR A 143 -19.92 20.03 9.69
C THR A 143 -20.46 19.14 8.58
N ILE A 144 -20.91 17.94 8.95
CA ILE A 144 -21.37 16.99 7.96
C ILE A 144 -22.63 17.52 7.28
N ASP A 145 -23.56 18.08 8.04
CA ASP A 145 -24.81 18.60 7.47
C ASP A 145 -24.48 19.65 6.43
N GLY A 146 -23.48 20.45 6.70
CA GLY A 146 -23.13 21.54 5.79
C GLY A 146 -22.48 21.03 4.52
N ILE A 147 -21.59 20.04 4.66
CA ILE A 147 -20.97 19.41 3.53
C ILE A 147 -22.06 18.80 2.64
N LEU A 148 -23.01 18.07 3.22
CA LEU A 148 -24.05 17.39 2.45
C LEU A 148 -24.94 18.38 1.77
N LEU A 149 -25.18 19.49 2.44
CA LEU A 149 -26.01 20.55 1.85
C LEU A 149 -25.34 21.20 0.64
N LEU A 150 -24.00 21.34 0.68
CA LEU A 150 -23.31 21.95 -0.43
C LEU A 150 -23.43 21.03 -1.64
N ILE A 151 -23.26 19.74 -1.42
CA ILE A 151 -23.37 18.76 -2.50
C ILE A 151 -24.80 18.82 -3.07
N GLU A 152 -25.78 18.84 -2.21
CA GLU A 152 -27.15 18.89 -2.67
C GLU A 152 -27.39 20.13 -3.51
N ARG A 153 -26.92 21.25 -3.03
CA ARG A 153 -27.04 22.48 -3.79
C ARG A 153 -26.40 22.35 -5.17
N GLU A 154 -25.24 21.70 -5.24
CA GLU A 154 -24.52 21.58 -6.50
C GLU A 154 -25.33 20.72 -7.45
N ARG A 155 -25.90 19.66 -6.91
CA ARG A 155 -26.68 18.77 -7.73
C ARG A 155 -27.89 19.49 -8.25
N ASN A 156 -28.37 20.52 -7.53
CA ASN A 156 -29.53 21.31 -7.97
C ASN A 156 -29.19 22.48 -8.85
N GLY A 157 -27.93 22.61 -9.25
CA GLY A 157 -27.55 23.67 -10.20
C GLY A 157 -26.91 24.91 -9.61
N GLU A 158 -26.72 24.95 -8.30
CA GLU A 158 -26.02 26.09 -7.68
C GLU A 158 -24.51 25.96 -7.76
N ALA A 159 -23.81 27.08 -7.77
CA ALA A 159 -22.35 27.11 -7.77
C ALA A 159 -21.88 27.14 -6.29
N ILE A 160 -21.01 26.19 -5.93
CA ILE A 160 -20.41 26.13 -4.60
C ILE A 160 -18.88 26.19 -4.65
N ASP A 161 -18.25 26.29 -3.49
CA ASP A 161 -16.80 26.27 -3.36
C ASP A 161 -16.26 24.84 -3.25
N ARG A 162 -15.89 24.27 -4.38
CA ARG A 162 -15.49 22.88 -4.45
C ARG A 162 -14.19 22.71 -3.70
N SER A 163 -13.38 23.74 -3.78
CA SER A 163 -12.14 23.76 -3.08
C SER A 163 -12.34 23.65 -1.54
N LEU A 164 -13.31 24.37 -1.00
CA LEU A 164 -13.62 24.22 0.42
C LEU A 164 -14.04 22.78 0.71
N LEU A 165 -14.88 22.24 -0.16
CA LEU A 165 -15.37 20.89 0.03
C LEU A 165 -14.22 19.85 -0.07
N ARG A 166 -13.28 20.05 -0.99
CA ARG A 166 -12.15 19.14 -1.15
CA ARG A 166 -12.15 19.14 -1.15
C ARG A 166 -11.34 19.17 0.15
N SER A 167 -11.09 20.36 0.67
CA SER A 167 -10.27 20.52 1.88
C SER A 167 -10.88 19.87 3.11
N LEU A 168 -12.17 20.01 3.27
CA LEU A 168 -12.87 19.41 4.40
C LEU A 168 -12.95 17.92 4.29
N LEU A 169 -13.27 17.40 3.12
CA LEU A 169 -13.38 15.95 2.98
C LEU A 169 -11.98 15.30 3.11
N SER A 170 -10.97 16.05 2.75
CA SER A 170 -9.60 15.56 2.84
C SER A 170 -9.20 15.49 4.32
N MET A 171 -9.62 16.49 5.10
CA MET A 171 -9.44 16.48 6.55
C MET A 171 -10.10 15.24 7.12
N LEU A 172 -11.33 14.97 6.72
CA LEU A 172 -12.00 13.82 7.21
C LEU A 172 -11.19 12.56 6.92
N SER A 173 -10.51 12.49 5.76
CA SER A 173 -9.70 11.32 5.45
C SER A 173 -8.47 11.26 6.33
N ASP A 174 -7.78 12.38 6.49
CA ASP A 174 -6.62 12.38 7.35
C ASP A 174 -7.02 11.93 8.78
N LEU A 175 -8.18 12.35 9.28
CA LEU A 175 -8.64 11.96 10.59
C LEU A 175 -9.26 10.55 10.58
N GLN A 176 -9.25 9.89 9.43
CA GLN A 176 -9.74 8.53 9.30
C GLN A 176 -11.21 8.33 9.71
N ILE A 177 -12.03 9.35 9.53
CA ILE A 177 -13.45 9.25 9.84
C ILE A 177 -14.35 9.58 8.63
N TYR A 178 -13.77 9.55 7.43
CA TYR A 178 -14.51 9.79 6.18
C TYR A 178 -15.57 8.73 5.97
N GLN A 179 -15.20 7.47 6.18
CA GLN A 179 -16.14 6.35 5.98
C GLN A 179 -17.29 6.47 7.00
N ASP A 180 -16.96 6.64 8.27
CA ASP A 180 -17.96 6.65 9.33
C ASP A 180 -18.90 7.85 9.21
N SER A 181 -18.37 9.04 9.35
CA SER A 181 -19.16 10.24 9.49
C SER A 181 -19.90 10.64 8.22
N PHE A 182 -19.16 10.70 7.13
CA PHE A 182 -19.64 11.29 5.89
C PHE A 182 -20.20 10.29 4.87
N GLU A 183 -19.46 9.23 4.59
CA GLU A 183 -19.73 8.46 3.40
C GLU A 183 -21.10 7.76 3.41
N GLN A 184 -21.49 7.18 4.54
CA GLN A 184 -22.73 6.42 4.62
C GLN A 184 -23.92 7.37 4.44
N ARG A 185 -23.87 8.54 5.08
CA ARG A 185 -24.91 9.54 4.90
C ARG A 185 -24.93 10.06 3.47
N PHE A 186 -23.75 10.28 2.91
CA PHE A 186 -23.66 10.77 1.54
C PHE A 186 -24.28 9.79 0.53
N LEU A 187 -24.01 8.49 0.69
CA LEU A 187 -24.62 7.49 -0.15
C LEU A 187 -26.11 7.37 0.16
N GLU A 188 -26.52 7.47 1.43
CA GLU A 188 -27.95 7.52 1.77
C GLU A 188 -28.62 8.68 1.01
N GLU A 189 -28.04 9.87 1.07
CA GLU A 189 -28.70 11.04 0.51
C GLU A 189 -28.73 10.94 -1.00
N THR A 190 -27.65 10.45 -1.59
CA THR A 190 -27.57 10.25 -3.04
C THR A 190 -28.63 9.24 -3.46
N ASN A 191 -28.76 8.17 -2.70
CA ASN A 191 -29.80 7.16 -3.00
C ASN A 191 -31.19 7.77 -2.99
N ARG A 192 -31.48 8.57 -1.99
CA ARG A 192 -32.80 9.17 -1.85
C ARG A 192 -33.07 10.13 -3.01
N LEU A 193 -32.08 11.00 -3.32
CA LEU A 193 -32.28 12.05 -4.30
C LEU A 193 -32.52 11.43 -5.68
N TYR A 194 -31.64 10.51 -6.09
CA TYR A 194 -31.76 9.93 -7.43
C TYR A 194 -32.95 8.93 -7.54
N ALA A 195 -33.38 8.31 -6.44
CA ALA A 195 -34.59 7.47 -6.48
C ALA A 195 -35.74 8.36 -6.89
N ALA A 196 -35.85 9.50 -6.22
CA ALA A 196 -36.92 10.47 -6.48
C ALA A 196 -36.79 11.08 -7.89
N GLU A 197 -35.57 11.45 -8.30
CA GLU A 197 -35.33 12.06 -9.60
C GLU A 197 -35.69 11.09 -10.73
N GLY A 198 -35.27 9.85 -10.59
CA GLY A 198 -35.64 8.80 -11.54
C GLY A 198 -37.16 8.70 -11.77
N GLN A 199 -37.92 8.64 -10.68
CA GLN A 199 -39.36 8.47 -10.79
C GLN A 199 -40.06 9.70 -11.35
N LYS A 200 -39.54 10.87 -11.00
CA LYS A 200 -40.11 12.14 -11.40
C LYS A 200 -39.84 12.40 -12.86
N LEU A 201 -38.59 12.22 -13.30
CA LEU A 201 -38.25 12.58 -14.66
C LEU A 201 -38.75 11.55 -15.69
N MET A 202 -39.01 10.35 -15.23
CA MET A 202 -39.48 9.31 -16.08
C MET A 202 -40.99 9.53 -16.42
N GLN A 203 -41.69 10.34 -15.62
CA GLN A 203 -43.02 10.83 -15.97
C GLN A 203 -42.95 12.11 -16.78
N GLU A 204 -42.03 13.00 -16.47
CA GLU A 204 -41.99 14.31 -17.10
C GLU A 204 -41.37 14.34 -18.48
N ARG A 205 -40.51 13.39 -18.79
CA ARG A 205 -39.73 13.46 -20.01
C ARG A 205 -39.83 12.21 -20.87
N GLU A 206 -39.73 12.38 -22.18
CA GLU A 206 -39.74 11.26 -23.10
C GLU A 206 -38.42 10.52 -22.96
N VAL A 207 -38.37 9.30 -23.46
CA VAL A 207 -37.21 8.46 -23.24
C VAL A 207 -35.91 9.14 -23.75
N PRO A 208 -35.90 9.68 -24.96
CA PRO A 208 -34.65 10.28 -25.46
C PRO A 208 -34.08 11.36 -24.53
N GLU A 209 -34.95 12.25 -24.08
CA GLU A 209 -34.55 13.29 -23.13
C GLU A 209 -34.16 12.71 -21.78
N TYR A 210 -34.77 11.62 -21.38
CA TYR A 210 -34.43 11.03 -20.10
C TYR A 210 -33.02 10.42 -20.16
N LEU A 211 -32.74 9.69 -21.22
CA LEU A 211 -31.47 9.01 -21.38
C LEU A 211 -30.36 10.06 -21.49
N HIS A 212 -30.60 11.12 -22.22
CA HIS A 212 -29.62 12.17 -22.30
C HIS A 212 -29.33 12.70 -20.93
N HIS A 213 -30.38 12.87 -20.12
CA HIS A 213 -30.24 13.36 -18.74
C HIS A 213 -29.48 12.40 -17.87
N VAL A 214 -29.77 11.11 -18.01
CA VAL A 214 -29.10 10.16 -17.16
C VAL A 214 -27.63 10.23 -17.48
N ASN A 215 -27.29 10.35 -18.78
CA ASN A 215 -25.91 10.38 -19.18
C ASN A 215 -25.23 11.56 -18.56
N LYS A 216 -25.90 12.71 -18.53
CA LYS A 216 -25.31 13.89 -17.91
C LYS A 216 -25.00 13.67 -16.41
N ARG A 217 -25.95 13.06 -15.70
CA ARG A 217 -25.76 12.84 -14.32
C ARG A 217 -24.59 11.91 -14.01
N LEU A 218 -24.37 10.91 -14.83
CA LEU A 218 -23.30 9.97 -14.62
C LEU A 218 -21.97 10.71 -14.87
N GLU A 219 -21.97 11.60 -15.86
CA GLU A 219 -20.73 12.35 -16.14
C GLU A 219 -20.46 13.34 -15.01
N GLU A 220 -21.55 13.88 -14.44
CA GLU A 220 -21.44 14.87 -13.37
C GLU A 220 -20.87 14.20 -12.15
N GLU A 221 -21.42 13.04 -11.81
CA GLU A 221 -21.02 12.41 -10.59
C GLU A 221 -19.60 11.94 -10.69
N ALA A 222 -19.20 11.44 -11.85
CA ALA A 222 -17.73 11.20 -12.13
C ALA A 222 -16.93 12.43 -11.79
N ASP A 223 -17.39 13.57 -12.25
CA ASP A 223 -16.66 14.85 -12.01
C ASP A 223 -16.59 15.22 -10.51
N ARG A 224 -17.66 15.00 -9.77
CA ARG A 224 -17.69 15.24 -8.33
C ARG A 224 -16.65 14.35 -7.67
N LEU A 225 -16.59 13.11 -8.11
CA LEU A 225 -15.72 12.10 -7.56
C LEU A 225 -14.25 12.47 -7.74
N ILE A 226 -13.88 12.79 -8.97
CA ILE A 226 -12.57 13.31 -9.32
C ILE A 226 -12.23 14.59 -8.58
N THR A 227 -13.18 15.50 -8.47
CA THR A 227 -12.88 16.83 -7.96
C THR A 227 -12.84 16.95 -6.44
N TYR A 228 -13.69 16.26 -5.70
CA TYR A 228 -13.65 16.44 -4.24
C TYR A 228 -13.94 15.24 -3.37
N LEU A 229 -14.41 14.13 -3.91
CA LEU A 229 -14.71 13.00 -3.06
C LEU A 229 -13.47 12.10 -3.04
N ASP A 230 -13.47 11.14 -2.12
CA ASP A 230 -12.39 10.17 -2.06
C ASP A 230 -12.62 9.08 -3.07
N GLN A 231 -11.54 8.55 -3.64
CA GLN A 231 -11.68 7.46 -4.57
C GLN A 231 -12.42 6.26 -3.98
N THR A 232 -12.28 5.98 -2.68
CA THR A 232 -12.99 4.81 -2.13
C THR A 232 -14.51 4.91 -2.28
N THR A 233 -15.03 6.07 -2.68
CA THR A 233 -16.47 6.27 -2.83
C THR A 233 -16.94 5.96 -4.25
N GLN A 234 -15.99 5.74 -5.16
CA GLN A 234 -16.33 5.64 -6.57
C GLN A 234 -17.32 4.53 -6.95
N LYS A 235 -17.04 3.29 -6.59
CA LYS A 235 -17.93 2.18 -6.96
C LYS A 235 -19.35 2.39 -6.43
N SER A 236 -19.45 2.61 -5.13
CA SER A 236 -20.72 2.82 -4.45
C SER A 236 -21.53 3.91 -5.06
N LEU A 237 -20.88 5.05 -5.31
CA LEU A 237 -21.57 6.22 -5.81
C LEU A 237 -22.14 5.93 -7.21
N ILE A 238 -21.29 5.51 -8.15
CA ILE A 238 -21.75 5.25 -9.52
C ILE A 238 -22.81 4.15 -9.51
N ALA A 239 -22.60 3.11 -8.75
CA ALA A 239 -23.59 2.03 -8.66
C ALA A 239 -24.96 2.59 -8.24
N THR A 240 -24.97 3.55 -7.30
CA THR A 240 -26.19 4.09 -6.80
C THR A 240 -26.86 4.89 -7.90
N VAL A 241 -26.11 5.76 -8.57
CA VAL A 241 -26.73 6.56 -9.62
C VAL A 241 -27.23 5.61 -10.71
N GLU A 242 -26.42 4.63 -11.10
CA GLU A 242 -26.83 3.67 -12.13
C GLU A 242 -28.13 2.97 -11.73
N LYS A 243 -28.21 2.55 -10.47
CA LYS A 243 -29.32 1.73 -9.99
C LYS A 243 -30.60 2.55 -10.00
N GLN A 244 -30.54 3.78 -9.50
CA GLN A 244 -31.75 4.56 -9.33
C GLN A 244 -32.23 5.22 -10.62
N LEU A 245 -31.33 5.63 -11.50
CA LEU A 245 -31.76 6.23 -12.76
C LEU A 245 -31.99 5.21 -13.89
N LEU A 246 -31.30 4.07 -13.89
CA LEU A 246 -31.46 3.06 -14.94
C LEU A 246 -32.00 1.74 -14.42
N GLY A 247 -31.33 1.14 -13.45
CA GLY A 247 -31.70 -0.20 -12.97
C GLY A 247 -33.17 -0.36 -12.60
N GLU A 248 -33.71 0.64 -11.89
CA GLU A 248 -35.10 0.61 -11.43
C GLU A 248 -36.07 0.85 -12.57
N HIS A 249 -35.59 1.26 -13.74
CA HIS A 249 -36.49 1.67 -14.83
C HIS A 249 -36.25 0.99 -16.15
N LEU A 250 -35.39 -0.03 -16.19
CA LEU A 250 -34.99 -0.68 -17.47
C LEU A 250 -36.24 -1.09 -18.26
N THR A 251 -37.16 -1.85 -17.63
CA THR A 251 -38.33 -2.29 -18.34
C THR A 251 -39.22 -1.13 -18.75
N ALA A 252 -39.38 -0.16 -17.85
CA ALA A 252 -40.30 0.94 -18.07
C ALA A 252 -39.81 1.79 -19.25
N ILE A 253 -38.50 2.00 -19.32
CA ILE A 253 -37.92 2.78 -20.37
C ILE A 253 -38.21 2.12 -21.69
N LEU A 254 -38.02 0.81 -21.77
CA LEU A 254 -38.19 0.10 -23.03
C LEU A 254 -39.66 0.08 -23.46
N GLN A 255 -40.54 -0.18 -22.50
CA GLN A 255 -41.98 -0.17 -22.73
C GLN A 255 -42.51 1.19 -23.20
N LYS A 256 -41.97 2.27 -22.68
CA LYS A 256 -42.42 3.63 -23.06
C LYS A 256 -41.84 4.06 -24.41
N GLY A 257 -40.59 3.71 -24.69
CA GLY A 257 -39.84 4.37 -25.78
C GLY A 257 -39.15 3.55 -26.85
N LEU A 258 -38.97 2.25 -26.63
CA LEU A 258 -38.19 1.44 -27.59
C LEU A 258 -38.83 1.31 -28.94
N ASN A 259 -40.14 1.09 -28.97
CA ASN A 259 -40.85 1.00 -30.26
C ASN A 259 -40.67 2.29 -31.05
N ASN A 260 -40.78 3.42 -30.39
CA ASN A 260 -40.63 4.70 -31.08
CA ASN A 260 -40.65 4.69 -31.06
C ASN A 260 -39.23 4.87 -31.58
N LEU A 261 -38.23 4.55 -30.76
CA LEU A 261 -36.85 4.72 -31.18
C LEU A 261 -36.58 3.87 -32.40
N LEU A 262 -37.07 2.64 -32.40
CA LEU A 262 -36.87 1.77 -33.55
C LEU A 262 -37.75 2.16 -34.77
N ASP A 263 -39.03 2.48 -34.56
CA ASP A 263 -39.89 2.83 -35.69
C ASP A 263 -39.32 4.04 -36.42
N GLU A 264 -38.90 5.03 -35.64
CA GLU A 264 -38.46 6.34 -36.13
C GLU A 264 -36.98 6.31 -36.50
N ASN A 265 -36.33 5.17 -36.30
CA ASN A 265 -34.93 4.96 -36.71
C ASN A 265 -33.95 5.91 -36.05
N ARG A 266 -34.10 6.10 -34.74
CA ARG A 266 -33.31 7.09 -33.99
C ARG A 266 -31.96 6.54 -33.53
N ILE A 267 -30.98 6.57 -34.43
CA ILE A 267 -29.71 5.86 -34.29
C ILE A 267 -28.87 6.38 -33.13
N GLN A 268 -28.69 7.69 -33.06
CA GLN A 268 -27.97 8.30 -31.96
C GLN A 268 -28.51 7.85 -30.61
N ASP A 269 -29.83 7.92 -30.46
CA ASP A 269 -30.46 7.60 -29.18
C ASP A 269 -30.33 6.12 -28.90
N LEU A 270 -30.50 5.30 -29.93
CA LEU A 270 -30.32 3.85 -29.78
C LEU A 270 -28.87 3.55 -29.34
N SER A 271 -27.87 4.25 -29.89
CA SER A 271 -26.49 4.03 -29.43
C SER A 271 -26.34 4.34 -27.96
N LEU A 272 -26.88 5.49 -27.54
CA LEU A 272 -26.83 5.91 -26.14
C LEU A 272 -27.55 4.92 -25.26
N LEU A 273 -28.74 4.48 -25.69
CA LEU A 273 -29.49 3.48 -24.95
C LEU A 273 -28.60 2.24 -24.70
N TYR A 274 -27.94 1.74 -25.73
CA TYR A 274 -27.15 0.56 -25.57
C TYR A 274 -25.97 0.84 -24.61
N GLN A 275 -25.31 2.00 -24.75
CA GLN A 275 -24.18 2.35 -23.85
C GLN A 275 -24.62 2.40 -22.39
N LEU A 276 -25.73 3.06 -22.12
CA LEU A 276 -26.25 3.15 -20.77
C LEU A 276 -26.71 1.80 -20.19
N PHE A 277 -27.43 1.01 -20.98
CA PHE A 277 -27.92 -0.26 -20.47
C PHE A 277 -26.76 -1.23 -20.24
N SER A 278 -25.70 -1.06 -21.01
CA SER A 278 -24.49 -1.86 -20.83
C SER A 278 -23.87 -1.69 -19.48
N ARG A 279 -24.23 -0.61 -18.77
CA ARG A 279 -23.61 -0.33 -17.46
C ARG A 279 -24.23 -1.06 -16.32
N VAL A 280 -25.36 -1.72 -16.57
CA VAL A 280 -26.18 -2.27 -15.50
C VAL A 280 -26.43 -3.76 -15.66
N ARG A 281 -26.33 -4.52 -14.57
CA ARG A 281 -26.67 -5.94 -14.57
C ARG A 281 -28.09 -6.08 -15.15
N GLY A 282 -28.21 -6.99 -16.10
CA GLY A 282 -29.47 -7.25 -16.79
C GLY A 282 -29.84 -6.32 -17.94
N GLY A 283 -29.08 -5.26 -18.13
CA GLY A 283 -29.47 -4.22 -19.08
C GLY A 283 -29.56 -4.68 -20.52
N VAL A 284 -28.47 -5.24 -21.02
CA VAL A 284 -28.43 -5.72 -22.39
C VAL A 284 -29.38 -6.91 -22.55
N GLN A 285 -29.56 -7.69 -21.48
CA GLN A 285 -30.45 -8.85 -21.55
C GLN A 285 -31.91 -8.44 -21.75
N VAL A 286 -32.35 -7.45 -20.99
CA VAL A 286 -33.71 -6.94 -21.09
C VAL A 286 -33.88 -6.27 -22.47
N LEU A 287 -32.89 -5.48 -22.90
CA LEU A 287 -32.92 -4.89 -24.26
C LEU A 287 -33.01 -5.95 -25.36
N LEU A 288 -32.24 -7.03 -25.20
CA LEU A 288 -32.23 -8.10 -26.17
C LEU A 288 -33.61 -8.76 -26.31
N GLN A 289 -34.28 -8.96 -25.18
CA GLN A 289 -35.60 -9.63 -25.15
C GLN A 289 -36.65 -8.76 -25.85
N GLN A 290 -36.59 -7.46 -25.64
CA GLN A 290 -37.57 -6.58 -26.29
C GLN A 290 -37.30 -6.42 -27.78
N TRP A 291 -36.04 -6.55 -28.13
CA TRP A 291 -35.58 -6.51 -29.53
C TRP A 291 -36.15 -7.67 -30.28
N ILE A 292 -36.05 -8.86 -29.69
CA ILE A 292 -36.70 -10.04 -30.26
C ILE A 292 -38.20 -9.82 -30.44
N GLU A 293 -38.82 -9.13 -29.49
CA GLU A 293 -40.27 -8.95 -29.53
C GLU A 293 -40.66 -8.04 -30.67
N TYR A 294 -39.91 -6.94 -30.81
CA TYR A 294 -40.14 -5.97 -31.83
C TYR A 294 -40.05 -6.62 -33.18
N ILE A 295 -38.99 -7.41 -33.38
CA ILE A 295 -38.70 -7.98 -34.69
C ILE A 295 -39.76 -9.02 -35.07
N LYS A 296 -40.15 -9.86 -34.12
CA LYS A 296 -41.29 -10.77 -34.34
C LYS A 296 -42.56 -10.01 -34.69
N ALA A 297 -42.87 -8.97 -33.93
CA ALA A 297 -44.11 -8.20 -34.12
C ALA A 297 -44.14 -7.47 -35.44
N PHE A 298 -43.08 -6.75 -35.75
CA PHE A 298 -43.02 -5.95 -36.96
C PHE A 298 -42.99 -6.85 -38.17
N GLY A 299 -42.22 -7.94 -38.07
CA GLY A 299 -42.15 -8.96 -39.12
C GLY A 299 -43.48 -9.66 -39.37
N SER A 300 -44.20 -9.97 -38.29
CA SER A 300 -45.55 -10.56 -38.41
C SER A 300 -46.52 -9.59 -39.12
N THR A 301 -46.38 -8.28 -38.88
CA THR A 301 -47.18 -7.28 -39.63
C THR A 301 -46.73 -7.14 -41.09
N ILE A 302 -45.46 -7.38 -41.36
CA ILE A 302 -44.90 -7.24 -42.71
C ILE A 302 -45.29 -8.40 -43.64
N VAL A 303 -45.84 -9.53 -43.12
CA VAL A 303 -46.50 -10.64 -43.89
C VAL A 303 -48.04 -10.73 -43.85
N ILE A 304 -48.67 -10.38 -42.73
CA ILE A 304 -50.14 -10.40 -42.62
C ILE A 304 -50.75 -9.12 -43.19
N ASN A 305 -50.13 -7.96 -42.93
CA ASN A 305 -50.61 -6.66 -43.41
C ASN A 305 -49.64 -5.92 -44.40
N PRO A 306 -49.55 -6.39 -45.67
CA PRO A 306 -48.63 -5.76 -46.67
C PRO A 306 -48.89 -4.27 -46.98
N GLU A 307 -47.88 -3.54 -47.44
CA GLU A 307 -48.07 -2.21 -48.06
C GLU A 307 -48.43 -2.41 -49.56
N LYS A 308 -49.25 -1.52 -50.12
CA LYS A 308 -49.59 -1.54 -51.55
C LYS A 308 -48.39 -1.09 -52.42
N ASP A 309 -47.58 -0.17 -51.90
CA ASP A 309 -46.47 0.46 -52.65
C ASP A 309 -45.39 -0.52 -53.17
N LYS A 310 -44.95 -1.42 -52.29
CA LYS A 310 -43.89 -2.39 -52.60
C LYS A 310 -44.51 -3.78 -52.77
N THR A 311 -43.78 -4.70 -53.41
CA THR A 311 -44.01 -6.13 -53.17
C THR A 311 -43.53 -6.32 -51.74
N MET A 312 -43.89 -7.43 -51.12
CA MET A 312 -43.46 -7.63 -49.73
C MET A 312 -42.03 -8.09 -49.54
N ARG A 313 -41.40 -8.67 -50.57
CA ARG A 313 -39.98 -8.94 -50.55
C ARG A 313 -39.20 -7.62 -50.28
N GLN A 314 -39.56 -6.56 -51.00
CA GLN A 314 -38.95 -5.24 -50.80
C GLN A 314 -39.15 -4.70 -49.37
N GLU A 315 -40.32 -4.97 -48.82
CA GLU A 315 -40.63 -4.45 -47.50
C GLU A 315 -39.77 -5.19 -46.48
N LEU A 316 -39.58 -6.49 -46.71
CA LEU A 316 -38.70 -7.31 -45.85
C LEU A 316 -37.23 -6.88 -45.97
N ASP A 317 -36.75 -6.66 -47.19
CA ASP A 317 -35.39 -6.19 -47.40
C ASP A 317 -35.14 -4.86 -46.72
N ASP A 318 -36.08 -3.93 -46.81
CA ASP A 318 -35.96 -2.62 -46.17
C ASP A 318 -35.83 -2.74 -44.67
N PHE A 319 -36.65 -3.61 -44.10
CA PHE A 319 -36.60 -3.89 -42.68
C PHE A 319 -35.28 -4.57 -42.27
N LYS A 320 -34.87 -5.61 -43.00
CA LYS A 320 -33.59 -6.26 -42.75
C LYS A 320 -32.46 -5.25 -42.79
N ASP A 321 -32.45 -4.34 -43.78
CA ASP A 321 -31.38 -3.35 -43.91
C ASP A 321 -31.36 -2.41 -42.71
N LYS A 322 -32.54 -1.99 -42.29
CA LYS A 322 -32.66 -1.08 -41.17
C LYS A 322 -32.14 -1.73 -39.90
N VAL A 323 -32.55 -2.95 -39.70
CA VAL A 323 -32.25 -3.69 -38.50
C VAL A 323 -30.75 -4.07 -38.47
N ASP A 324 -30.19 -4.53 -39.60
CA ASP A 324 -28.73 -4.78 -39.70
C ASP A 324 -27.91 -3.57 -39.33
N HIS A 325 -28.35 -2.41 -39.80
CA HIS A 325 -27.64 -1.17 -39.56
C HIS A 325 -27.64 -0.75 -38.11
N ILE A 326 -28.76 -0.96 -37.44
CA ILE A 326 -28.86 -0.68 -36.02
C ILE A 326 -27.95 -1.60 -35.24
N ILE A 327 -27.96 -2.88 -35.55
CA ILE A 327 -27.06 -3.80 -34.88
C ILE A 327 -25.62 -3.33 -35.02
N ASP A 328 -25.30 -2.92 -36.24
CA ASP A 328 -23.93 -2.57 -36.61
C ASP A 328 -23.42 -1.31 -35.92
N ILE A 329 -24.25 -0.29 -35.81
CA ILE A 329 -23.78 0.95 -35.25
C ILE A 329 -24.20 1.16 -33.81
N CYS A 330 -25.46 0.92 -33.50
CA CYS A 330 -25.93 1.14 -32.14
C CYS A 330 -25.51 0.07 -31.17
N PHE A 331 -25.47 -1.19 -31.61
CA PHE A 331 -25.21 -2.33 -30.74
C PHE A 331 -23.83 -2.91 -30.99
N LEU A 332 -22.97 -2.14 -31.63
CA LEU A 332 -21.58 -2.53 -31.79
C LEU A 332 -21.33 -3.92 -32.36
N LYS A 333 -22.15 -4.34 -33.33
CA LYS A 333 -21.98 -5.63 -34.03
C LYS A 333 -22.16 -6.83 -33.12
N ASN A 334 -22.88 -6.65 -32.00
CA ASN A 334 -23.03 -7.67 -30.96
C ASN A 334 -23.66 -8.94 -31.51
N GLU A 335 -22.89 -10.02 -31.51
CA GLU A 335 -23.32 -11.31 -32.07
C GLU A 335 -24.67 -11.78 -31.50
N LYS A 336 -24.88 -11.54 -30.21
CA LYS A 336 -26.11 -11.90 -29.51
C LYS A 336 -27.33 -11.29 -30.22
N PHE A 337 -27.21 -10.06 -30.69
CA PHE A 337 -28.33 -9.41 -31.38
C PHE A 337 -28.49 -9.93 -32.79
N ILE A 338 -27.39 -10.38 -33.40
CA ILE A 338 -27.48 -10.96 -34.76
C ILE A 338 -28.25 -12.28 -34.67
N ASN A 339 -27.83 -13.15 -33.76
CA ASN A 339 -28.54 -14.42 -33.48
C ASN A 339 -29.98 -14.23 -33.05
N ALA A 340 -30.23 -13.28 -32.16
CA ALA A 340 -31.59 -13.00 -31.74
C ALA A 340 -32.47 -12.68 -32.95
N MET A 341 -31.94 -11.83 -33.83
CA MET A 341 -32.65 -11.42 -35.03
C MET A 341 -32.86 -12.60 -35.97
N LYS A 342 -31.84 -13.44 -36.16
CA LYS A 342 -32.01 -14.59 -37.08
C LYS A 342 -33.08 -15.54 -36.57
N GLU A 343 -33.04 -15.85 -35.26
CA GLU A 343 -34.07 -16.67 -34.62
C GLU A 343 -35.44 -16.04 -34.79
N ALA A 344 -35.55 -14.75 -34.49
CA ALA A 344 -36.82 -14.04 -34.65
C ALA A 344 -37.32 -14.10 -36.07
N PHE A 345 -36.45 -13.97 -37.06
CA PHE A 345 -36.88 -14.04 -38.46
C PHE A 345 -37.51 -15.40 -38.81
N GLU A 346 -36.97 -16.48 -38.26
CA GLU A 346 -37.51 -17.83 -38.50
C GLU A 346 -38.99 -17.97 -37.99
N THR A 347 -39.42 -17.06 -37.10
CA THR A 347 -40.85 -16.95 -36.71
C THR A 347 -41.83 -16.48 -37.80
N PHE A 348 -41.30 -15.91 -38.90
CA PHE A 348 -42.16 -15.47 -40.00
C PHE A 348 -41.53 -15.62 -41.39
N SER B 1 22.27 -36.39 -4.27
CA SER B 1 22.14 -37.85 -3.97
C SER B 1 20.75 -38.13 -3.40
N MET B 2 19.79 -37.97 -4.30
CA MET B 2 18.37 -37.86 -3.99
C MET B 2 17.70 -39.21 -3.85
N PRO B 3 16.49 -39.21 -3.28
CA PRO B 3 15.73 -40.43 -3.14
C PRO B 3 14.85 -40.71 -4.35
N LYS B 4 14.42 -41.98 -4.45
CA LYS B 4 13.59 -42.47 -5.54
C LYS B 4 12.18 -42.09 -5.13
N LEU B 5 11.47 -41.47 -6.04
CA LEU B 5 10.07 -41.18 -5.83
C LEU B 5 9.26 -42.50 -5.95
N PRO B 6 8.37 -42.80 -5.01
CA PRO B 6 7.33 -43.83 -5.13
C PRO B 6 6.35 -43.65 -6.29
N GLU B 7 6.53 -44.45 -7.33
CA GLU B 7 5.70 -44.44 -8.53
C GLU B 7 6.01 -45.75 -9.23
N ASN B 8 5.14 -46.21 -10.12
CA ASN B 8 5.31 -47.54 -10.70
C ASN B 8 6.52 -47.60 -11.64
N TYR B 9 6.80 -46.47 -12.28
CA TYR B 9 7.95 -46.35 -13.16
C TYR B 9 8.40 -44.90 -13.24
N THR B 10 9.62 -44.69 -13.75
CA THR B 10 10.27 -43.37 -13.71
C THR B 10 9.45 -42.44 -14.56
N ASP B 11 9.02 -41.34 -13.95
CA ASP B 11 8.32 -40.25 -14.63
C ASP B 11 6.79 -40.41 -14.73
N GLU B 12 6.26 -41.47 -14.12
CA GLU B 12 4.82 -41.69 -14.13
C GLU B 12 4.12 -40.49 -13.54
N THR B 13 4.61 -40.00 -12.40
CA THR B 13 3.92 -38.99 -11.61
C THR B 13 3.89 -37.68 -12.37
N TRP B 14 5.04 -37.27 -12.89
CA TRP B 14 5.11 -36.07 -13.71
C TRP B 14 4.26 -36.15 -14.95
N GLN B 15 4.22 -37.31 -15.59
CA GLN B 15 3.41 -37.45 -16.81
C GLN B 15 1.95 -37.11 -16.54
N LYS B 16 1.38 -37.57 -15.43
CA LYS B 16 -0.01 -37.27 -15.14
C LYS B 16 -0.23 -35.75 -15.16
N LEU B 17 0.66 -35.03 -14.49
CA LEU B 17 0.55 -33.60 -14.45
C LEU B 17 0.78 -32.95 -15.85
N LYS B 18 1.71 -33.48 -16.62
CA LYS B 18 1.88 -33.00 -17.99
C LYS B 18 0.59 -33.15 -18.75
N GLU B 19 -0.03 -34.31 -18.69
CA GLU B 19 -1.26 -34.52 -19.45
C GLU B 19 -2.39 -33.64 -18.94
N ALA B 20 -2.46 -33.46 -17.61
CA ALA B 20 -3.50 -32.62 -17.04
C ALA B 20 -3.38 -31.18 -17.55
N VAL B 21 -2.17 -30.63 -17.53
CA VAL B 21 -1.90 -29.30 -18.00
C VAL B 21 -2.20 -29.10 -19.48
N GLU B 22 -1.86 -30.08 -20.30
CA GLU B 22 -2.19 -30.03 -21.73
C GLU B 22 -3.70 -30.04 -21.96
N ALA B 23 -4.42 -30.85 -21.19
CA ALA B 23 -5.88 -30.85 -21.23
C ALA B 23 -6.41 -29.46 -20.90
N ILE B 24 -5.84 -28.84 -19.87
CA ILE B 24 -6.28 -27.49 -19.49
C ILE B 24 -6.01 -26.54 -20.66
N GLN B 25 -4.87 -26.73 -21.33
CA GLN B 25 -4.44 -25.81 -22.34
C GLN B 25 -5.27 -25.93 -23.59
N ASN B 26 -5.71 -27.15 -23.89
CA ASN B 26 -6.55 -27.37 -25.06
C ASN B 26 -8.02 -27.36 -24.69
N SER B 27 -8.36 -27.06 -23.45
CA SER B 27 -9.76 -27.03 -23.00
C SER B 27 -10.52 -28.33 -23.17
N THR B 28 -9.83 -29.47 -23.06
CA THR B 28 -10.48 -30.80 -23.13
C THR B 28 -10.68 -31.37 -21.71
N SER B 29 -10.88 -32.69 -21.55
CA SER B 29 -11.15 -33.31 -20.25
C SER B 29 -9.90 -33.60 -19.48
N ILE B 30 -9.96 -33.44 -18.16
CA ILE B 30 -8.86 -33.87 -17.29
C ILE B 30 -9.16 -35.30 -16.89
N LYS B 31 -8.40 -36.24 -17.46
CA LYS B 31 -8.73 -37.67 -17.33
C LYS B 31 -8.15 -38.35 -16.09
N TYR B 32 -7.90 -37.57 -15.05
CA TYR B 32 -7.53 -38.08 -13.73
C TYR B 32 -8.49 -37.47 -12.73
N ASN B 33 -8.70 -38.13 -11.60
CA ASN B 33 -9.42 -37.44 -10.55
C ASN B 33 -8.43 -36.51 -9.80
N LEU B 34 -8.96 -35.40 -9.32
CA LEU B 34 -8.12 -34.29 -8.88
C LEU B 34 -7.19 -34.68 -7.72
N GLU B 35 -7.69 -35.46 -6.77
CA GLU B 35 -6.90 -35.95 -5.65
C GLU B 35 -5.55 -36.54 -6.08
N GLU B 36 -5.59 -37.31 -7.15
CA GLU B 36 -4.43 -37.99 -7.65
C GLU B 36 -3.40 -36.96 -8.13
N LEU B 37 -3.89 -35.87 -8.73
CA LEU B 37 -3.00 -34.81 -9.22
C LEU B 37 -2.39 -34.03 -8.04
N TYR B 38 -3.23 -33.66 -7.06
CA TYR B 38 -2.73 -32.96 -5.90
C TYR B 38 -1.60 -33.78 -5.26
N GLN B 39 -1.83 -35.08 -5.15
CA GLN B 39 -0.87 -35.99 -4.57
C GLN B 39 0.40 -36.00 -5.38
N ALA B 40 0.26 -36.02 -6.70
CA ALA B 40 1.39 -36.04 -7.59
C ALA B 40 2.27 -34.84 -7.32
N VAL B 41 1.64 -33.69 -7.12
CA VAL B 41 2.40 -32.48 -6.88
C VAL B 41 3.13 -32.57 -5.55
N GLU B 42 2.45 -33.12 -4.56
CA GLU B 42 3.00 -33.19 -3.23
C GLU B 42 4.19 -34.16 -3.19
N ASN B 43 4.05 -35.32 -3.83
CA ASN B 43 5.16 -36.26 -3.96
C ASN B 43 6.37 -35.65 -4.67
N LEU B 44 6.12 -34.95 -5.78
CA LEU B 44 7.23 -34.42 -6.58
C LEU B 44 8.03 -33.31 -5.84
N CYS B 45 7.36 -32.51 -5.00
CA CYS B 45 8.05 -31.59 -4.10
C CYS B 45 8.60 -32.25 -2.83
N SER B 46 8.19 -33.47 -2.50
CA SER B 46 8.66 -34.10 -1.26
C SER B 46 9.87 -34.93 -1.50
N TYR B 47 9.88 -35.69 -2.60
CA TYR B 47 10.97 -36.58 -2.93
C TYR B 47 11.92 -35.95 -3.91
N LYS B 48 11.43 -35.00 -4.72
CA LYS B 48 12.33 -34.30 -5.65
C LYS B 48 12.38 -32.81 -5.30
N ILE B 49 13.14 -32.04 -6.07
CA ILE B 49 13.31 -30.60 -5.79
C ILE B 49 12.17 -29.71 -6.41
N SER B 50 11.52 -28.92 -5.55
CA SER B 50 10.44 -28.00 -5.94
C SER B 50 10.83 -27.11 -7.08
N ALA B 51 12.00 -26.47 -6.96
CA ALA B 51 12.51 -25.60 -8.04
C ALA B 51 12.54 -26.35 -9.39
N ASN B 52 12.86 -27.65 -9.41
CA ASN B 52 12.82 -28.38 -10.68
C ASN B 52 11.40 -28.56 -11.19
N LEU B 53 10.47 -28.92 -10.33
CA LEU B 53 9.07 -29.06 -10.78
C LEU B 53 8.54 -27.72 -11.33
N TYR B 54 8.98 -26.64 -10.73
CA TYR B 54 8.57 -25.31 -11.15
C TYR B 54 9.12 -25.07 -12.54
N LYS B 55 10.39 -25.45 -12.77
CA LYS B 55 11.01 -25.22 -14.10
C LYS B 55 10.30 -26.03 -15.16
N GLN B 56 9.89 -27.23 -14.82
CA GLN B 56 9.18 -28.10 -15.74
C GLN B 56 7.82 -27.49 -16.12
N LEU B 57 7.14 -26.89 -15.15
CA LEU B 57 5.82 -26.33 -15.37
C LEU B 57 5.98 -25.07 -16.19
N ARG B 58 6.96 -24.25 -15.81
CA ARG B 58 7.27 -23.04 -16.56
C ARG B 58 7.50 -23.41 -18.02
N GLN B 59 8.30 -24.44 -18.29
CA GLN B 59 8.58 -24.79 -19.66
C GLN B 59 7.32 -25.18 -20.45
N ILE B 60 6.44 -26.06 -19.93
CA ILE B 60 5.27 -26.45 -20.70
C ILE B 60 4.29 -25.27 -20.84
N CYS B 61 4.30 -24.35 -19.86
CA CYS B 61 3.55 -23.11 -20.00
C CYS B 61 4.14 -22.29 -21.14
N GLU B 62 5.45 -22.12 -21.15
CA GLU B 62 6.10 -21.29 -22.16
C GLU B 62 5.84 -21.85 -23.56
N ASP B 63 5.89 -23.17 -23.69
CA ASP B 63 5.71 -23.78 -24.98
C ASP B 63 4.36 -23.40 -25.55
N HIS B 64 3.34 -23.44 -24.72
CA HIS B 64 2.00 -23.17 -25.20
C HIS B 64 1.78 -21.70 -25.52
N ILE B 65 2.24 -20.82 -24.64
CA ILE B 65 2.07 -19.39 -24.85
C ILE B 65 2.80 -18.95 -26.11
N LYS B 66 4.05 -19.38 -26.30
CA LYS B 66 4.79 -19.08 -27.53
C LYS B 66 3.95 -19.43 -28.76
N ALA B 67 3.26 -20.55 -28.72
CA ALA B 67 2.45 -21.02 -29.85
C ALA B 67 1.24 -20.12 -30.14
N GLN B 68 0.74 -19.38 -29.16
CA GLN B 68 -0.38 -18.49 -29.41
C GLN B 68 -0.01 -17.20 -30.17
N ILE B 69 1.26 -16.98 -30.55
CA ILE B 69 1.65 -15.74 -31.21
C ILE B 69 1.15 -15.69 -32.65
N HIS B 70 1.03 -16.85 -33.26
CA HIS B 70 0.88 -16.92 -34.70
C HIS B 70 -0.42 -16.41 -35.20
N GLN B 71 -1.47 -16.53 -34.41
CA GLN B 71 -2.76 -16.02 -34.80
C GLN B 71 -2.74 -14.50 -35.03
N PHE B 72 -1.76 -13.82 -34.45
CA PHE B 72 -1.66 -12.35 -34.57
C PHE B 72 -0.79 -11.85 -35.70
N ARG B 73 -0.46 -12.72 -36.65
CA ARG B 73 0.19 -12.28 -37.89
C ARG B 73 -0.80 -12.15 -39.03
N GLU B 74 -2.08 -12.45 -38.80
CA GLU B 74 -3.09 -12.58 -39.87
C GLU B 74 -3.54 -11.25 -40.40
N ASP B 75 -2.69 -10.21 -40.30
CA ASP B 75 -3.08 -8.88 -40.78
C ASP B 75 -3.24 -8.87 -42.33
N SER B 76 -3.83 -7.85 -42.94
CA SER B 76 -4.30 -6.63 -42.29
C SER B 76 -5.74 -6.80 -41.77
N LEU B 77 -5.86 -7.31 -40.55
CA LEU B 77 -7.13 -7.64 -39.92
C LEU B 77 -7.67 -6.33 -39.32
N ASP B 78 -8.99 -6.16 -39.42
CA ASP B 78 -9.76 -5.08 -38.76
C ASP B 78 -9.26 -4.84 -37.33
N SER B 79 -9.06 -3.58 -36.99
CA SER B 79 -8.49 -3.20 -35.70
C SER B 79 -9.28 -3.76 -34.49
N VAL B 80 -10.61 -3.57 -34.49
CA VAL B 80 -11.44 -4.08 -33.39
C VAL B 80 -11.39 -5.59 -33.30
N LEU B 81 -11.45 -6.27 -34.45
CA LEU B 81 -11.44 -7.72 -34.46
C LEU B 81 -10.10 -8.20 -33.91
N PHE B 82 -9.03 -7.46 -34.19
CA PHE B 82 -7.72 -7.81 -33.63
C PHE B 82 -7.72 -7.66 -32.11
N LEU B 83 -8.21 -6.52 -31.62
CA LEU B 83 -8.25 -6.29 -30.18
C LEU B 83 -9.10 -7.35 -29.49
N LYS B 84 -10.22 -7.75 -30.10
CA LYS B 84 -11.02 -8.81 -29.49
C LYS B 84 -10.24 -10.14 -29.41
N LYS B 85 -9.39 -10.40 -30.40
CA LYS B 85 -8.64 -11.62 -30.49
C LYS B 85 -7.58 -11.60 -29.38
N ILE B 86 -6.90 -10.49 -29.19
CA ILE B 86 -6.01 -10.34 -28.04
C ILE B 86 -6.74 -10.52 -26.70
N ASP B 87 -7.90 -9.92 -26.54
CA ASP B 87 -8.68 -10.13 -25.32
C ASP B 87 -9.04 -11.62 -25.09
N ARG B 88 -9.48 -12.31 -26.14
CA ARG B 88 -9.86 -13.72 -25.97
C ARG B 88 -8.64 -14.53 -25.54
N CYS B 89 -7.49 -14.18 -26.10
CA CYS B 89 -6.23 -14.86 -25.79
C CYS B 89 -5.82 -14.60 -24.35
N TRP B 90 -6.00 -13.35 -23.93
CA TRP B 90 -5.79 -12.99 -22.52
C TRP B 90 -6.72 -13.71 -21.54
N GLN B 91 -8.01 -13.79 -21.87
CA GLN B 91 -8.94 -14.51 -20.99
CA GLN B 91 -8.93 -14.51 -21.00
C GLN B 91 -8.53 -16.00 -20.91
N ASN B 92 -8.24 -16.64 -22.05
CA ASN B 92 -7.89 -18.05 -22.02
C ASN B 92 -6.62 -18.29 -21.20
N HIS B 93 -5.61 -17.45 -21.42
CA HIS B 93 -4.44 -17.52 -20.59
C HIS B 93 -4.77 -17.45 -19.13
N CYS B 94 -5.55 -16.46 -18.73
CA CYS B 94 -5.85 -16.26 -17.27
C CYS B 94 -6.59 -17.46 -16.70
N ARG B 95 -7.54 -17.94 -17.47
CA ARG B 95 -8.33 -19.07 -17.07
C ARG B 95 -7.48 -20.31 -16.84
N GLN B 96 -6.57 -20.54 -17.79
CA GLN B 96 -5.70 -21.69 -17.74
C GLN B 96 -4.74 -21.57 -16.55
N MET B 97 -4.16 -20.39 -16.37
CA MET B 97 -3.20 -20.21 -15.30
C MET B 97 -3.85 -20.30 -13.91
N ILE B 98 -5.11 -19.88 -13.78
CA ILE B 98 -5.77 -19.99 -12.50
C ILE B 98 -5.96 -21.47 -12.18
N MET B 99 -6.27 -22.26 -13.21
CA MET B 99 -6.58 -23.66 -13.00
C MET B 99 -5.30 -24.43 -12.69
N ILE B 100 -4.22 -24.08 -13.36
CA ILE B 100 -2.93 -24.68 -13.11
C ILE B 100 -2.54 -24.32 -11.69
N ARG B 101 -2.75 -23.09 -11.32
CA ARG B 101 -2.41 -22.64 -9.99
C ARG B 101 -3.15 -23.44 -8.91
N SER B 102 -4.36 -23.89 -9.21
CA SER B 102 -5.10 -24.69 -8.25
C SER B 102 -4.41 -26.03 -8.05
N ILE B 103 -4.02 -26.67 -9.14
CA ILE B 103 -3.42 -27.97 -9.07
C ILE B 103 -2.07 -27.91 -8.34
N PHE B 104 -1.31 -26.88 -8.62
CA PHE B 104 0.00 -26.75 -8.08
C PHE B 104 0.07 -25.86 -6.84
N LEU B 105 -1.05 -25.64 -6.19
CA LEU B 105 -1.06 -24.79 -5.03
C LEU B 105 0.03 -25.17 -4.04
N PHE B 106 0.23 -26.47 -3.83
CA PHE B 106 1.27 -26.90 -2.86
C PHE B 106 2.64 -26.30 -3.23
N LEU B 107 2.91 -26.18 -4.52
CA LEU B 107 4.21 -25.71 -4.97
C LEU B 107 4.35 -24.24 -4.64
N ASP B 108 3.31 -23.48 -4.99
CA ASP B 108 3.25 -22.05 -4.62
C ASP B 108 3.47 -21.80 -3.13
N ARG B 109 2.92 -22.67 -2.27
CA ARG B 109 2.80 -22.36 -0.85
C ARG B 109 3.98 -22.89 -0.08
N THR B 110 4.77 -23.72 -0.73
CA THR B 110 5.88 -24.41 -0.08
C THR B 110 6.86 -23.48 0.66
N TYR B 111 7.24 -23.94 1.84
CA TYR B 111 8.07 -23.25 2.86
C TYR B 111 9.48 -23.04 2.36
N VAL B 112 9.97 -24.08 1.67
CA VAL B 112 11.26 -24.12 1.03
C VAL B 112 11.44 -23.01 -0.02
N LEU B 113 10.36 -22.65 -0.72
CA LEU B 113 10.35 -21.52 -1.69
C LEU B 113 9.80 -20.20 -1.12
N GLN B 114 9.64 -20.16 0.21
CA GLN B 114 9.22 -18.95 0.91
C GLN B 114 10.21 -17.91 0.43
N ASN B 115 11.46 -18.17 0.82
CA ASN B 115 12.59 -17.31 0.54
C ASN B 115 13.06 -17.20 -0.92
N SER B 116 12.58 -18.10 -1.75
CA SER B 116 12.84 -18.03 -3.17
C SER B 116 12.49 -16.66 -3.76
N MET B 117 13.25 -16.27 -4.76
CA MET B 117 12.92 -15.09 -5.51
C MET B 117 12.19 -15.44 -6.82
N LEU B 118 11.79 -16.71 -6.96
CA LEU B 118 11.02 -17.15 -8.11
C LEU B 118 9.62 -16.57 -8.00
N PRO B 119 9.13 -16.01 -9.09
CA PRO B 119 7.76 -15.51 -9.03
C PRO B 119 6.77 -16.64 -8.74
N SER B 120 5.65 -16.26 -8.12
CA SER B 120 4.52 -17.17 -7.96
C SER B 120 4.12 -17.75 -9.30
N ILE B 121 3.36 -18.82 -9.27
CA ILE B 121 2.86 -19.46 -10.51
C ILE B 121 2.09 -18.43 -11.38
N TRP B 122 1.23 -17.66 -10.74
CA TRP B 122 0.42 -16.67 -11.44
C TRP B 122 1.31 -15.67 -12.12
N ASP B 123 2.27 -15.15 -11.38
CA ASP B 123 3.18 -14.11 -11.89
C ASP B 123 4.09 -14.69 -12.98
N MET B 124 4.43 -15.96 -12.86
CA MET B 124 5.24 -16.63 -13.86
C MET B 124 4.51 -16.60 -15.17
N GLY B 125 3.21 -16.91 -15.12
CA GLY B 125 2.31 -16.80 -16.28
C GLY B 125 2.31 -15.39 -16.87
N LEU B 126 2.25 -14.37 -16.02
CA LEU B 126 2.25 -13.01 -16.54
C LEU B 126 3.55 -12.70 -17.24
N GLU B 127 4.70 -13.09 -16.69
CA GLU B 127 5.97 -12.88 -17.36
C GLU B 127 5.95 -13.51 -18.74
N LEU B 128 5.47 -14.73 -18.83
CA LEU B 128 5.44 -15.45 -20.10
C LEU B 128 4.52 -14.75 -21.10
N PHE B 129 3.35 -14.36 -20.68
CA PHE B 129 2.44 -13.67 -21.58
C PHE B 129 3.01 -12.31 -22.04
N ARG B 130 3.57 -11.55 -21.12
CA ARG B 130 4.26 -10.30 -21.47
C ARG B 130 5.38 -10.58 -22.46
N ALA B 131 6.22 -11.57 -22.17
CA ALA B 131 7.49 -11.77 -22.94
C ALA B 131 7.18 -12.22 -24.35
N HIS B 132 6.17 -13.07 -24.49
CA HIS B 132 5.89 -13.75 -25.77
C HIS B 132 4.73 -13.22 -26.60
N ILE B 133 3.75 -12.55 -26.00
CA ILE B 133 2.63 -12.04 -26.77
C ILE B 133 2.68 -10.52 -26.83
N ILE B 134 2.40 -9.86 -25.71
CA ILE B 134 2.25 -8.41 -25.69
C ILE B 134 3.57 -7.64 -25.90
N SER B 135 4.73 -8.22 -25.62
CA SER B 135 5.99 -7.51 -25.85
C SER B 135 6.43 -7.49 -27.28
N ASP B 136 5.94 -8.41 -28.10
CA ASP B 136 6.24 -8.42 -29.52
C ASP B 136 5.90 -7.07 -30.15
N GLN B 137 6.85 -6.51 -30.88
CA GLN B 137 6.72 -5.11 -31.31
C GLN B 137 5.48 -4.91 -32.21
N LYS B 138 5.27 -5.84 -33.16
CA LYS B 138 4.12 -5.76 -34.07
C LYS B 138 2.80 -5.90 -33.27
N VAL B 139 2.68 -6.92 -32.45
CA VAL B 139 1.47 -7.06 -31.63
C VAL B 139 1.25 -5.89 -30.67
N GLN B 140 2.29 -5.37 -30.05
CA GLN B 140 2.08 -4.29 -29.11
C GLN B 140 1.62 -3.04 -29.83
N ASN B 141 2.37 -2.63 -30.85
CA ASN B 141 1.98 -1.47 -31.63
C ASN B 141 0.55 -1.55 -32.15
N LYS B 142 0.12 -2.72 -32.60
CA LYS B 142 -1.24 -2.85 -33.12
C LYS B 142 -2.26 -2.78 -31.97
N THR B 143 -1.95 -3.39 -30.85
CA THR B 143 -2.84 -3.36 -29.72
C THR B 143 -3.00 -1.93 -29.19
N ILE B 144 -1.87 -1.25 -28.98
CA ILE B 144 -1.94 0.10 -28.40
C ILE B 144 -2.56 1.05 -29.41
N ASP B 145 -2.20 0.93 -30.69
CA ASP B 145 -2.79 1.78 -31.74
C ASP B 145 -4.31 1.63 -31.76
N GLY B 146 -4.78 0.41 -31.58
CA GLY B 146 -6.22 0.13 -31.61
C GLY B 146 -6.95 0.70 -30.41
N ILE B 147 -6.34 0.56 -29.25
CA ILE B 147 -6.90 1.14 -28.02
C ILE B 147 -7.00 2.65 -28.17
N LEU B 148 -5.92 3.30 -28.62
CA LEU B 148 -5.90 4.76 -28.77
C LEU B 148 -6.93 5.21 -29.78
N LEU B 149 -7.09 4.43 -30.84
CA LEU B 149 -8.06 4.76 -31.88
C LEU B 149 -9.50 4.67 -31.35
N LEU B 150 -9.77 3.70 -30.48
CA LEU B 150 -11.10 3.62 -29.94
C LEU B 150 -11.42 4.88 -29.07
N ILE B 151 -10.47 5.29 -28.25
CA ILE B 151 -10.60 6.47 -27.41
C ILE B 151 -10.80 7.72 -28.30
N GLU B 152 -10.00 7.84 -29.35
CA GLU B 152 -10.16 8.95 -30.26
C GLU B 152 -11.56 8.96 -30.88
N ARG B 153 -12.03 7.81 -31.36
CA ARG B 153 -13.37 7.70 -31.92
C ARG B 153 -14.41 8.15 -30.89
N GLU B 154 -14.22 7.79 -29.63
CA GLU B 154 -15.22 8.10 -28.61
C GLU B 154 -15.24 9.60 -28.39
N ARG B 155 -14.04 10.19 -28.34
CA ARG B 155 -13.95 11.61 -28.14
C ARG B 155 -14.59 12.34 -29.30
N ASN B 156 -14.68 11.73 -30.48
CA ASN B 156 -15.38 12.33 -31.62
C ASN B 156 -16.84 12.02 -31.73
N GLY B 157 -17.41 11.36 -30.73
CA GLY B 157 -18.87 11.13 -30.71
C GLY B 157 -19.31 9.75 -31.11
N GLU B 158 -18.39 8.88 -31.46
CA GLU B 158 -18.76 7.53 -31.86
C GLU B 158 -19.00 6.64 -30.65
N ALA B 159 -19.85 5.63 -30.79
CA ALA B 159 -20.05 4.62 -29.76
C ALA B 159 -19.01 3.49 -29.92
N ILE B 160 -18.35 3.16 -28.82
CA ILE B 160 -17.42 2.05 -28.78
C ILE B 160 -17.72 1.06 -27.64
N ASP B 161 -16.99 -0.07 -27.63
CA ASP B 161 -17.11 -1.11 -26.60
C ASP B 161 -16.22 -0.79 -25.40
N ARG B 162 -16.77 -0.08 -24.43
CA ARG B 162 -15.97 0.41 -23.32
C ARG B 162 -15.52 -0.78 -22.49
N SER B 163 -16.37 -1.77 -22.44
CA SER B 163 -16.08 -2.99 -21.77
C SER B 163 -14.83 -3.71 -22.37
N LEU B 164 -14.71 -3.74 -23.68
CA LEU B 164 -13.50 -4.28 -24.30
C LEU B 164 -12.29 -3.46 -23.88
N LEU B 165 -12.47 -2.16 -23.89
CA LEU B 165 -11.37 -1.27 -23.55
C LEU B 165 -10.94 -1.46 -22.08
N ARG B 166 -11.91 -1.62 -21.18
CA ARG B 166 -11.63 -1.78 -19.76
C ARG B 166 -10.79 -3.04 -19.59
N SER B 167 -11.19 -4.11 -20.26
CA SER B 167 -10.56 -5.39 -20.13
C SER B 167 -9.13 -5.37 -20.63
N LEU B 168 -8.90 -4.72 -21.76
CA LEU B 168 -7.56 -4.60 -22.29
C LEU B 168 -6.64 -3.74 -21.45
N LEU B 169 -7.13 -2.61 -20.97
CA LEU B 169 -6.29 -1.70 -20.17
C LEU B 169 -6.03 -2.33 -18.82
N SER B 170 -6.95 -3.14 -18.36
CA SER B 170 -6.75 -3.83 -17.10
C SER B 170 -5.65 -4.92 -17.23
N MET B 171 -5.65 -5.61 -18.38
CA MET B 171 -4.58 -6.54 -18.74
C MET B 171 -3.25 -5.83 -18.73
N LEU B 172 -3.20 -4.67 -19.37
CA LEU B 172 -1.96 -3.92 -19.37
C LEU B 172 -1.49 -3.64 -17.92
N SER B 173 -2.43 -3.37 -17.01
CA SER B 173 -2.04 -3.14 -15.59
C SER B 173 -1.55 -4.41 -14.91
N ASP B 174 -2.26 -5.51 -15.09
CA ASP B 174 -1.78 -6.75 -14.53
C ASP B 174 -0.35 -7.13 -15.04
N LEU B 175 -0.06 -6.87 -16.32
CA LEU B 175 1.26 -7.11 -16.88
C LEU B 175 2.25 -6.02 -16.53
N GLN B 176 1.81 -5.04 -15.76
CA GLN B 176 2.67 -3.94 -15.30
C GLN B 176 3.33 -3.11 -16.43
N ILE B 177 2.66 -2.99 -17.57
CA ILE B 177 3.17 -2.21 -18.67
C ILE B 177 2.21 -1.08 -19.12
N TYR B 178 1.25 -0.74 -18.27
CA TYR B 178 0.25 0.31 -18.53
C TYR B 178 0.93 1.62 -18.63
N GLN B 179 1.84 1.91 -17.70
CA GLN B 179 2.58 3.18 -17.72
C GLN B 179 3.44 3.27 -18.99
N ASP B 180 4.23 2.24 -19.28
CA ASP B 180 5.20 2.30 -20.41
C ASP B 180 4.51 2.36 -21.76
N SER B 181 3.74 1.34 -22.08
CA SER B 181 3.19 1.18 -23.41
C SER B 181 2.11 2.19 -23.74
N PHE B 182 1.13 2.29 -22.85
CA PHE B 182 -0.09 3.00 -23.11
C PHE B 182 -0.16 4.44 -22.61
N GLU B 183 0.20 4.65 -21.35
CA GLU B 183 -0.15 5.91 -20.69
C GLU B 183 0.54 7.13 -21.30
N GLN B 184 1.83 7.02 -21.63
CA GLN B 184 2.56 8.18 -22.14
C GLN B 184 2.01 8.55 -23.51
N ARG B 185 1.76 7.56 -24.37
CA ARG B 185 1.18 7.84 -25.66
C ARG B 185 -0.22 8.41 -25.51
N PHE B 186 -1.00 7.86 -24.59
CA PHE B 186 -2.34 8.35 -24.36
C PHE B 186 -2.34 9.81 -23.93
N LEU B 187 -1.43 10.19 -23.03
CA LEU B 187 -1.34 11.57 -22.63
C LEU B 187 -0.79 12.44 -23.77
N GLU B 188 0.17 11.93 -24.55
CA GLU B 188 0.64 12.64 -25.75
C GLU B 188 -0.56 12.91 -26.69
N GLU B 189 -1.35 11.89 -26.99
CA GLU B 189 -2.44 12.06 -27.95
C GLU B 189 -3.53 12.95 -27.41
N THR B 190 -3.84 12.82 -26.13
CA THR B 190 -4.79 13.72 -25.46
C THR B 190 -4.31 15.17 -25.50
N ASN B 191 -3.04 15.39 -25.21
CA ASN B 191 -2.47 16.72 -25.32
C ASN B 191 -2.65 17.30 -26.74
N ARG B 192 -2.36 16.51 -27.76
CA ARG B 192 -2.42 16.97 -29.14
C ARG B 192 -3.86 17.30 -29.53
N LEU B 193 -4.79 16.41 -29.20
CA LEU B 193 -6.19 16.58 -29.57
C LEU B 193 -6.79 17.84 -28.93
N TYR B 194 -6.67 17.96 -27.60
CA TYR B 194 -7.23 19.09 -26.90
C TYR B 194 -6.49 20.42 -27.15
N ALA B 195 -5.20 20.39 -27.49
CA ALA B 195 -4.54 21.63 -27.89
C ALA B 195 -5.24 22.15 -29.12
N ALA B 196 -5.44 21.26 -30.09
CA ALA B 196 -6.04 21.61 -31.36
C ALA B 196 -7.50 22.01 -31.18
N GLU B 197 -8.24 21.26 -30.35
CA GLU B 197 -9.64 21.57 -30.06
C GLU B 197 -9.84 22.96 -29.39
N GLY B 198 -9.02 23.24 -28.40
CA GLY B 198 -8.98 24.56 -27.78
C GLY B 198 -8.82 25.72 -28.75
N GLN B 199 -7.84 25.63 -29.64
CA GLN B 199 -7.59 26.69 -30.61
C GLN B 199 -8.70 26.82 -31.66
N LYS B 200 -9.26 25.69 -32.06
CA LYS B 200 -10.28 25.64 -33.08
C LYS B 200 -11.58 26.17 -32.55
N LEU B 201 -11.98 25.72 -31.35
CA LEU B 201 -13.31 26.11 -30.84
C LEU B 201 -13.35 27.52 -30.28
N MET B 202 -12.20 28.04 -29.92
CA MET B 202 -12.08 29.36 -29.42
C MET B 202 -12.25 30.39 -30.56
N GLN B 203 -12.06 29.97 -31.82
CA GLN B 203 -12.40 30.78 -32.97
C GLN B 203 -13.85 30.57 -33.38
N GLU B 204 -14.33 29.34 -33.32
CA GLU B 204 -15.66 29.03 -33.84
C GLU B 204 -16.80 29.43 -32.93
N ARG B 205 -16.57 29.52 -31.63
CA ARG B 205 -17.66 29.67 -30.69
C ARG B 205 -17.49 30.82 -29.75
N GLU B 206 -18.61 31.41 -29.34
CA GLU B 206 -18.59 32.52 -28.41
C GLU B 206 -18.23 31.97 -27.04
N VAL B 207 -17.86 32.84 -26.12
CA VAL B 207 -17.37 32.40 -24.83
C VAL B 207 -18.38 31.52 -24.09
N PRO B 208 -19.64 31.92 -24.01
CA PRO B 208 -20.59 31.09 -23.28
C PRO B 208 -20.69 29.63 -23.78
N GLU B 209 -20.78 29.49 -25.10
CA GLU B 209 -20.77 28.17 -25.71
C GLU B 209 -19.42 27.45 -25.51
N TYR B 210 -18.33 28.18 -25.46
CA TYR B 210 -17.03 27.53 -25.32
C TYR B 210 -16.93 26.98 -23.92
N LEU B 211 -17.32 27.77 -22.93
CA LEU B 211 -17.22 27.37 -21.54
C LEU B 211 -18.14 26.15 -21.28
N HIS B 212 -19.33 26.17 -21.85
CA HIS B 212 -20.22 25.04 -21.69
C HIS B 212 -19.56 23.81 -22.25
N HIS B 213 -18.90 23.96 -23.39
CA HIS B 213 -18.15 22.85 -24.02
C HIS B 213 -16.98 22.38 -23.19
N VAL B 214 -16.23 23.28 -22.60
CA VAL B 214 -15.09 22.87 -21.80
C VAL B 214 -15.60 22.07 -20.61
N ASN B 215 -16.70 22.52 -20.02
CA ASN B 215 -17.27 21.82 -18.89
C ASN B 215 -17.69 20.44 -19.29
N LYS B 216 -18.28 20.28 -20.46
CA LYS B 216 -18.70 18.95 -20.91
C LYS B 216 -17.49 18.03 -21.07
N ARG B 217 -16.42 18.55 -21.66
CA ARG B 217 -15.25 17.73 -21.84
C ARG B 217 -14.66 17.26 -20.51
N LEU B 218 -14.65 18.11 -19.50
CA LEU B 218 -14.06 17.74 -18.21
C LEU B 218 -14.92 16.65 -17.56
N GLU B 219 -16.23 16.77 -17.73
CA GLU B 219 -17.13 15.77 -17.20
C GLU B 219 -16.95 14.45 -17.95
N GLU B 220 -16.68 14.56 -19.25
CA GLU B 220 -16.56 13.38 -20.10
C GLU B 220 -15.30 12.63 -19.70
N GLU B 221 -14.21 13.35 -19.54
CA GLU B 221 -12.96 12.73 -19.26
C GLU B 221 -12.96 12.10 -17.89
N ALA B 222 -13.59 12.72 -16.92
CA ALA B 222 -13.91 12.05 -15.63
C ALA B 222 -14.60 10.74 -15.85
N ASP B 223 -15.59 10.74 -16.71
CA ASP B 223 -16.37 9.50 -16.98
C ASP B 223 -15.49 8.43 -17.67
N ARG B 224 -14.61 8.84 -18.59
CA ARG B 224 -13.67 7.91 -19.24
C ARG B 224 -12.80 7.26 -18.16
N LEU B 225 -12.38 8.09 -17.21
CA LEU B 225 -11.42 7.71 -16.18
C LEU B 225 -12.02 6.68 -15.23
N ILE B 226 -13.20 6.99 -14.72
CA ILE B 226 -14.05 6.08 -13.94
C ILE B 226 -14.37 4.79 -14.70
N THR B 227 -14.69 4.89 -15.97
CA THR B 227 -15.23 3.73 -16.69
C THR B 227 -14.15 2.77 -17.23
N TYR B 228 -13.02 3.27 -17.73
CA TYR B 228 -12.03 2.33 -18.30
C TYR B 228 -10.55 2.63 -18.14
N LEU B 229 -10.17 3.79 -17.62
CA LEU B 229 -8.75 4.07 -17.45
C LEU B 229 -8.35 3.68 -16.03
N ASP B 230 -7.06 3.65 -15.78
CA ASP B 230 -6.56 3.40 -14.43
C ASP B 230 -6.59 4.70 -13.64
N GLN B 231 -6.85 4.61 -12.36
CA GLN B 231 -6.86 5.81 -11.51
C GLN B 231 -5.50 6.54 -11.55
N THR B 232 -4.37 5.85 -11.70
CA THR B 232 -3.09 6.57 -11.74
C THR B 232 -3.03 7.60 -12.89
N THR B 233 -3.99 7.56 -13.82
CA THR B 233 -3.98 8.46 -14.97
C THR B 233 -4.75 9.73 -14.67
N GLN B 234 -5.44 9.74 -13.55
CA GLN B 234 -6.37 10.84 -13.26
C GLN B 234 -5.77 12.25 -13.24
N LYS B 235 -4.76 12.50 -12.40
CA LYS B 235 -4.22 13.83 -12.30
C LYS B 235 -3.69 14.34 -13.63
N SER B 236 -2.84 13.54 -14.26
CA SER B 236 -2.26 13.89 -15.56
C SER B 236 -3.27 14.20 -16.61
N LEU B 237 -4.30 13.38 -16.67
CA LEU B 237 -5.31 13.52 -17.71
C LEU B 237 -6.06 14.82 -17.50
N ILE B 238 -6.64 15.01 -16.30
CA ILE B 238 -7.42 16.21 -16.05
C ILE B 238 -6.54 17.44 -16.18
N ALA B 239 -5.31 17.38 -15.71
CA ALA B 239 -4.39 18.53 -15.85
C ALA B 239 -4.18 18.87 -17.32
N THR B 240 -4.11 17.86 -18.18
CA THR B 240 -3.91 18.08 -19.61
C THR B 240 -5.13 18.72 -20.23
N VAL B 241 -6.31 18.19 -19.94
CA VAL B 241 -7.50 18.82 -20.47
C VAL B 241 -7.62 20.23 -19.96
N GLU B 242 -7.37 20.43 -18.67
CA GLU B 242 -7.51 21.78 -18.07
C GLU B 242 -6.57 22.75 -18.75
N LYS B 243 -5.35 22.30 -18.98
CA LYS B 243 -4.30 23.12 -19.51
C LYS B 243 -4.64 23.54 -20.94
N GLN B 244 -5.06 22.59 -21.77
CA GLN B 244 -5.23 22.90 -23.18
C GLN B 244 -6.51 23.65 -23.46
N LEU B 245 -7.59 23.35 -22.75
CA LEU B 245 -8.85 24.03 -23.00
C LEU B 245 -9.03 25.35 -22.21
N LEU B 246 -8.40 25.48 -21.04
CA LEU B 246 -8.48 26.70 -20.24
C LEU B 246 -7.14 27.41 -20.08
N GLY B 247 -6.13 26.71 -19.58
CA GLY B 247 -4.86 27.37 -19.23
C GLY B 247 -4.25 28.18 -20.34
N GLU B 248 -4.31 27.64 -21.55
CA GLU B 248 -3.73 28.28 -22.72
C GLU B 248 -4.55 29.44 -23.23
N HIS B 249 -5.75 29.63 -22.70
CA HIS B 249 -6.67 30.61 -23.25
C HIS B 249 -7.27 31.54 -22.24
N LEU B 250 -6.78 31.51 -21.01
CA LEU B 250 -7.39 32.30 -19.93
C LEU B 250 -7.53 33.76 -20.33
N THR B 251 -6.45 34.40 -20.76
CA THR B 251 -6.56 35.80 -21.11
C THR B 251 -7.46 36.02 -22.32
N ALA B 252 -7.40 35.12 -23.30
CA ALA B 252 -8.13 35.29 -24.55
C ALA B 252 -9.60 35.22 -24.29
N ILE B 253 -9.97 34.29 -23.46
CA ILE B 253 -11.35 34.13 -23.15
C ILE B 253 -11.89 35.42 -22.52
N LEU B 254 -11.13 35.98 -21.57
CA LEU B 254 -11.64 37.12 -20.82
C LEU B 254 -11.72 38.33 -21.73
N GLN B 255 -10.71 38.50 -22.56
CA GLN B 255 -10.66 39.59 -23.53
C GLN B 255 -11.84 39.49 -24.52
N LYS B 256 -12.20 38.28 -24.96
CA LYS B 256 -13.25 38.10 -25.98
C LYS B 256 -14.65 38.21 -25.36
N GLY B 257 -14.83 37.70 -24.15
CA GLY B 257 -16.17 37.53 -23.58
C GLY B 257 -16.59 38.12 -22.24
N LEU B 258 -15.64 38.52 -21.41
CA LEU B 258 -15.96 38.99 -20.05
C LEU B 258 -16.77 40.28 -20.02
N ASN B 259 -16.42 41.25 -20.86
CA ASN B 259 -17.20 42.47 -20.93
C ASN B 259 -18.65 42.19 -21.29
N ASN B 260 -18.86 41.33 -22.27
CA ASN B 260 -20.20 41.02 -22.69
CA ASN B 260 -20.24 41.02 -22.67
C ASN B 260 -20.95 40.32 -21.54
N LEU B 261 -20.30 39.37 -20.89
CA LEU B 261 -20.98 38.65 -19.82
C LEU B 261 -21.39 39.62 -18.73
N LEU B 262 -20.51 40.57 -18.40
CA LEU B 262 -20.79 41.49 -17.31
C LEU B 262 -21.79 42.57 -17.77
N ASP B 263 -21.64 43.11 -18.98
CA ASP B 263 -22.58 44.13 -19.44
C ASP B 263 -24.00 43.56 -19.46
N GLU B 264 -24.13 42.36 -19.98
CA GLU B 264 -25.41 41.72 -20.24
CA GLU B 264 -25.42 41.71 -20.26
C GLU B 264 -25.91 40.96 -18.99
N ASN B 265 -25.13 40.99 -17.91
CA ASN B 265 -25.53 40.43 -16.60
C ASN B 265 -25.81 38.95 -16.69
N ARG B 266 -24.93 38.21 -17.35
CA ARG B 266 -25.12 36.80 -17.58
C ARG B 266 -24.61 35.95 -16.40
N ILE B 267 -25.46 35.82 -15.37
CA ILE B 267 -25.07 35.23 -14.08
C ILE B 267 -24.68 33.77 -14.15
N GLN B 268 -25.51 32.96 -14.78
CA GLN B 268 -25.20 31.53 -14.93
C GLN B 268 -23.82 31.33 -15.59
N ASP B 269 -23.54 32.08 -16.63
CA ASP B 269 -22.30 31.91 -17.36
C ASP B 269 -21.13 32.45 -16.53
N LEU B 270 -21.31 33.58 -15.87
CA LEU B 270 -20.32 34.08 -14.95
C LEU B 270 -20.01 33.05 -13.83
N SER B 271 -21.03 32.36 -13.30
CA SER B 271 -20.76 31.34 -12.27
C SER B 271 -19.88 30.25 -12.83
N LEU B 272 -20.22 29.79 -14.03
CA LEU B 272 -19.49 28.72 -14.70
C LEU B 272 -18.09 29.15 -14.96
N LEU B 273 -17.95 30.38 -15.45
CA LEU B 273 -16.61 30.91 -15.69
C LEU B 273 -15.80 30.76 -14.41
N TYR B 274 -16.35 31.20 -13.29
CA TYR B 274 -15.55 31.25 -12.08
C TYR B 274 -15.20 29.80 -11.64
N GLN B 275 -16.17 28.89 -11.78
CA GLN B 275 -15.89 27.49 -11.43
C GLN B 275 -14.74 26.92 -12.29
N LEU B 276 -14.81 27.15 -13.59
CA LEU B 276 -13.78 26.63 -14.48
C LEU B 276 -12.40 27.26 -14.26
N PHE B 277 -12.35 28.58 -14.12
CA PHE B 277 -11.08 29.22 -13.92
C PHE B 277 -10.45 28.84 -12.57
N SER B 278 -11.29 28.54 -11.59
CA SER B 278 -10.83 28.07 -10.29
C SER B 278 -10.05 26.80 -10.36
N ARG B 279 -10.22 26.05 -11.45
CA ARG B 279 -9.52 24.77 -11.62
C ARG B 279 -8.06 24.89 -12.07
N VAL B 280 -7.63 26.08 -12.47
CA VAL B 280 -6.35 26.25 -13.12
C VAL B 280 -5.49 27.26 -12.36
N ARG B 281 -4.19 26.96 -12.23
CA ARG B 281 -3.24 27.89 -11.65
C ARG B 281 -3.35 29.19 -12.44
N GLY B 282 -3.42 30.29 -11.70
CA GLY B 282 -3.53 31.63 -12.26
C GLY B 282 -4.93 32.06 -12.70
N GLY B 283 -5.89 31.15 -12.67
CA GLY B 283 -7.17 31.44 -13.24
C GLY B 283 -7.91 32.59 -12.57
N VAL B 284 -8.13 32.46 -11.27
CA VAL B 284 -8.86 33.47 -10.53
C VAL B 284 -8.04 34.75 -10.52
N GLN B 285 -6.72 34.63 -10.56
CA GLN B 285 -5.87 35.81 -10.55
C GLN B 285 -6.04 36.67 -11.82
N VAL B 286 -6.03 36.00 -12.96
CA VAL B 286 -6.20 36.62 -14.26
C VAL B 286 -7.63 37.17 -14.35
N LEU B 287 -8.62 36.41 -13.91
CA LEU B 287 -9.98 36.93 -13.82
C LEU B 287 -10.09 38.21 -12.94
N LEU B 288 -9.44 38.19 -11.80
CA LEU B 288 -9.48 39.28 -10.86
C LEU B 288 -8.89 40.52 -11.48
N GLN B 289 -7.81 40.38 -12.24
CA GLN B 289 -7.15 41.52 -12.88
C GLN B 289 -8.06 42.15 -13.96
N GLN B 290 -8.76 41.31 -14.74
CA GLN B 290 -9.63 41.83 -15.80
C GLN B 290 -10.89 42.45 -15.24
N TRP B 291 -11.28 41.95 -14.07
CA TRP B 291 -12.40 42.50 -13.30
C TRP B 291 -12.09 43.89 -12.86
N ILE B 292 -10.90 44.11 -12.31
CA ILE B 292 -10.44 45.47 -11.97
C ILE B 292 -10.50 46.35 -13.18
N GLU B 293 -10.17 45.80 -14.34
CA GLU B 293 -10.07 46.62 -15.54
C GLU B 293 -11.44 47.07 -15.99
N TYR B 294 -12.37 46.12 -15.99
CA TYR B 294 -13.75 46.35 -16.37
C TYR B 294 -14.35 47.42 -15.48
N ILE B 295 -14.14 47.28 -14.18
CA ILE B 295 -14.73 48.20 -13.24
C ILE B 295 -14.15 49.62 -13.41
N LYS B 296 -12.84 49.74 -13.59
CA LYS B 296 -12.21 51.04 -13.87
C LYS B 296 -12.76 51.65 -15.16
N ALA B 297 -12.86 50.87 -16.23
CA ALA B 297 -13.36 51.43 -17.50
C ALA B 297 -14.80 51.99 -17.37
N PHE B 298 -15.62 51.40 -16.50
CA PHE B 298 -16.98 51.85 -16.36
C PHE B 298 -17.06 53.25 -15.77
N GLY B 299 -16.26 53.51 -14.72
CA GLY B 299 -16.20 54.84 -14.08
C GLY B 299 -15.76 55.92 -15.03
N SER B 300 -14.77 55.61 -15.86
CA SER B 300 -14.35 56.53 -16.88
C SER B 300 -15.52 56.88 -17.83
N THR B 301 -16.36 55.91 -18.17
CA THR B 301 -17.53 56.18 -19.01
C THR B 301 -18.67 56.92 -18.31
N ILE B 302 -18.75 56.82 -16.98
CA ILE B 302 -19.71 57.62 -16.23
C ILE B 302 -19.29 59.09 -16.27
N VAL B 303 -18.06 59.39 -15.85
CA VAL B 303 -17.62 60.81 -15.79
C VAL B 303 -17.57 61.49 -17.17
N ILE B 304 -17.26 60.73 -18.23
CA ILE B 304 -17.12 61.29 -19.58
C ILE B 304 -18.44 61.31 -20.37
N ASN B 305 -19.15 60.18 -20.40
CA ASN B 305 -20.46 60.09 -21.08
C ASN B 305 -21.63 59.74 -20.13
N PRO B 306 -22.04 60.68 -19.22
CA PRO B 306 -23.04 60.37 -18.17
C PRO B 306 -24.42 59.89 -18.66
N LYS B 310 -30.43 59.15 -16.01
CA LYS B 310 -29.58 60.24 -16.50
C LYS B 310 -28.53 60.70 -15.45
N THR B 311 -28.75 60.36 -14.15
CA THR B 311 -28.00 60.96 -13.02
C THR B 311 -26.77 60.16 -12.57
N MET B 312 -25.67 60.83 -12.21
CA MET B 312 -24.38 60.13 -12.03
C MET B 312 -24.40 59.16 -10.83
N ARG B 313 -24.95 59.63 -9.72
CA ARG B 313 -25.09 58.83 -8.53
C ARG B 313 -25.91 57.56 -8.81
N GLN B 314 -27.08 57.71 -9.43
CA GLN B 314 -27.93 56.60 -9.79
C GLN B 314 -27.26 55.59 -10.71
N GLU B 315 -26.46 56.08 -11.62
CA GLU B 315 -25.79 55.19 -12.57
C GLU B 315 -24.75 54.38 -11.81
N LEU B 316 -24.07 55.02 -10.86
CA LEU B 316 -23.11 54.33 -10.01
C LEU B 316 -23.74 53.31 -9.10
N ASP B 317 -24.86 53.66 -8.46
CA ASP B 317 -25.58 52.74 -7.59
C ASP B 317 -26.04 51.54 -8.33
N ASP B 318 -26.53 51.74 -9.54
CA ASP B 318 -27.01 50.61 -10.37
C ASP B 318 -25.89 49.66 -10.70
N PHE B 319 -24.76 50.21 -11.06
CA PHE B 319 -23.59 49.41 -11.33
C PHE B 319 -23.07 48.68 -10.07
N LYS B 320 -22.93 49.40 -8.96
CA LYS B 320 -22.51 48.79 -7.70
C LYS B 320 -23.42 47.61 -7.35
N ASP B 321 -24.74 47.76 -7.48
CA ASP B 321 -25.69 46.69 -7.16
C ASP B 321 -25.48 45.48 -8.04
N LYS B 322 -25.27 45.70 -9.32
CA LYS B 322 -25.11 44.62 -10.28
C LYS B 322 -23.83 43.86 -9.96
N VAL B 323 -22.78 44.60 -9.72
CA VAL B 323 -21.48 44.05 -9.48
C VAL B 323 -21.42 43.34 -8.12
N ASP B 324 -21.99 43.92 -7.05
CA ASP B 324 -22.08 43.25 -5.73
C ASP B 324 -22.76 41.90 -5.83
N HIS B 325 -23.82 41.87 -6.61
CA HIS B 325 -24.57 40.66 -6.81
C HIS B 325 -23.78 39.58 -7.51
N ILE B 326 -22.98 39.97 -8.50
CA ILE B 326 -22.13 39.04 -9.22
C ILE B 326 -21.09 38.49 -8.29
N ILE B 327 -20.47 39.33 -7.49
CA ILE B 327 -19.47 38.87 -6.51
C ILE B 327 -20.12 37.81 -5.61
N ASP B 328 -21.34 38.13 -5.17
CA ASP B 328 -22.06 37.31 -4.21
C ASP B 328 -22.44 35.93 -4.74
N ILE B 329 -22.91 35.86 -5.96
CA ILE B 329 -23.40 34.59 -6.46
C ILE B 329 -22.41 33.92 -7.38
N CYS B 330 -21.84 34.65 -8.31
CA CYS B 330 -20.95 34.01 -9.26
C CYS B 330 -19.57 33.73 -8.68
N PHE B 331 -19.05 34.63 -7.83
CA PHE B 331 -17.69 34.52 -7.29
C PHE B 331 -17.68 34.09 -5.81
N LEU B 332 -18.80 33.55 -5.38
CA LEU B 332 -18.89 32.97 -4.04
C LEU B 332 -18.44 33.87 -2.89
N LYS B 333 -18.74 35.15 -2.96
CA LYS B 333 -18.48 36.11 -1.86
C LYS B 333 -16.98 36.33 -1.63
N ASN B 334 -16.18 36.05 -2.66
CA ASN B 334 -14.73 36.12 -2.58
C ASN B 334 -14.25 37.54 -2.19
N GLU B 335 -13.67 37.66 -1.01
CA GLU B 335 -13.19 38.93 -0.46
C GLU B 335 -12.21 39.67 -1.39
N LYS B 336 -11.36 38.91 -2.07
CA LYS B 336 -10.43 39.45 -3.07
C LYS B 336 -11.15 40.29 -4.15
N PHE B 337 -12.30 39.87 -4.61
CA PHE B 337 -13.05 40.65 -5.58
C PHE B 337 -13.71 41.88 -4.96
N ILE B 338 -14.06 41.80 -3.68
CA ILE B 338 -14.71 42.93 -3.04
C ILE B 338 -13.65 44.03 -2.92
N ASN B 339 -12.47 43.66 -2.40
CA ASN B 339 -11.32 44.58 -2.29
C ASN B 339 -10.89 45.14 -3.61
N ALA B 340 -10.82 44.28 -4.62
CA ALA B 340 -10.46 44.72 -5.95
C ALA B 340 -11.39 45.85 -6.39
N MET B 341 -12.67 45.61 -6.18
CA MET B 341 -13.68 46.55 -6.58
C MET B 341 -13.52 47.86 -5.80
N LYS B 342 -13.31 47.79 -4.48
CA LYS B 342 -13.21 49.03 -3.69
C LYS B 342 -12.00 49.85 -4.13
N GLU B 343 -10.86 49.19 -4.35
CA GLU B 343 -9.66 49.83 -4.92
C GLU B 343 -9.96 50.46 -6.30
N ALA B 344 -10.56 49.69 -7.20
CA ALA B 344 -10.93 50.20 -8.53
C ALA B 344 -11.88 51.39 -8.44
N PHE B 345 -12.81 51.39 -7.50
CA PHE B 345 -13.71 52.55 -7.33
C PHE B 345 -12.96 53.81 -6.94
N GLU B 346 -11.91 53.68 -6.12
CA GLU B 346 -11.11 54.86 -5.72
C GLU B 346 -10.40 55.53 -6.93
N THR B 347 -10.30 54.82 -8.06
CA THR B 347 -9.84 55.41 -9.34
C THR B 347 -10.81 56.46 -9.95
N PHE B 348 -12.05 56.47 -9.47
CA PHE B 348 -13.05 57.45 -9.92
C PHE B 348 -14.04 57.78 -8.79
N ASP C 11 -31.14 -24.76 -16.25
CA ASP C 11 -31.64 -26.08 -15.77
C ASP C 11 -30.69 -27.22 -16.19
N GLU C 12 -30.82 -27.70 -17.41
CA GLU C 12 -29.82 -28.63 -17.97
C GLU C 12 -28.42 -28.02 -17.87
N THR C 13 -28.33 -26.75 -18.26
CA THR C 13 -27.05 -26.04 -18.36
C THR C 13 -26.46 -25.85 -16.96
N TRP C 14 -27.26 -25.36 -16.03
CA TRP C 14 -26.80 -25.22 -14.63
C TRP C 14 -26.37 -26.54 -14.01
N GLN C 15 -27.07 -27.62 -14.32
CA GLN C 15 -26.73 -28.92 -13.75
C GLN C 15 -25.32 -29.28 -14.06
N LYS C 16 -24.88 -29.08 -15.29
CA LYS C 16 -23.51 -29.46 -15.67
C LYS C 16 -22.52 -28.76 -14.72
N LEU C 17 -22.73 -27.47 -14.49
CA LEU C 17 -21.88 -26.71 -13.60
C LEU C 17 -22.01 -27.18 -12.15
N LYS C 18 -23.23 -27.50 -11.70
CA LYS C 18 -23.41 -28.07 -10.36
C LYS C 18 -22.60 -29.35 -10.22
N GLU C 19 -22.69 -30.26 -11.18
CA GLU C 19 -21.93 -31.50 -11.09
C GLU C 19 -20.41 -31.27 -11.13
N ALA C 20 -19.95 -30.35 -11.99
CA ALA C 20 -18.52 -30.06 -12.07
C ALA C 20 -18.03 -29.62 -10.73
N VAL C 21 -18.74 -28.66 -10.14
CA VAL C 21 -18.33 -28.09 -8.86
C VAL C 21 -18.31 -29.16 -7.74
N GLU C 22 -19.27 -30.06 -7.73
CA GLU C 22 -19.29 -31.16 -6.75
C GLU C 22 -18.11 -32.09 -6.93
N ALA C 23 -17.76 -32.38 -8.17
CA ALA C 23 -16.53 -33.12 -8.47
C ALA C 23 -15.32 -32.40 -7.88
N ILE C 24 -15.26 -31.09 -8.07
CA ILE C 24 -14.13 -30.33 -7.54
C ILE C 24 -14.12 -30.47 -6.05
N GLN C 25 -15.30 -30.44 -5.45
CA GLN C 25 -15.42 -30.43 -4.01
C GLN C 25 -15.08 -31.79 -3.37
N ASN C 26 -15.42 -32.87 -4.05
CA ASN C 26 -15.07 -34.20 -3.59
C ASN C 26 -13.75 -34.70 -4.16
N SER C 27 -13.03 -33.86 -4.92
CA SER C 27 -11.72 -34.19 -5.49
C SER C 27 -11.77 -35.38 -6.41
N THR C 28 -12.91 -35.58 -7.07
CA THR C 28 -13.03 -36.69 -8.01
C THR C 28 -12.81 -36.15 -9.46
N SER C 29 -13.26 -36.89 -10.50
CA SER C 29 -13.05 -36.48 -11.90
C SER C 29 -14.11 -35.50 -12.38
N ILE C 30 -13.70 -34.52 -13.17
CA ILE C 30 -14.65 -33.64 -13.84
C ILE C 30 -15.02 -34.26 -15.16
N LYS C 31 -16.23 -34.81 -15.26
CA LYS C 31 -16.60 -35.63 -16.40
C LYS C 31 -17.20 -34.85 -17.58
N TYR C 32 -16.83 -33.58 -17.71
CA TYR C 32 -17.10 -32.81 -18.91
C TYR C 32 -15.80 -32.26 -19.41
N ASN C 33 -15.68 -31.97 -20.70
CA ASN C 33 -14.50 -31.24 -21.11
C ASN C 33 -14.70 -29.75 -20.78
N LEU C 34 -13.60 -29.08 -20.46
CA LEU C 34 -13.65 -27.75 -19.88
C LEU C 34 -14.40 -26.73 -20.76
N GLU C 35 -14.14 -26.75 -22.07
CA GLU C 35 -14.83 -25.87 -23.01
C GLU C 35 -16.35 -25.82 -22.80
N GLU C 36 -16.92 -26.99 -22.58
CA GLU C 36 -18.35 -27.13 -22.41
C GLU C 36 -18.82 -26.40 -21.15
N LEU C 37 -17.99 -26.45 -20.12
CA LEU C 37 -18.30 -25.74 -18.88
C LEU C 37 -18.17 -24.21 -19.06
N TYR C 38 -17.10 -23.76 -19.72
CA TYR C 38 -16.89 -22.32 -19.95
C TYR C 38 -18.07 -21.77 -20.71
N GLN C 39 -18.50 -22.53 -21.69
CA GLN C 39 -19.68 -22.18 -22.48
C GLN C 39 -20.95 -22.13 -21.61
N ALA C 40 -21.11 -23.10 -20.74
CA ALA C 40 -22.25 -23.16 -19.85
C ALA C 40 -22.31 -21.91 -18.97
N VAL C 41 -21.16 -21.45 -18.49
CA VAL C 41 -21.14 -20.26 -17.67
C VAL C 41 -21.49 -19.02 -18.51
N GLU C 42 -21.00 -18.98 -19.74
CA GLU C 42 -21.23 -17.82 -20.58
C GLU C 42 -22.70 -17.76 -21.00
N ASN C 43 -23.29 -18.90 -21.34
CA ASN C 43 -24.73 -18.97 -21.66
C ASN C 43 -25.61 -18.52 -20.49
N LEU C 44 -25.30 -19.01 -19.30
CA LEU C 44 -26.12 -18.68 -18.13
C LEU C 44 -26.09 -17.18 -17.76
N CYS C 45 -24.97 -16.48 -17.98
CA CYS C 45 -24.91 -15.01 -17.86
C CYS C 45 -25.52 -14.27 -19.08
N SER C 46 -25.73 -14.93 -20.21
CA SER C 46 -26.22 -14.27 -21.44
C SER C 46 -27.73 -14.50 -21.76
N TYR C 47 -28.57 -14.58 -20.74
CA TYR C 47 -29.97 -15.01 -20.97
C TYR C 47 -30.84 -14.85 -19.71
N ASN C 52 -28.70 -14.01 -10.25
CA ASN C 52 -28.98 -15.28 -9.59
C ASN C 52 -27.87 -16.32 -9.72
N LEU C 53 -27.12 -16.38 -10.82
CA LEU C 53 -26.07 -17.41 -10.94
C LEU C 53 -25.02 -17.28 -9.82
N TYR C 54 -24.70 -16.06 -9.42
CA TYR C 54 -23.72 -15.82 -8.36
C TYR C 54 -24.27 -16.35 -7.06
N LYS C 55 -25.55 -16.09 -6.79
CA LYS C 55 -26.17 -16.58 -5.58
C LYS C 55 -26.21 -18.11 -5.55
N GLN C 56 -26.44 -18.74 -6.70
CA GLN C 56 -26.49 -20.19 -6.79
C GLN C 56 -25.12 -20.74 -6.49
N LEU C 57 -24.05 -20.10 -6.99
CA LEU C 57 -22.72 -20.58 -6.80
C LEU C 57 -22.27 -20.38 -5.35
N ARG C 58 -22.58 -19.22 -4.79
CA ARG C 58 -22.38 -18.99 -3.38
C ARG C 58 -23.02 -20.11 -2.57
N GLN C 59 -24.27 -20.44 -2.88
CA GLN C 59 -24.98 -21.42 -2.05
C GLN C 59 -24.30 -22.78 -2.11
N ILE C 60 -23.91 -23.26 -3.30
CA ILE C 60 -23.31 -24.61 -3.37
C ILE C 60 -21.90 -24.62 -2.77
N CYS C 61 -21.23 -23.47 -2.81
CA CYS C 61 -20.02 -23.32 -2.05
C CYS C 61 -20.33 -23.41 -0.55
N GLU C 62 -21.33 -22.67 -0.08
CA GLU C 62 -21.64 -22.66 1.34
C GLU C 62 -22.05 -24.05 1.82
N ASP C 63 -22.84 -24.76 1.02
CA ASP C 63 -23.30 -26.09 1.41
C ASP C 63 -22.13 -27.00 1.72
N HIS C 64 -21.09 -26.91 0.91
CA HIS C 64 -19.99 -27.80 1.10
C HIS C 64 -19.14 -27.42 2.30
N ILE C 65 -18.85 -26.15 2.41
CA ILE C 65 -18.03 -25.67 3.50
C ILE C 65 -18.72 -25.97 4.83
N LYS C 66 -20.01 -25.66 4.97
CA LYS C 66 -20.80 -26.03 6.18
C LYS C 66 -20.53 -27.46 6.58
N ALA C 67 -20.49 -28.36 5.60
CA ALA C 67 -20.37 -29.80 5.84
C ALA C 67 -19.02 -30.17 6.39
N GLN C 68 -18.01 -29.36 6.12
CA GLN C 68 -16.70 -29.62 6.67
C GLN C 68 -16.55 -29.28 8.16
N ILE C 69 -17.59 -28.82 8.87
CA ILE C 69 -17.47 -28.46 10.30
C ILE C 69 -17.41 -29.70 11.15
N HIS C 70 -18.05 -30.76 10.70
CA HIS C 70 -18.34 -31.89 11.58
C HIS C 70 -17.10 -32.59 12.02
N GLN C 71 -16.10 -32.65 11.14
CA GLN C 71 -14.89 -33.34 11.49
C GLN C 71 -14.20 -32.72 12.72
N PHE C 72 -14.53 -31.46 13.04
CA PHE C 72 -13.90 -30.76 14.16
C PHE C 72 -14.66 -30.82 15.48
N ARG C 73 -15.64 -31.70 15.58
CA ARG C 73 -16.29 -31.95 16.86
C ARG C 73 -15.64 -33.12 17.60
N GLU C 74 -14.66 -33.80 17.01
CA GLU C 74 -14.04 -34.92 17.72
C GLU C 74 -13.45 -34.30 18.99
N LEU C 77 -9.02 -35.33 21.07
CA LEU C 77 -8.21 -35.13 19.86
C LEU C 77 -6.89 -34.36 20.17
N ASP C 78 -5.74 -35.04 19.99
CA ASP C 78 -4.38 -34.43 20.01
C ASP C 78 -4.33 -33.07 19.32
N SER C 79 -3.72 -32.10 19.98
CA SER C 79 -3.69 -30.72 19.51
C SER C 79 -3.06 -30.57 18.11
N VAL C 80 -1.89 -31.16 17.89
CA VAL C 80 -1.20 -31.09 16.59
C VAL C 80 -2.03 -31.78 15.51
N LEU C 81 -2.61 -32.95 15.82
CA LEU C 81 -3.45 -33.65 14.83
C LEU C 81 -4.65 -32.80 14.47
N PHE C 82 -5.18 -32.05 15.44
CA PHE C 82 -6.30 -31.16 15.16
C PHE C 82 -5.88 -30.05 14.21
N LEU C 83 -4.76 -29.38 14.53
CA LEU C 83 -4.26 -28.30 13.69
C LEU C 83 -3.98 -28.80 12.30
N LYS C 84 -3.42 -30.00 12.15
CA LYS C 84 -3.18 -30.54 10.80
C LYS C 84 -4.47 -30.72 10.02
N LYS C 85 -5.53 -31.05 10.74
CA LYS C 85 -6.82 -31.31 10.12
C LYS C 85 -7.40 -29.98 9.67
N ILE C 86 -7.31 -28.96 10.49
CA ILE C 86 -7.67 -27.61 10.04
C ILE C 86 -6.87 -27.14 8.80
N ASP C 87 -5.56 -27.35 8.82
CA ASP C 87 -4.75 -26.94 7.68
C ASP C 87 -5.17 -27.68 6.40
N ARG C 88 -5.42 -28.99 6.50
CA ARG C 88 -5.79 -29.75 5.32
C ARG C 88 -7.08 -29.15 4.75
N CYS C 89 -7.97 -28.78 5.65
CA CYS C 89 -9.28 -28.30 5.27
C CYS C 89 -9.12 -26.94 4.58
N TRP C 90 -8.24 -26.13 5.13
CA TRP C 90 -7.91 -24.84 4.52
C TRP C 90 -7.29 -24.98 3.11
N GLN C 91 -6.34 -25.91 2.95
CA GLN C 91 -5.71 -26.08 1.67
C GLN C 91 -6.80 -26.54 0.68
N ASN C 92 -7.62 -27.50 1.05
CA ASN C 92 -8.60 -28.00 0.10
C ASN C 92 -9.56 -26.90 -0.30
N HIS C 93 -10.03 -26.13 0.68
CA HIS C 93 -10.86 -25.01 0.39
C HIS C 93 -10.23 -24.10 -0.64
N CYS C 94 -8.97 -23.71 -0.42
CA CYS C 94 -8.31 -22.77 -1.32
C CYS C 94 -8.20 -23.34 -2.72
N ARG C 95 -7.83 -24.60 -2.76
CA ARG C 95 -7.62 -25.26 -4.02
C ARG C 95 -8.91 -25.33 -4.82
N GLN C 96 -10.00 -25.63 -4.12
CA GLN C 96 -11.30 -25.76 -4.74
C GLN C 96 -11.78 -24.43 -5.23
N MET C 97 -11.61 -23.40 -4.42
CA MET C 97 -12.05 -22.05 -4.82
C MET C 97 -11.28 -21.49 -5.98
N ILE C 98 -10.00 -21.81 -6.08
CA ILE C 98 -9.23 -21.30 -7.18
C ILE C 98 -9.76 -21.95 -8.46
N MET C 99 -10.12 -23.22 -8.36
CA MET C 99 -10.55 -23.96 -9.54
C MET C 99 -11.96 -23.52 -9.96
N ILE C 100 -12.82 -23.27 -9.00
CA ILE C 100 -14.17 -22.79 -9.27
C ILE C 100 -14.03 -21.43 -9.93
N ARG C 101 -13.13 -20.64 -9.38
CA ARG C 101 -12.87 -19.32 -9.95
C ARG C 101 -12.48 -19.38 -11.41
N SER C 102 -11.76 -20.43 -11.80
CA SER C 102 -11.34 -20.56 -13.21
C SER C 102 -12.53 -20.80 -14.11
N ILE C 103 -13.40 -21.69 -13.69
CA ILE C 103 -14.53 -22.05 -14.50
C ILE C 103 -15.50 -20.87 -14.64
N PHE C 104 -15.65 -20.12 -13.54
CA PHE C 104 -16.61 -19.04 -13.50
C PHE C 104 -15.94 -17.68 -13.75
N LEU C 105 -14.74 -17.68 -14.32
CA LEU C 105 -14.05 -16.44 -14.56
C LEU C 105 -14.92 -15.43 -15.27
N PHE C 106 -15.70 -15.86 -16.24
CA PHE C 106 -16.59 -14.93 -16.94
C PHE C 106 -17.53 -14.19 -15.97
N LEU C 107 -18.02 -14.89 -14.95
CA LEU C 107 -18.93 -14.29 -14.00
C LEU C 107 -18.22 -13.24 -13.17
N ASP C 108 -17.04 -13.59 -12.64
CA ASP C 108 -16.20 -12.65 -11.88
C ASP C 108 -15.92 -11.39 -12.65
N ARG C 109 -15.67 -11.51 -13.95
CA ARG C 109 -15.12 -10.41 -14.69
C ARG C 109 -16.18 -9.51 -15.18
N THR C 110 -17.40 -10.00 -15.26
CA THR C 110 -18.47 -9.17 -15.80
C THR C 110 -19.24 -8.63 -14.62
N TYR C 111 -18.91 -9.13 -13.42
CA TYR C 111 -19.26 -8.47 -12.15
C TYR C 111 -18.27 -7.27 -11.90
N VAL C 112 -16.98 -7.54 -12.07
CA VAL C 112 -15.91 -6.50 -12.04
C VAL C 112 -16.03 -5.43 -13.16
N LEU C 113 -16.50 -5.83 -14.35
CA LEU C 113 -16.72 -4.88 -15.45
C LEU C 113 -18.03 -4.13 -15.30
N GLN C 114 -18.87 -4.53 -14.33
CA GLN C 114 -20.11 -3.84 -14.05
C GLN C 114 -20.18 -3.07 -12.71
N ASN C 115 -19.06 -2.83 -12.01
CA ASN C 115 -19.10 -2.00 -10.79
C ASN C 115 -19.71 -2.68 -9.54
N SER C 116 -20.00 -3.99 -9.59
CA SER C 116 -20.72 -4.64 -8.48
C SER C 116 -20.10 -4.49 -7.07
N MET C 117 -20.97 -4.39 -6.06
CA MET C 117 -20.55 -4.41 -4.65
C MET C 117 -20.39 -5.83 -4.14
N LEU C 118 -20.69 -6.83 -4.94
CA LEU C 118 -20.55 -8.21 -4.51
C LEU C 118 -19.07 -8.59 -4.47
N PRO C 119 -18.63 -9.28 -3.41
CA PRO C 119 -17.25 -9.71 -3.42
C PRO C 119 -16.96 -10.65 -4.59
N SER C 120 -15.70 -10.64 -5.00
CA SER C 120 -15.20 -11.59 -6.00
C SER C 120 -15.47 -12.99 -5.50
N ILE C 121 -15.40 -13.96 -6.41
CA ILE C 121 -15.61 -15.35 -6.05
C ILE C 121 -14.64 -15.76 -4.95
N TRP C 122 -13.37 -15.36 -5.10
CA TRP C 122 -12.34 -15.73 -4.16
C TRP C 122 -12.65 -15.22 -2.80
N ASP C 123 -13.01 -13.94 -2.72
CA ASP C 123 -13.34 -13.29 -1.43
C ASP C 123 -14.63 -13.84 -0.82
N MET C 124 -15.55 -14.24 -1.69
CA MET C 124 -16.79 -14.84 -1.25
C MET C 124 -16.46 -16.15 -0.50
N GLY C 125 -15.58 -16.95 -1.08
CA GLY C 125 -15.04 -18.14 -0.44
C GLY C 125 -14.45 -17.84 0.93
N LEU C 126 -13.66 -16.76 1.05
CA LEU C 126 -13.06 -16.44 2.35
C LEU C 126 -14.13 -16.09 3.37
N GLU C 127 -15.14 -15.33 3.00
CA GLU C 127 -16.28 -15.07 3.93
C GLU C 127 -16.94 -16.36 4.41
N LEU C 128 -17.19 -17.28 3.51
CA LEU C 128 -17.80 -18.53 3.88
C LEU C 128 -16.92 -19.35 4.85
N PHE C 129 -15.62 -19.45 4.54
CA PHE C 129 -14.73 -20.26 5.40
C PHE C 129 -14.65 -19.63 6.80
N ARG C 130 -14.50 -18.31 6.84
CA ARG C 130 -14.53 -17.58 8.10
CA ARG C 130 -14.52 -17.57 8.09
C ARG C 130 -15.82 -17.87 8.84
N ALA C 131 -16.94 -17.73 8.15
CA ALA C 131 -18.23 -17.78 8.84
C ALA C 131 -18.48 -19.17 9.42
N HIS C 132 -18.13 -20.22 8.66
CA HIS C 132 -18.52 -21.60 8.99
C HIS C 132 -17.54 -22.47 9.68
N ILE C 133 -16.26 -22.20 9.54
CA ILE C 133 -15.26 -23.09 10.13
C ILE C 133 -14.54 -22.34 11.23
N ILE C 134 -13.75 -21.36 10.86
CA ILE C 134 -12.93 -20.71 11.84
C ILE C 134 -13.70 -19.84 12.85
N SER C 135 -14.89 -19.33 12.51
CA SER C 135 -15.61 -18.40 13.40
C SER C 135 -16.33 -19.17 14.50
N ASP C 136 -16.53 -20.48 14.32
CA ASP C 136 -17.10 -21.35 15.37
C ASP C 136 -16.26 -21.26 16.68
N GLN C 137 -16.91 -21.01 17.82
CA GLN C 137 -16.18 -20.68 19.07
C GLN C 137 -15.25 -21.83 19.51
N LYS C 138 -15.77 -23.06 19.46
CA LYS C 138 -15.00 -24.24 19.84
C LYS C 138 -13.84 -24.45 18.89
N VAL C 139 -14.09 -24.46 17.58
CA VAL C 139 -12.98 -24.59 16.63
C VAL C 139 -11.94 -23.45 16.73
N GLN C 140 -12.38 -22.22 16.95
CA GLN C 140 -11.43 -21.10 16.99
C GLN C 140 -10.56 -21.21 18.24
N ASN C 141 -11.20 -21.37 19.38
CA ASN C 141 -10.47 -21.55 20.61
C ASN C 141 -9.44 -22.70 20.49
N LYS C 142 -9.82 -23.82 19.89
CA LYS C 142 -8.92 -24.96 19.84
C LYS C 142 -7.78 -24.69 18.88
N THR C 143 -8.10 -24.03 17.77
CA THR C 143 -7.08 -23.64 16.82
C THR C 143 -6.09 -22.65 17.45
N ILE C 144 -6.60 -21.61 18.08
CA ILE C 144 -5.72 -20.57 18.65
C ILE C 144 -4.94 -21.16 19.81
N ASP C 145 -5.60 -21.94 20.66
CA ASP C 145 -4.92 -22.59 21.78
C ASP C 145 -3.76 -23.46 21.30
N GLY C 146 -3.97 -24.17 20.20
CA GLY C 146 -2.93 -25.05 19.65
C GLY C 146 -1.76 -24.26 19.09
N ILE C 147 -2.07 -23.17 18.38
CA ILE C 147 -1.03 -22.32 17.81
C ILE C 147 -0.18 -21.73 18.91
N LEU C 148 -0.82 -21.23 19.96
CA LEU C 148 -0.11 -20.62 21.10
C LEU C 148 0.74 -21.65 21.80
N LEU C 149 0.21 -22.87 21.92
CA LEU C 149 0.95 -23.92 22.59
C LEU C 149 2.21 -24.31 21.82
N LEU C 150 2.14 -24.26 20.48
CA LEU C 150 3.30 -24.65 19.69
C LEU C 150 4.38 -23.60 19.86
N ILE C 151 3.98 -22.33 19.88
CA ILE C 151 4.94 -21.24 20.09
C ILE C 151 5.55 -21.37 21.52
N GLU C 152 4.72 -21.65 22.51
CA GLU C 152 5.24 -21.83 23.87
C GLU C 152 6.23 -22.97 23.93
N ARG C 153 5.89 -24.09 23.35
CA ARG C 153 6.81 -25.19 23.29
C ARG C 153 8.11 -24.81 22.62
N GLU C 154 8.05 -24.03 21.55
CA GLU C 154 9.26 -23.66 20.83
C GLU C 154 10.10 -22.79 21.72
N ARG C 155 9.46 -21.89 22.42
CA ARG C 155 10.21 -21.01 23.30
C ARG C 155 10.86 -21.78 24.43
N ASN C 156 10.29 -22.93 24.80
CA ASN C 156 10.89 -23.80 25.81
C ASN C 156 11.94 -24.76 25.30
N GLY C 157 12.28 -24.69 24.01
CA GLY C 157 13.37 -25.51 23.45
C GLY C 157 12.92 -26.68 22.58
N GLU C 158 11.63 -26.90 22.45
CA GLU C 158 11.13 -28.04 21.73
C GLU C 158 11.12 -27.75 20.22
N ALA C 159 11.29 -28.77 19.41
CA ALA C 159 11.23 -28.64 17.99
C ALA C 159 9.78 -28.81 17.54
N ILE C 160 9.27 -27.84 16.77
CA ILE C 160 7.92 -27.90 16.20
C ILE C 160 7.88 -27.75 14.67
N ASP C 161 6.71 -27.99 14.08
CA ASP C 161 6.48 -27.78 12.63
C ASP C 161 6.21 -26.30 12.29
N ARG C 162 7.25 -25.56 11.95
CA ARG C 162 7.12 -24.12 11.74
C ARG C 162 6.29 -23.88 10.49
N SER C 163 6.45 -24.79 9.57
CA SER C 163 5.73 -24.75 8.35
C SER C 163 4.21 -24.85 8.56
N LEU C 164 3.78 -25.72 9.45
CA LEU C 164 2.37 -25.79 9.81
C LEU C 164 1.96 -24.45 10.37
N LEU C 165 2.79 -23.91 11.24
CA LEU C 165 2.44 -22.70 11.97
C LEU C 165 2.35 -21.54 10.99
N ARG C 166 3.28 -21.47 10.04
CA ARG C 166 3.28 -20.42 9.05
C ARG C 166 1.96 -20.48 8.27
N SER C 167 1.59 -21.67 7.86
CA SER C 167 0.42 -21.86 7.04
C SER C 167 -0.85 -21.44 7.77
N LEU C 168 -0.96 -21.81 9.03
CA LEU C 168 -2.17 -21.53 9.81
C LEU C 168 -2.27 -20.05 10.13
N LEU C 169 -1.18 -19.40 10.48
CA LEU C 169 -1.22 -17.98 10.80
C LEU C 169 -1.52 -17.20 9.53
N SER C 170 -1.08 -17.73 8.41
CA SER C 170 -1.21 -17.02 7.16
C SER C 170 -2.67 -17.11 6.74
N MET C 171 -3.29 -18.26 7.01
CA MET C 171 -4.74 -18.44 6.87
C MET C 171 -5.49 -17.38 7.71
N LEU C 172 -5.09 -17.24 8.98
CA LEU C 172 -5.72 -16.24 9.79
C LEU C 172 -5.61 -14.84 9.17
N SER C 173 -4.49 -14.51 8.54
CA SER C 173 -4.36 -13.21 7.88
C SER C 173 -5.24 -13.09 6.67
N ASP C 174 -5.28 -14.12 5.84
CA ASP C 174 -6.14 -14.09 4.67
C ASP C 174 -7.61 -13.91 5.07
N LEU C 175 -8.01 -14.57 6.15
CA LEU C 175 -9.36 -14.41 6.68
C LEU C 175 -9.54 -13.10 7.51
N GLN C 176 -8.50 -12.32 7.59
CA GLN C 176 -8.56 -11.01 8.28
C GLN C 176 -8.95 -11.08 9.74
N ILE C 177 -8.58 -12.17 10.43
CA ILE C 177 -8.86 -12.31 11.86
C ILE C 177 -7.61 -12.60 12.69
N TYR C 178 -6.45 -12.34 12.11
CA TYR C 178 -5.20 -12.49 12.82
C TYR C 178 -5.11 -11.52 14.01
N GLN C 179 -5.46 -10.25 13.80
CA GLN C 179 -5.37 -9.21 14.85
C GLN C 179 -6.34 -9.54 15.98
N ASP C 180 -7.60 -9.86 15.65
CA ASP C 180 -8.62 -10.15 16.65
C ASP C 180 -8.32 -11.40 17.45
N SER C 181 -8.31 -12.54 16.78
CA SER C 181 -8.26 -13.84 17.44
C SER C 181 -6.93 -14.15 18.12
N PHE C 182 -5.88 -14.00 17.36
CA PHE C 182 -4.56 -14.46 17.75
C PHE C 182 -3.66 -13.44 18.41
N GLU C 183 -3.55 -12.26 17.81
CA GLU C 183 -2.43 -11.40 18.14
C GLU C 183 -2.47 -10.89 19.57
N GLN C 184 -3.66 -10.55 20.09
CA GLN C 184 -3.77 -10.03 21.46
C GLN C 184 -3.42 -11.10 22.48
N ARG C 185 -3.88 -12.31 22.25
CA ARG C 185 -3.56 -13.42 23.15
C ARG C 185 -2.09 -13.74 23.05
N PHE C 186 -1.57 -13.69 21.84
CA PHE C 186 -0.13 -13.96 21.66
C PHE C 186 0.75 -12.96 22.38
N LEU C 187 0.39 -11.69 22.32
CA LEU C 187 1.14 -10.67 23.06
C LEU C 187 0.89 -10.80 24.56
N GLU C 188 -0.33 -11.14 24.98
CA GLU C 188 -0.51 -11.40 26.39
C GLU C 188 0.37 -12.55 26.88
N GLU C 189 0.42 -13.65 26.14
CA GLU C 189 1.18 -14.82 26.61
C GLU C 189 2.68 -14.50 26.59
N THR C 190 3.13 -13.79 25.57
CA THR C 190 4.53 -13.38 25.49
C THR C 190 4.91 -12.52 26.66
N ASN C 191 4.05 -11.55 26.98
CA ASN C 191 4.30 -10.67 28.11
C ASN C 191 4.42 -11.48 29.41
N ARG C 192 3.52 -12.44 29.61
CA ARG C 192 3.55 -13.25 30.81
C ARG C 192 4.85 -14.10 30.90
N LEU C 193 5.21 -14.78 29.80
CA LEU C 193 6.30 -15.71 29.80
C LEU C 193 7.61 -14.97 30.05
N TYR C 194 7.86 -13.88 29.32
CA TYR C 194 9.09 -13.12 29.50
C TYR C 194 9.14 -12.31 30.81
N ALA C 195 8.00 -11.91 31.35
CA ALA C 195 8.04 -11.27 32.68
C ALA C 195 8.62 -12.27 33.67
N ALA C 196 8.08 -13.50 33.65
CA ALA C 196 8.50 -14.55 34.61
C ALA C 196 9.95 -14.97 34.32
N GLU C 197 10.30 -15.10 33.05
CA GLU C 197 11.68 -15.45 32.67
C GLU C 197 12.70 -14.44 33.17
N GLY C 198 12.40 -13.16 32.95
CA GLY C 198 13.27 -12.06 33.44
C GLY C 198 13.57 -12.16 34.93
N GLN C 199 12.53 -12.38 35.73
CA GLN C 199 12.70 -12.44 37.18
C GLN C 199 13.46 -13.68 37.61
N LYS C 200 13.21 -14.78 36.91
CA LYS C 200 13.78 -16.06 37.26
C LYS C 200 15.25 -16.05 36.90
N LEU C 201 15.59 -15.59 35.70
CA LEU C 201 16.96 -15.72 35.24
C LEU C 201 17.88 -14.67 35.87
N MET C 202 17.31 -13.61 36.37
CA MET C 202 18.07 -12.54 37.05
C MET C 202 18.55 -13.04 38.38
N GLN C 203 17.86 -14.03 38.95
CA GLN C 203 18.29 -14.69 40.19
CA GLN C 203 18.34 -14.65 40.19
C GLN C 203 19.27 -15.81 39.89
N GLU C 204 19.00 -16.58 38.83
CA GLU C 204 19.78 -17.77 38.55
C GLU C 204 21.15 -17.48 37.93
N ARG C 205 21.29 -16.38 37.20
CA ARG C 205 22.46 -16.18 36.36
C ARG C 205 23.16 -14.90 36.62
N GLU C 206 24.48 -14.91 36.47
CA GLU C 206 25.29 -13.69 36.65
C GLU C 206 25.00 -12.79 35.47
N VAL C 207 25.38 -11.52 35.58
CA VAL C 207 25.00 -10.55 34.57
C VAL C 207 25.49 -10.95 33.18
N PRO C 208 26.76 -11.37 33.04
CA PRO C 208 27.25 -11.68 31.69
C PRO C 208 26.44 -12.76 30.98
N GLU C 209 26.13 -13.81 31.71
CA GLU C 209 25.26 -14.87 31.20
C GLU C 209 23.82 -14.40 30.97
N TYR C 210 23.33 -13.46 31.77
CA TYR C 210 21.96 -12.99 31.60
C TYR C 210 21.86 -12.18 30.34
N LEU C 211 22.82 -11.29 30.13
CA LEU C 211 22.81 -10.44 28.95
C LEU C 211 22.94 -11.29 27.68
N HIS C 212 23.83 -12.29 27.73
CA HIS C 212 23.98 -13.17 26.59
C HIS C 212 22.66 -13.86 26.26
N HIS C 213 21.94 -14.29 27.29
CA HIS C 213 20.62 -14.86 27.15
C HIS C 213 19.57 -13.91 26.62
N VAL C 214 19.57 -12.66 27.09
CA VAL C 214 18.61 -11.71 26.59
C VAL C 214 18.85 -11.51 25.10
N ASN C 215 20.12 -11.43 24.72
CA ASN C 215 20.43 -11.19 23.32
C ASN C 215 19.92 -12.35 22.53
N LYS C 216 20.07 -13.57 23.02
CA LYS C 216 19.62 -14.73 22.26
C LYS C 216 18.11 -14.66 22.05
N ARG C 217 17.38 -14.28 23.10
CA ARG C 217 15.94 -14.22 22.99
C ARG C 217 15.50 -13.19 21.97
N LEU C 218 16.19 -12.08 21.88
CA LEU C 218 15.83 -11.03 20.90
C LEU C 218 16.08 -11.55 19.49
N GLU C 219 17.18 -12.31 19.32
CA GLU C 219 17.49 -12.86 18.03
C GLU C 219 16.53 -13.95 17.64
N GLU C 220 16.09 -14.71 18.64
CA GLU C 220 15.13 -15.79 18.44
C GLU C 220 13.79 -15.22 18.00
N GLU C 221 13.31 -14.21 18.72
CA GLU C 221 12.02 -13.66 18.44
C GLU C 221 12.03 -12.99 17.06
N ALA C 222 13.11 -12.32 16.69
CA ALA C 222 13.27 -11.82 15.29
C ALA C 222 13.06 -12.94 14.31
N ASP C 223 13.66 -14.09 14.61
CA ASP C 223 13.53 -15.28 13.74
C ASP C 223 12.08 -15.81 13.69
N ARG C 224 11.38 -15.82 14.82
CA ARG C 224 10.00 -16.28 14.86
C ARG C 224 9.17 -15.36 14.01
N LEU C 225 9.48 -14.08 14.11
CA LEU C 225 8.74 -13.03 13.42
C LEU C 225 8.86 -13.15 11.90
N ILE C 226 10.08 -13.22 11.43
CA ILE C 226 10.40 -13.48 10.02
C ILE C 226 9.77 -14.79 9.53
N THR C 227 9.85 -15.84 10.32
CA THR C 227 9.58 -17.15 9.80
C THR C 227 8.12 -17.46 9.77
N TYR C 228 7.34 -17.03 10.77
CA TYR C 228 5.96 -17.45 10.76
C TYR C 228 4.93 -16.44 11.27
N LEU C 229 5.34 -15.32 11.87
CA LEU C 229 4.35 -14.36 12.35
C LEU C 229 4.16 -13.29 11.27
N ASP C 230 3.14 -12.46 11.43
CA ASP C 230 2.90 -11.35 10.54
C ASP C 230 3.77 -10.13 10.90
N GLN C 231 4.22 -9.37 9.90
CA GLN C 231 5.01 -8.18 10.17
C GLN C 231 4.30 -7.18 11.11
N THR C 232 2.98 -7.06 11.04
CA THR C 232 2.32 -6.14 11.95
C THR C 232 2.59 -6.45 13.43
N THR C 233 3.11 -7.62 13.76
CA THR C 233 3.31 -8.00 15.16
C THR C 233 4.70 -7.54 15.65
N GLN C 234 5.53 -7.09 14.73
CA GLN C 234 6.94 -6.88 15.03
C GLN C 234 7.20 -5.89 16.19
N LYS C 235 6.70 -4.68 16.07
CA LYS C 235 7.04 -3.67 17.06
C LYS C 235 6.60 -4.16 18.45
N SER C 236 5.33 -4.54 18.55
CA SER C 236 4.72 -5.01 19.81
C SER C 236 5.50 -6.12 20.44
N LEU C 237 5.88 -7.10 19.64
CA LEU C 237 6.57 -8.28 20.13
C LEU C 237 7.93 -7.85 20.68
N ILE C 238 8.77 -7.23 19.84
CA ILE C 238 10.10 -6.83 20.31
C ILE C 238 10.05 -5.86 21.53
N ALA C 239 9.12 -4.94 21.54
CA ALA C 239 9.00 -4.05 22.70
C ALA C 239 8.71 -4.86 23.95
N THR C 240 7.91 -5.92 23.81
CA THR C 240 7.53 -6.73 24.99
C THR C 240 8.73 -7.51 25.51
N VAL C 241 9.46 -8.14 24.62
CA VAL C 241 10.66 -8.81 25.02
C VAL C 241 11.63 -7.81 25.65
N GLU C 242 11.83 -6.66 25.02
CA GLU C 242 12.78 -5.65 25.54
C GLU C 242 12.37 -5.22 26.93
N LYS C 243 11.08 -5.01 27.12
CA LYS C 243 10.56 -4.45 28.35
C LYS C 243 10.74 -5.43 29.49
N GLN C 244 10.37 -6.69 29.25
CA GLN C 244 10.36 -7.64 30.33
C GLN C 244 11.76 -8.17 30.67
N LEU C 245 12.64 -8.33 29.70
CA LEU C 245 13.97 -8.86 30.01
C LEU C 245 14.96 -7.76 30.35
N LEU C 246 14.79 -6.54 29.85
CA LEU C 246 15.73 -5.43 30.14
C LEU C 246 15.07 -4.30 30.95
N GLY C 247 13.95 -3.76 30.44
CA GLY C 247 13.37 -2.56 31.02
C GLY C 247 13.07 -2.69 32.49
N GLU C 248 12.53 -3.84 32.85
CA GLU C 248 12.16 -4.10 34.24
C GLU C 248 13.38 -4.38 35.15
N HIS C 249 14.58 -4.50 34.59
CA HIS C 249 15.73 -4.91 35.37
C HIS C 249 16.96 -4.05 35.20
N LEU C 250 16.82 -2.92 34.53
CA LEU C 250 17.98 -2.04 34.26
C LEU C 250 18.79 -1.76 35.53
N THR C 251 18.15 -1.27 36.57
CA THR C 251 18.88 -0.90 37.76
C THR C 251 19.52 -2.11 38.43
N ALA C 252 18.79 -3.23 38.45
CA ALA C 252 19.20 -4.43 39.15
C ALA C 252 20.40 -5.00 38.42
N ILE C 253 20.41 -4.92 37.10
CA ILE C 253 21.51 -5.43 36.33
C ILE C 253 22.79 -4.65 36.66
N LEU C 254 22.68 -3.33 36.69
CA LEU C 254 23.86 -2.53 36.91
C LEU C 254 24.37 -2.73 38.34
N GLN C 255 23.44 -2.81 39.30
CA GLN C 255 23.79 -3.02 40.70
C GLN C 255 24.50 -4.33 40.92
N LYS C 256 24.05 -5.39 40.25
CA LYS C 256 24.57 -6.73 40.45
C LYS C 256 25.90 -6.93 39.71
N GLY C 257 26.04 -6.33 38.53
CA GLY C 257 27.17 -6.64 37.66
C GLY C 257 28.11 -5.59 37.08
N LEU C 258 27.74 -4.32 37.13
CA LEU C 258 28.52 -3.30 36.44
C LEU C 258 29.90 -3.11 37.04
N ASN C 259 30.00 -3.08 38.37
CA ASN C 259 31.32 -2.97 39.01
C ASN C 259 32.24 -4.10 38.57
N ASN C 260 31.73 -5.33 38.54
CA ASN C 260 32.58 -6.48 38.15
CA ASN C 260 32.56 -6.47 38.21
C ASN C 260 32.98 -6.33 36.72
N LEU C 261 32.05 -5.94 35.85
CA LEU C 261 32.39 -5.82 34.45
C LEU C 261 33.49 -4.78 34.24
N LEU C 262 33.39 -3.65 34.93
CA LEU C 262 34.41 -2.62 34.80
C LEU C 262 35.71 -3.00 35.53
N ASP C 263 35.60 -3.55 36.74
CA ASP C 263 36.84 -3.84 37.50
C ASP C 263 37.68 -4.80 36.66
N GLU C 264 37.01 -5.82 36.14
CA GLU C 264 37.65 -6.96 35.50
C GLU C 264 37.90 -6.66 34.00
N ASN C 265 37.51 -5.47 33.55
CA ASN C 265 37.77 -5.02 32.18
C ASN C 265 37.13 -5.91 31.11
N ARG C 266 35.87 -6.27 31.31
CA ARG C 266 35.19 -7.18 30.45
C ARG C 266 34.55 -6.48 29.26
N ILE C 267 35.35 -6.27 28.22
CA ILE C 267 35.01 -5.41 27.09
C ILE C 267 33.90 -5.95 26.23
N GLN C 268 33.98 -7.21 25.86
CA GLN C 268 32.88 -7.85 25.13
C GLN C 268 31.54 -7.67 25.86
N ASP C 269 31.51 -7.92 27.15
CA ASP C 269 30.26 -7.88 27.90
C ASP C 269 29.79 -6.44 28.05
N LEU C 270 30.72 -5.51 28.28
CA LEU C 270 30.37 -4.08 28.32
C LEU C 270 29.79 -3.62 26.95
N SER C 271 30.36 -4.08 25.84
CA SER C 271 29.81 -3.74 24.55
C SER C 271 28.37 -4.20 24.44
N LEU C 272 28.12 -5.46 24.81
CA LEU C 272 26.82 -6.04 24.72
C LEU C 272 25.86 -5.28 25.62
N LEU C 273 26.31 -4.97 26.83
CA LEU C 273 25.47 -4.24 27.75
C LEU C 273 25.01 -2.95 27.08
N TYR C 274 25.93 -2.22 26.48
CA TYR C 274 25.57 -0.94 25.92
C TYR C 274 24.60 -1.13 24.75
N GLN C 275 24.84 -2.13 23.91
CA GLN C 275 23.95 -2.40 22.76
C GLN C 275 22.56 -2.71 23.23
N LEU C 276 22.45 -3.58 24.23
CA LEU C 276 21.14 -3.92 24.79
C LEU C 276 20.42 -2.73 25.48
N PHE C 277 21.14 -1.99 26.29
CA PHE C 277 20.51 -0.92 27.03
C PHE C 277 20.09 0.18 26.07
N SER C 278 20.79 0.31 24.95
CA SER C 278 20.43 1.29 23.93
C SER C 278 19.07 1.08 23.35
N ARG C 279 18.55 -0.14 23.49
CA ARG C 279 17.25 -0.49 22.92
C ARG C 279 16.06 -0.05 23.74
N VAL C 280 16.29 0.37 24.97
CA VAL C 280 15.24 0.53 25.99
C VAL C 280 15.19 1.93 26.62
N ARG C 281 13.99 2.40 26.87
CA ARG C 281 13.83 3.70 27.50
C ARG C 281 14.61 3.71 28.79
N GLY C 282 15.40 4.77 28.96
CA GLY C 282 16.17 4.98 30.18
C GLY C 282 17.45 4.21 30.27
N GLY C 283 17.70 3.36 29.29
CA GLY C 283 18.83 2.46 29.38
C GLY C 283 20.20 3.12 29.46
N VAL C 284 20.52 3.93 28.47
CA VAL C 284 21.84 4.57 28.43
C VAL C 284 21.93 5.58 29.56
N GLN C 285 20.78 6.16 29.94
CA GLN C 285 20.78 7.15 30.99
C GLN C 285 21.21 6.54 32.35
N VAL C 286 20.62 5.42 32.70
CA VAL C 286 20.89 4.75 33.95
C VAL C 286 22.33 4.27 33.90
N LEU C 287 22.76 3.73 32.75
CA LEU C 287 24.15 3.34 32.58
C LEU C 287 25.11 4.52 32.83
N LEU C 288 24.75 5.67 32.27
CA LEU C 288 25.62 6.84 32.31
C LEU C 288 25.84 7.29 33.72
N GLN C 289 24.76 7.26 34.49
CA GLN C 289 24.83 7.70 35.86
C GLN C 289 25.72 6.76 36.70
N GLN C 290 25.62 5.45 36.49
CA GLN C 290 26.42 4.51 37.27
C GLN C 290 27.90 4.55 36.86
N TRP C 291 28.13 4.93 35.61
CA TRP C 291 29.44 5.15 35.06
C TRP C 291 30.15 6.29 35.75
N ILE C 292 29.45 7.42 35.88
CA ILE C 292 29.94 8.54 36.66
C ILE C 292 30.28 8.10 38.08
N GLU C 293 29.46 7.23 38.64
CA GLU C 293 29.63 6.88 40.04
C GLU C 293 30.89 6.02 40.23
N TYR C 294 31.06 5.07 39.32
CA TYR C 294 32.17 4.15 39.32
C TYR C 294 33.47 4.92 39.23
N ILE C 295 33.51 5.88 38.30
CA ILE C 295 34.75 6.61 38.03
C ILE C 295 35.12 7.47 39.23
N LYS C 296 34.13 8.15 39.83
CA LYS C 296 34.38 8.89 41.07
C LYS C 296 34.90 8.01 42.22
N ALA C 297 34.25 6.86 42.44
CA ALA C 297 34.69 5.92 43.50
C ALA C 297 36.07 5.32 43.23
N PHE C 298 36.30 4.81 42.04
CA PHE C 298 37.55 4.12 41.72
C PHE C 298 38.71 5.10 41.74
N GLY C 299 38.46 6.28 41.18
CA GLY C 299 39.44 7.36 41.17
C GLY C 299 39.82 7.82 42.55
N SER C 300 38.82 7.93 43.41
CA SER C 300 39.04 8.29 44.78
C SER C 300 39.89 7.23 45.48
N THR C 301 39.68 5.96 45.19
CA THR C 301 40.49 4.89 45.82
C THR C 301 41.93 4.86 45.34
N ILE C 302 42.18 5.34 44.13
CA ILE C 302 43.55 5.45 43.66
C ILE C 302 44.24 6.53 44.48
N VAL C 303 43.69 7.73 44.46
CA VAL C 303 44.36 8.87 45.13
C VAL C 303 44.46 8.69 46.65
N ILE C 304 43.53 7.97 47.27
CA ILE C 304 43.53 7.78 48.74
C ILE C 304 44.34 6.53 49.17
N ASN C 305 44.06 5.36 48.58
CA ASN C 305 44.80 4.13 48.88
CA ASN C 305 44.80 4.14 48.89
C ASN C 305 45.55 3.59 47.63
N PRO C 306 46.60 4.33 47.15
CA PRO C 306 47.36 3.91 45.93
C PRO C 306 48.03 2.55 46.08
N GLU C 307 48.30 1.90 44.95
CA GLU C 307 49.03 0.61 44.90
C GLU C 307 50.54 0.92 44.96
N LYS C 308 51.27 0.17 45.81
CA LYS C 308 52.66 0.51 46.12
C LYS C 308 53.53 0.31 44.86
N ASP C 309 53.24 -0.73 44.07
CA ASP C 309 54.00 -1.10 42.87
C ASP C 309 53.86 -0.17 41.64
N LYS C 310 53.00 0.83 41.70
CA LYS C 310 52.98 1.86 40.67
C LYS C 310 53.18 3.26 41.26
N THR C 311 53.65 4.19 40.43
CA THR C 311 53.70 5.59 40.80
C THR C 311 52.24 6.09 40.72
N MET C 312 51.96 7.19 41.38
CA MET C 312 50.62 7.75 41.37
C MET C 312 50.22 8.13 39.94
N ARG C 313 51.14 8.76 39.25
CA ARG C 313 50.96 9.17 37.88
C ARG C 313 50.64 7.98 36.98
N GLN C 314 51.42 6.90 37.08
CA GLN C 314 51.20 5.63 36.33
C GLN C 314 49.86 5.01 36.60
N GLU C 315 49.42 5.05 37.86
CA GLU C 315 48.16 4.44 38.21
C GLU C 315 47.03 5.23 37.57
N LEU C 316 47.15 6.54 37.57
CA LEU C 316 46.11 7.41 37.01
C LEU C 316 46.07 7.35 35.48
N ASP C 317 47.25 7.30 34.84
CA ASP C 317 47.30 7.11 33.41
C ASP C 317 46.69 5.77 33.00
N ASP C 318 46.97 4.71 33.76
CA ASP C 318 46.45 3.37 33.47
C ASP C 318 44.94 3.40 33.49
N PHE C 319 44.39 4.05 34.49
CA PHE C 319 42.96 4.15 34.64
C PHE C 319 42.34 4.99 33.50
N LYS C 320 42.95 6.12 33.19
CA LYS C 320 42.50 6.92 32.05
C LYS C 320 42.50 6.09 30.75
N ASP C 321 43.57 5.34 30.51
CA ASP C 321 43.67 4.54 29.29
C ASP C 321 42.56 3.48 29.23
N LYS C 322 42.31 2.84 30.38
CA LYS C 322 41.34 1.77 30.45
C LYS C 322 39.98 2.36 30.13
N VAL C 323 39.70 3.49 30.74
CA VAL C 323 38.41 4.12 30.62
C VAL C 323 38.19 4.66 29.19
N ASP C 324 39.20 5.32 28.62
CA ASP C 324 39.13 5.82 27.23
C ASP C 324 38.82 4.70 26.27
N HIS C 325 39.46 3.57 26.49
CA HIS C 325 39.30 2.38 25.63
C HIS C 325 37.89 1.81 25.70
N ILE C 326 37.30 1.79 26.89
CA ILE C 326 35.94 1.35 27.08
C ILE C 326 34.97 2.31 26.39
N ILE C 327 35.15 3.60 26.58
CA ILE C 327 34.32 4.56 25.88
C ILE C 327 34.36 4.32 24.38
N ASP C 328 35.57 4.13 23.89
CA ASP C 328 35.85 4.00 22.45
C ASP C 328 35.26 2.75 21.83
N ILE C 329 35.35 1.62 22.50
CA ILE C 329 34.86 0.41 21.92
C ILE C 329 33.48 0.02 22.41
N CYS C 330 33.28 0.06 23.72
CA CYS C 330 32.02 -0.43 24.26
C CYS C 330 30.90 0.54 24.10
N PHE C 331 31.21 1.83 24.23
CA PHE C 331 30.20 2.90 24.17
C PHE C 331 30.26 3.73 22.89
N LEU C 332 30.92 3.18 21.89
CA LEU C 332 30.90 3.76 20.54
C LEU C 332 31.31 5.23 20.44
N LYS C 333 32.28 5.64 21.23
CA LYS C 333 32.82 7.01 21.21
C LYS C 333 31.79 8.07 21.65
N ASN C 334 30.76 7.65 22.40
CA ASN C 334 29.67 8.51 22.83
C ASN C 334 30.17 9.73 23.65
N GLU C 335 29.98 10.93 23.09
CA GLU C 335 30.45 12.18 23.70
C GLU C 335 29.97 12.37 25.16
N LYS C 336 28.74 11.96 25.44
CA LYS C 336 28.17 12.05 26.79
C LYS C 336 29.01 11.30 27.82
N PHE C 337 29.52 10.14 27.45
CA PHE C 337 30.39 9.42 28.36
C PHE C 337 31.77 10.03 28.46
N ILE C 338 32.24 10.69 27.40
CA ILE C 338 33.57 11.32 27.44
C ILE C 338 33.47 12.48 28.45
N ASN C 339 32.45 13.33 28.30
CA ASN C 339 32.21 14.43 29.22
CA ASN C 339 32.19 14.46 29.21
C ASN C 339 31.99 13.99 30.65
N ALA C 340 31.17 12.94 30.83
CA ALA C 340 30.89 12.45 32.17
C ALA C 340 32.24 12.04 32.81
N MET C 341 33.08 11.36 32.04
CA MET C 341 34.39 10.90 32.51
C MET C 341 35.34 12.06 32.85
N LYS C 342 35.40 13.07 31.97
CA LYS C 342 36.31 14.20 32.23
C LYS C 342 35.89 14.90 33.51
N GLU C 343 34.58 15.15 33.66
CA GLU C 343 34.02 15.77 34.87
C GLU C 343 34.35 14.92 36.09
N ALA C 344 34.07 13.63 35.99
CA ALA C 344 34.34 12.70 37.07
C ALA C 344 35.80 12.70 37.49
N PHE C 345 36.71 12.77 36.52
CA PHE C 345 38.15 12.78 36.84
C PHE C 345 38.52 14.00 37.65
N GLU C 346 37.94 15.15 37.33
CA GLU C 346 38.24 16.37 38.08
C GLU C 346 37.83 16.30 39.54
N THR C 347 37.00 15.32 39.91
CA THR C 347 36.71 15.01 41.32
C THR C 347 37.92 14.47 42.09
N PHE C 348 38.98 14.06 41.38
CA PHE C 348 40.19 13.55 42.04
C PHE C 348 41.53 13.98 41.40
N ILE C 349 41.59 14.15 40.08
CA ILE C 349 42.84 14.57 39.39
C ILE C 349 42.98 16.10 39.51
N ASP D 11 8.22 42.57 -3.24
CA ASP D 11 9.68 42.59 -2.94
C ASP D 11 9.97 42.72 -1.43
N GLU D 12 9.39 43.73 -0.78
CA GLU D 12 9.42 43.84 0.69
C GLU D 12 8.88 42.53 1.30
N THR D 13 7.78 42.04 0.74
CA THR D 13 7.10 40.88 1.25
C THR D 13 7.96 39.62 1.05
N TRP D 14 8.46 39.43 -0.16
CA TRP D 14 9.33 38.30 -0.43
C TRP D 14 10.57 38.30 0.43
N GLN D 15 11.15 39.48 0.68
CA GLN D 15 12.38 39.57 1.48
C GLN D 15 12.18 38.97 2.85
N LYS D 16 11.05 39.25 3.48
CA LYS D 16 10.79 38.68 4.81
C LYS D 16 10.91 37.14 4.76
N LEU D 17 10.27 36.54 3.76
CA LEU D 17 10.33 35.09 3.60
C LEU D 17 11.75 34.63 3.26
N LYS D 18 12.48 35.37 2.42
CA LYS D 18 13.87 35.01 2.12
C LYS D 18 14.66 34.99 3.42
N GLU D 19 14.53 36.01 4.25
CA GLU D 19 15.30 36.07 5.49
C GLU D 19 14.89 34.96 6.44
N ALA D 20 13.59 34.69 6.51
CA ALA D 20 13.09 33.64 7.38
C ALA D 20 13.70 32.32 7.01
N VAL D 21 13.66 31.99 5.73
CA VAL D 21 14.19 30.70 5.22
C VAL D 21 15.70 30.58 5.46
N GLU D 22 16.44 31.66 5.28
CA GLU D 22 17.88 31.67 5.56
C GLU D 22 18.15 31.41 7.04
N ALA D 23 17.34 32.03 7.91
CA ALA D 23 17.46 31.79 9.33
C ALA D 23 17.23 30.31 9.63
N ILE D 24 16.23 29.73 8.99
CA ILE D 24 15.96 28.31 9.20
C ILE D 24 17.19 27.52 8.73
N GLN D 25 17.79 27.96 7.62
CA GLN D 25 18.87 27.21 6.99
C GLN D 25 20.16 27.29 7.80
N ASN D 26 20.40 28.40 8.46
CA ASN D 26 21.56 28.55 9.32
C ASN D 26 21.24 28.27 10.77
N SER D 27 20.03 27.82 11.07
CA SER D 27 19.61 27.52 12.45
C SER D 27 19.72 28.70 13.43
N THR D 28 19.53 29.91 12.92
CA THR D 28 19.55 31.09 13.77
C THR D 28 18.11 31.52 14.12
N SER D 29 17.87 32.77 14.56
CA SER D 29 16.53 33.23 14.98
C SER D 29 15.66 33.65 13.79
N ILE D 30 14.37 33.35 13.85
CA ILE D 30 13.44 33.89 12.88
C ILE D 30 12.94 35.20 13.43
N LYS D 31 13.41 36.31 12.85
CA LYS D 31 13.20 37.63 13.44
C LYS D 31 11.88 38.30 13.05
N TYR D 32 10.89 37.50 12.68
CA TYR D 32 9.53 37.94 12.42
C TYR D 32 8.60 37.09 13.25
N ASN D 33 7.43 37.61 13.60
CA ASN D 33 6.46 36.71 14.20
C ASN D 33 5.76 35.90 13.10
N LEU D 34 5.36 34.69 13.45
CA LEU D 34 4.94 33.72 12.44
C LEU D 34 3.75 34.20 11.60
N GLU D 35 2.76 34.80 12.25
CA GLU D 35 1.58 35.37 11.57
C GLU D 35 1.95 36.22 10.34
N GLU D 36 2.97 37.04 10.50
CA GLU D 36 3.41 37.94 9.45
C GLU D 36 3.92 37.14 8.26
N LEU D 37 4.59 36.02 8.52
CA LEU D 37 5.10 35.18 7.46
C LEU D 37 3.95 34.46 6.75
N TYR D 38 3.02 33.91 7.52
CA TYR D 38 1.90 33.19 6.92
C TYR D 38 1.19 34.11 5.99
N GLN D 39 1.03 35.36 6.45
CA GLN D 39 0.37 36.39 5.67
C GLN D 39 1.15 36.70 4.39
N ALA D 40 2.47 36.81 4.53
CA ALA D 40 3.32 37.10 3.40
C ALA D 40 3.14 36.03 2.32
N VAL D 41 3.04 34.77 2.73
CA VAL D 41 2.87 33.68 1.76
C VAL D 41 1.52 33.78 1.09
N GLU D 42 0.50 34.14 1.86
CA GLU D 42 -0.86 34.17 1.35
C GLU D 42 -1.01 35.32 0.39
N ASN D 43 -0.45 36.48 0.73
CA ASN D 43 -0.45 37.63 -0.19
C ASN D 43 0.26 37.31 -1.52
N LEU D 44 1.44 36.71 -1.44
CA LEU D 44 2.24 36.46 -2.65
C LEU D 44 1.56 35.46 -3.62
N CYS D 45 0.79 34.52 -3.09
CA CYS D 45 -0.19 33.77 -3.89
C CYS D 45 -1.45 34.65 -4.07
N ASN D 52 5.37 31.66 -9.78
CA ASN D 52 6.74 32.06 -9.46
C ASN D 52 7.16 31.84 -8.01
N LEU D 53 6.28 31.95 -7.02
CA LEU D 53 6.71 31.80 -5.63
C LEU D 53 7.32 30.41 -5.36
N TYR D 54 6.77 29.39 -5.99
CA TYR D 54 7.30 28.05 -5.83
C TYR D 54 8.71 28.00 -6.40
N LYS D 55 8.90 28.61 -7.57
CA LYS D 55 10.21 28.57 -8.22
C LYS D 55 11.23 29.31 -7.39
N GLN D 56 10.82 30.40 -6.75
CA GLN D 56 11.71 31.19 -5.90
C GLN D 56 12.13 30.39 -4.69
N LEU D 57 11.21 29.64 -4.11
CA LEU D 57 11.50 28.84 -2.94
C LEU D 57 12.39 27.69 -3.32
N ARG D 58 12.05 27.02 -4.43
CA ARG D 58 12.89 25.93 -4.95
C ARG D 58 14.31 26.43 -5.11
N GLN D 59 14.47 27.61 -5.73
CA GLN D 59 15.80 28.13 -5.97
C GLN D 59 16.60 28.38 -4.68
N ILE D 60 16.03 29.05 -3.68
CA ILE D 60 16.81 29.27 -2.45
C ILE D 60 17.04 27.96 -1.68
N CYS D 61 16.14 26.98 -1.82
CA CYS D 61 16.40 25.67 -1.29
C CYS D 61 17.59 25.04 -2.04
N GLU D 62 17.57 25.07 -3.36
CA GLU D 62 18.64 24.46 -4.12
C GLU D 62 19.97 25.11 -3.79
N ASP D 63 19.99 26.42 -3.68
CA ASP D 63 21.24 27.13 -3.44
C ASP D 63 21.91 26.60 -2.17
N HIS D 64 21.10 26.42 -1.14
CA HIS D 64 21.65 26.02 0.14
C HIS D 64 22.11 24.57 0.12
N ILE D 65 21.28 23.68 -0.41
CA ILE D 65 21.63 22.27 -0.51
C ILE D 65 22.92 22.09 -1.32
N LYS D 66 23.01 22.71 -2.49
CA LYS D 66 24.26 22.67 -3.29
C LYS D 66 25.48 23.02 -2.45
N ALA D 67 25.36 24.03 -1.61
CA ALA D 67 26.45 24.50 -0.76
C ALA D 67 26.85 23.46 0.31
N GLN D 68 25.97 22.54 0.67
CA GLN D 68 26.34 21.52 1.64
C GLN D 68 27.23 20.40 1.08
N ILE D 69 27.61 20.43 -0.21
CA ILE D 69 28.40 19.34 -0.81
C ILE D 69 29.83 19.40 -0.34
N HIS D 70 30.30 20.61 -0.06
CA HIS D 70 31.71 20.83 0.08
C HIS D 70 32.27 20.19 1.31
N GLN D 71 31.50 20.12 2.38
CA GLN D 71 31.98 19.45 3.59
C GLN D 71 32.37 17.97 3.39
N PHE D 72 31.85 17.34 2.34
CA PHE D 72 32.16 15.93 2.03
C PHE D 72 33.35 15.70 1.11
N ARG D 73 34.15 16.74 0.86
CA ARG D 73 35.44 16.56 0.17
C ARG D 73 36.63 16.51 1.14
N GLU D 74 36.37 16.62 2.44
CA GLU D 74 37.41 16.76 3.46
C GLU D 74 38.10 15.41 3.76
N ASP D 75 38.07 14.51 2.77
CA ASP D 75 38.36 13.09 2.92
C ASP D 75 39.60 12.62 2.14
N LEU D 77 39.16 11.37 5.65
CA LEU D 77 38.27 11.27 6.82
C LEU D 77 37.81 9.83 7.19
N ASP D 78 37.94 9.51 8.49
CA ASP D 78 37.39 8.29 9.12
C ASP D 78 35.96 7.93 8.64
N SER D 79 35.74 6.67 8.33
CA SER D 79 34.50 6.22 7.73
C SER D 79 33.27 6.53 8.59
N VAL D 80 33.32 6.19 9.87
CA VAL D 80 32.20 6.46 10.80
C VAL D 80 31.94 7.96 10.94
N LEU D 81 33.03 8.75 11.01
CA LEU D 81 32.87 10.18 11.14
C LEU D 81 32.25 10.75 9.90
N PHE D 82 32.59 10.16 8.76
CA PHE D 82 31.96 10.59 7.51
C PHE D 82 30.45 10.29 7.53
N LEU D 83 30.08 9.07 7.90
CA LEU D 83 28.68 8.69 7.95
C LEU D 83 27.92 9.57 8.93
N LYS D 84 28.51 9.91 10.06
CA LYS D 84 27.81 10.78 11.00
C LYS D 84 27.55 12.14 10.37
N LYS D 85 28.47 12.58 9.50
CA LYS D 85 28.41 13.91 8.90
C LYS D 85 27.32 13.91 7.85
N ILE D 86 27.25 12.87 7.07
CA ILE D 86 26.06 12.67 6.25
C ILE D 86 24.73 12.63 7.03
N ASP D 87 24.69 11.88 8.13
CA ASP D 87 23.45 11.81 8.92
C ASP D 87 23.05 13.17 9.48
N ARG D 88 24.02 13.94 9.94
CA ARG D 88 23.71 15.25 10.47
C ARG D 88 23.11 16.10 9.34
N CYS D 89 23.67 15.98 8.15
CA CYS D 89 23.27 16.80 7.04
C CYS D 89 21.84 16.42 6.65
N TRP D 90 21.57 15.14 6.71
CA TRP D 90 20.23 14.63 6.44
C TRP D 90 19.22 15.07 7.44
N GLN D 91 19.57 15.02 8.73
CA GLN D 91 18.64 15.49 9.75
C GLN D 91 18.37 16.98 9.53
N ASN D 92 19.41 17.78 9.33
CA ASN D 92 19.19 19.21 9.20
C ASN D 92 18.34 19.54 8.01
N HIS D 93 18.63 18.90 6.88
CA HIS D 93 17.79 19.02 5.72
C HIS D 93 16.34 18.74 6.05
N CYS D 94 16.06 17.60 6.67
CA CYS D 94 14.67 17.23 6.95
C CYS D 94 14.01 18.28 7.84
N ARG D 95 14.73 18.67 8.86
CA ARG D 95 14.20 19.56 9.86
C ARG D 95 13.82 20.88 9.19
N GLN D 96 14.72 21.34 8.32
CA GLN D 96 14.56 22.61 7.66
C GLN D 96 13.38 22.56 6.72
N MET D 97 13.27 21.47 5.97
CA MET D 97 12.21 21.33 4.98
C MET D 97 10.85 21.18 5.63
N ILE D 98 10.78 20.54 6.80
CA ILE D 98 9.51 20.43 7.50
C ILE D 98 9.09 21.80 7.95
N MET D 99 10.04 22.61 8.40
CA MET D 99 9.71 23.94 8.91
C MET D 99 9.29 24.88 7.77
N ILE D 100 9.99 24.79 6.63
CA ILE D 100 9.66 25.58 5.47
C ILE D 100 8.28 25.19 5.01
N ARG D 101 8.04 23.90 5.01
CA ARG D 101 6.74 23.41 4.64
C ARG D 101 5.60 23.97 5.50
N SER D 102 5.87 24.24 6.78
CA SER D 102 4.85 24.81 7.67
C SER D 102 4.52 26.21 7.26
N ILE D 103 5.55 27.00 6.97
CA ILE D 103 5.35 28.40 6.62
C ILE D 103 4.64 28.53 5.28
N PHE D 104 4.99 27.65 4.34
CA PHE D 104 4.45 27.70 3.00
C PHE D 104 3.31 26.72 2.81
N LEU D 105 2.72 26.26 3.89
CA LEU D 105 1.60 25.33 3.77
C LEU D 105 0.53 25.79 2.77
N PHE D 106 0.21 27.09 2.78
CA PHE D 106 -0.78 27.60 1.84
C PHE D 106 -0.40 27.33 0.37
N LEU D 107 0.88 27.43 0.08
CA LEU D 107 1.35 27.20 -1.27
C LEU D 107 1.19 25.71 -1.67
N ASP D 108 1.66 24.81 -0.81
CA ASP D 108 1.46 23.36 -0.97
C ASP D 108 0.02 22.96 -1.20
N ARG D 109 -0.90 23.59 -0.48
CA ARG D 109 -2.26 23.10 -0.46
C ARG D 109 -3.05 23.64 -1.58
N THR D 110 -2.62 24.74 -2.17
CA THR D 110 -3.41 25.30 -3.23
C THR D 110 -2.86 24.65 -4.47
N TYR D 111 -1.58 24.29 -4.44
CA TYR D 111 -0.98 23.55 -5.55
C TYR D 111 -1.71 22.16 -5.63
N VAL D 112 -1.86 21.51 -4.47
CA VAL D 112 -2.69 20.27 -4.32
C VAL D 112 -4.20 20.46 -4.62
N LEU D 113 -4.76 21.63 -4.29
CA LEU D 113 -6.18 21.92 -4.61
C LEU D 113 -6.34 22.33 -6.08
N GLN D 114 -5.25 22.56 -6.79
CA GLN D 114 -5.29 22.89 -8.21
C GLN D 114 -4.74 21.84 -9.15
N ASN D 115 -4.48 20.60 -8.70
CA ASN D 115 -4.07 19.50 -9.62
C ASN D 115 -2.62 19.57 -10.12
N SER D 116 -1.80 20.47 -9.58
CA SER D 116 -0.46 20.69 -10.14
C SER D 116 0.41 19.43 -10.29
N MET D 117 1.19 19.41 -11.37
CA MET D 117 2.13 18.33 -11.59
C MET D 117 3.47 18.60 -10.88
N LEU D 118 3.58 19.73 -10.22
CA LEU D 118 4.80 20.04 -9.44
C LEU D 118 4.82 19.22 -8.15
N PRO D 119 5.98 18.67 -7.79
CA PRO D 119 6.04 17.95 -6.52
C PRO D 119 5.73 18.85 -5.36
N SER D 120 5.22 18.26 -4.29
CA SER D 120 5.02 18.95 -3.02
C SER D 120 6.33 19.54 -2.56
N ILE D 121 6.26 20.49 -1.64
CA ILE D 121 7.47 21.11 -1.12
C ILE D 121 8.43 20.05 -0.55
N TRP D 122 7.87 19.10 0.22
CA TRP D 122 8.65 18.05 0.86
C TRP D 122 9.37 17.25 -0.18
N ASP D 123 8.66 16.84 -1.22
CA ASP D 123 9.24 15.98 -2.28
C ASP D 123 10.23 16.75 -3.13
N MET D 124 9.99 18.04 -3.30
CA MET D 124 10.90 18.90 -4.01
C MET D 124 12.24 18.87 -3.27
N GLY D 125 12.19 19.00 -1.94
CA GLY D 125 13.38 18.86 -1.09
C GLY D 125 14.12 17.55 -1.30
N LEU D 126 13.38 16.44 -1.35
CA LEU D 126 14.04 15.15 -1.53
C LEU D 126 14.75 15.11 -2.89
N GLU D 127 14.13 15.60 -3.96
CA GLU D 127 14.77 15.59 -5.28
C GLU D 127 16.06 16.38 -5.23
N LEU D 128 16.04 17.53 -4.57
CA LEU D 128 17.24 18.35 -4.43
C LEU D 128 18.33 17.66 -3.64
N PHE D 129 17.98 17.04 -2.51
CA PHE D 129 18.99 16.33 -1.71
C PHE D 129 19.58 15.14 -2.47
N ARG D 130 18.72 14.35 -3.10
CA ARG D 130 19.17 13.27 -3.95
C ARG D 130 20.13 13.81 -5.04
N ALA D 131 19.71 14.84 -5.75
CA ALA D 131 20.42 15.29 -6.95
C ALA D 131 21.79 15.85 -6.60
N HIS D 132 21.87 16.60 -5.50
CA HIS D 132 23.07 17.34 -5.14
C HIS D 132 23.97 16.75 -4.08
N ILE D 133 23.47 15.89 -3.19
CA ILE D 133 24.32 15.31 -2.16
C ILE D 133 24.51 13.83 -2.41
N ILE D 134 23.49 13.03 -2.20
CA ILE D 134 23.64 11.57 -2.25
C ILE D 134 23.90 11.00 -3.66
N SER D 135 23.56 11.72 -4.72
CA SER D 135 23.79 11.17 -6.07
C SER D 135 25.21 11.29 -6.52
N ASP D 136 25.94 12.23 -5.91
CA ASP D 136 27.36 12.44 -6.24
C ASP D 136 28.11 11.12 -6.06
N GLN D 137 28.91 10.76 -7.06
CA GLN D 137 29.53 9.44 -7.09
C GLN D 137 30.45 9.21 -5.87
N LYS D 138 31.24 10.23 -5.52
CA LYS D 138 32.13 10.13 -4.37
C LYS D 138 31.35 10.00 -3.09
N VAL D 139 30.40 10.91 -2.86
CA VAL D 139 29.59 10.79 -1.63
C VAL D 139 28.82 9.48 -1.55
N GLN D 140 28.28 9.00 -2.67
CA GLN D 140 27.46 7.80 -2.60
C GLN D 140 28.34 6.58 -2.30
N ASN D 141 29.40 6.42 -3.08
CA ASN D 141 30.34 5.33 -2.83
C ASN D 141 30.82 5.34 -1.35
N LYS D 142 31.12 6.50 -0.80
CA LYS D 142 31.68 6.54 0.55
C LYS D 142 30.61 6.21 1.55
N THR D 143 29.40 6.72 1.32
CA THR D 143 28.29 6.40 2.20
C THR D 143 27.93 4.91 2.18
N ILE D 144 27.77 4.34 0.99
CA ILE D 144 27.44 2.93 0.89
C ILE D 144 28.59 2.05 1.39
N ASP D 145 29.84 2.37 1.04
CA ASP D 145 31.00 1.62 1.56
C ASP D 145 30.99 1.59 3.10
N GLY D 146 30.65 2.72 3.72
CA GLY D 146 30.69 2.83 5.16
C GLY D 146 29.61 2.00 5.82
N ILE D 147 28.42 2.05 5.22
CA ILE D 147 27.30 1.27 5.71
C ILE D 147 27.68 -0.19 5.66
N LEU D 148 28.22 -0.63 4.52
CA LEU D 148 28.57 -2.04 4.33
C LEU D 148 29.65 -2.46 5.31
N LEU D 149 30.58 -1.57 5.57
CA LEU D 149 31.66 -1.86 6.51
C LEU D 149 31.12 -2.03 7.93
N LEU D 150 30.11 -1.25 8.32
CA LEU D 150 29.57 -1.38 9.66
C LEU D 150 28.88 -2.72 9.82
N ILE D 151 28.14 -3.14 8.80
CA ILE D 151 27.51 -4.45 8.81
C ILE D 151 28.58 -5.55 8.88
N GLU D 152 29.63 -5.44 8.06
CA GLU D 152 30.66 -6.45 8.07
C GLU D 152 31.29 -6.54 9.47
N ARG D 153 31.64 -5.40 10.05
CA ARG D 153 32.19 -5.38 11.37
C ARG D 153 31.27 -6.06 12.36
N GLU D 154 29.96 -5.83 12.22
CA GLU D 154 28.99 -6.42 13.18
C GLU D 154 29.00 -7.90 13.01
N ARG D 155 29.05 -8.34 11.77
CA ARG D 155 29.03 -9.79 11.50
C ARG D 155 30.26 -10.42 12.05
N ASN D 156 31.35 -9.67 12.19
CA ASN D 156 32.57 -10.18 12.81
C ASN D 156 32.66 -10.07 14.32
N GLY D 157 31.59 -9.60 14.98
CA GLY D 157 31.60 -9.55 16.45
C GLY D 157 31.88 -8.21 17.06
N GLU D 158 32.07 -7.18 16.24
CA GLU D 158 32.30 -5.86 16.77
C GLU D 158 30.94 -5.20 17.12
N ALA D 159 30.96 -4.28 18.07
CA ALA D 159 29.83 -3.46 18.40
C ALA D 159 29.82 -2.23 17.47
N ILE D 160 28.69 -1.97 16.83
CA ILE D 160 28.50 -0.76 16.05
C ILE D 160 27.25 0.06 16.49
N ASP D 161 27.09 1.25 15.91
CA ASP D 161 25.94 2.14 16.13
C ASP D 161 24.74 1.78 15.22
N ARG D 162 23.87 0.90 15.70
CA ARG D 162 22.79 0.36 14.86
C ARG D 162 21.80 1.47 14.54
N SER D 163 21.69 2.36 15.49
CA SER D 163 20.91 3.54 15.33
C SER D 163 21.38 4.45 14.18
N LEU D 164 22.67 4.64 14.03
CA LEU D 164 23.20 5.38 12.89
C LEU D 164 22.84 4.66 11.64
N LEU D 165 23.00 3.35 11.66
CA LEU D 165 22.76 2.55 10.46
C LEU D 165 21.26 2.61 10.06
N ARG D 166 20.36 2.59 11.06
CA ARG D 166 18.93 2.60 10.81
C ARG D 166 18.59 3.92 10.15
N SER D 167 19.13 4.99 10.68
CA SER D 167 18.86 6.30 10.19
C SER D 167 19.37 6.52 8.74
N LEU D 168 20.55 6.06 8.42
CA LEU D 168 21.10 6.19 7.06
C LEU D 168 20.34 5.31 6.04
N LEU D 169 20.03 4.07 6.38
CA LEU D 169 19.31 3.22 5.47
C LEU D 169 17.88 3.75 5.28
N SER D 170 17.37 4.43 6.29
CA SER D 170 16.01 4.92 6.22
C SER D 170 16.00 6.14 5.28
N MET D 171 17.06 6.93 5.35
CA MET D 171 17.31 8.01 4.37
C MET D 171 17.34 7.45 2.94
N LEU D 172 18.08 6.37 2.75
CA LEU D 172 18.11 5.77 1.43
C LEU D 172 16.71 5.33 0.95
N SER D 173 15.87 4.79 1.83
CA SER D 173 14.47 4.51 1.45
C SER D 173 13.66 5.78 1.12
N ASP D 174 13.80 6.83 1.93
CA ASP D 174 13.05 8.04 1.67
C ASP D 174 13.43 8.66 0.31
N LEU D 175 14.72 8.61 -0.03
CA LEU D 175 15.17 9.11 -1.31
C LEU D 175 14.92 8.10 -2.46
N GLN D 176 14.30 6.99 -2.15
CA GLN D 176 13.96 5.95 -3.11
C GLN D 176 15.14 5.34 -3.87
N ILE D 177 16.30 5.22 -3.22
CA ILE D 177 17.47 4.63 -3.85
C ILE D 177 18.06 3.46 -3.06
N TYR D 178 17.29 2.92 -2.15
CA TYR D 178 17.74 1.82 -1.31
C TYR D 178 18.01 0.58 -2.19
N GLN D 179 17.09 0.29 -3.12
CA GLN D 179 17.19 -0.90 -3.96
C GLN D 179 18.39 -0.77 -4.87
N ASP D 180 18.54 0.39 -5.51
CA ASP D 180 19.62 0.61 -6.47
C ASP D 180 20.97 0.58 -5.79
N SER D 181 21.22 1.55 -4.94
CA SER D 181 22.55 1.79 -4.41
C SER D 181 23.05 0.69 -3.46
N PHE D 182 22.23 0.39 -2.48
CA PHE D 182 22.65 -0.39 -1.33
C PHE D 182 22.36 -1.87 -1.40
N GLU D 183 21.15 -2.21 -1.80
CA GLU D 183 20.70 -3.57 -1.61
C GLU D 183 21.46 -4.62 -2.43
N GLN D 184 21.77 -4.33 -3.69
CA GLN D 184 22.50 -5.31 -4.52
C GLN D 184 23.91 -5.56 -4.00
N ARG D 185 24.59 -4.50 -3.60
CA ARG D 185 25.93 -4.65 -3.03
C ARG D 185 25.88 -5.35 -1.72
N PHE D 186 24.86 -5.03 -0.94
CA PHE D 186 24.68 -5.71 0.34
C PHE D 186 24.47 -7.20 0.18
N LEU D 187 23.69 -7.60 -0.82
CA LEU D 187 23.47 -9.02 -1.07
C LEU D 187 24.71 -9.64 -1.68
N GLU D 188 25.40 -8.94 -2.56
CA GLU D 188 26.71 -9.41 -3.03
C GLU D 188 27.65 -9.68 -1.84
N GLU D 189 27.78 -8.73 -0.92
CA GLU D 189 28.76 -8.88 0.17
C GLU D 189 28.37 -9.99 1.12
N THR D 190 27.07 -10.09 1.40
CA THR D 190 26.55 -11.18 2.23
C THR D 190 26.85 -12.52 1.59
N ASN D 191 26.62 -12.62 0.30
CA ASN D 191 26.89 -13.86 -0.44
C ASN D 191 28.37 -14.25 -0.33
N ARG D 192 29.24 -13.28 -0.49
CA ARG D 192 30.68 -13.53 -0.42
C ARG D 192 31.07 -13.98 0.99
N LEU D 193 30.59 -13.26 2.02
CA LEU D 193 31.00 -13.53 3.39
C LEU D 193 30.57 -14.93 3.83
N TYR D 194 29.31 -15.24 3.61
CA TYR D 194 28.80 -16.53 4.06
C TYR D 194 29.26 -17.70 3.18
N ALA D 195 29.60 -17.45 1.92
CA ALA D 195 30.18 -18.52 1.11
C ALA D 195 31.47 -18.98 1.79
N ALA D 196 32.31 -18.00 2.11
CA ALA D 196 33.65 -18.26 2.68
C ALA D 196 33.52 -18.84 4.10
N GLU D 197 32.58 -18.33 4.89
CA GLU D 197 32.32 -18.84 6.24
C GLU D 197 31.87 -20.32 6.25
N GLY D 198 30.95 -20.65 5.37
CA GLY D 198 30.51 -22.02 5.22
C GLY D 198 31.65 -23.00 4.98
N GLN D 199 32.53 -22.67 4.03
CA GLN D 199 33.63 -23.56 3.68
C GLN D 199 34.68 -23.67 4.78
N LYS D 200 34.92 -22.55 5.45
CA LYS D 200 35.90 -22.49 6.50
C LYS D 200 35.41 -23.26 7.72
N LEU D 201 34.16 -23.02 8.14
CA LEU D 201 33.72 -23.61 9.41
C LEU D 201 33.39 -25.09 9.29
N MET D 202 33.13 -25.53 8.06
CA MET D 202 32.81 -26.94 7.79
C MET D 202 34.06 -27.77 7.97
N GLN D 203 35.23 -27.14 7.83
CA GLN D 203 36.48 -27.81 8.10
C GLN D 203 36.85 -27.71 9.57
N GLU D 204 36.60 -26.56 10.18
CA GLU D 204 37.07 -26.29 11.54
C GLU D 204 36.23 -26.94 12.62
N ARG D 205 34.94 -27.17 12.36
CA ARG D 205 34.01 -27.58 13.41
C ARG D 205 33.24 -28.85 13.09
N GLU D 206 32.91 -29.62 14.14
CA GLU D 206 32.13 -30.85 13.98
C GLU D 206 30.71 -30.44 13.64
N VAL D 207 29.93 -31.38 13.15
CA VAL D 207 28.59 -31.07 12.67
C VAL D 207 27.71 -30.42 13.74
N PRO D 208 27.64 -31.00 14.95
CA PRO D 208 26.80 -30.37 15.97
C PRO D 208 27.11 -28.91 16.21
N GLU D 209 28.40 -28.59 16.33
CA GLU D 209 28.83 -27.21 16.49
C GLU D 209 28.59 -26.37 15.25
N TYR D 210 28.66 -26.97 14.07
CA TYR D 210 28.42 -26.22 12.86
C TYR D 210 26.93 -25.83 12.77
N LEU D 211 26.06 -26.79 13.02
CA LEU D 211 24.62 -26.56 12.94
C LEU D 211 24.18 -25.50 13.97
N HIS D 212 24.75 -25.57 15.17
CA HIS D 212 24.45 -24.58 16.19
C HIS D 212 24.84 -23.21 15.71
N HIS D 213 26.00 -23.11 15.05
CA HIS D 213 26.46 -21.89 14.47
C HIS D 213 25.61 -21.39 13.36
N VAL D 214 25.17 -22.29 12.48
CA VAL D 214 24.33 -21.82 11.39
C VAL D 214 23.00 -21.27 11.93
N ASN D 215 22.47 -21.92 12.95
CA ASN D 215 21.24 -21.45 13.57
C ASN D 215 21.45 -20.07 14.15
N LYS D 216 22.59 -19.84 14.80
CA LYS D 216 22.89 -18.53 15.36
C LYS D 216 22.90 -17.45 14.27
N ARG D 217 23.54 -17.74 13.15
CA ARG D 217 23.62 -16.79 12.10
C ARG D 217 22.25 -16.43 11.52
N LEU D 218 21.36 -17.41 11.41
CA LEU D 218 20.05 -17.14 10.83
C LEU D 218 19.30 -16.24 11.81
N GLU D 219 19.48 -16.49 13.10
CA GLU D 219 18.79 -15.67 14.10
C GLU D 219 19.35 -14.27 14.11
N GLU D 220 20.65 -14.17 13.88
CA GLU D 220 21.34 -12.89 13.87
C GLU D 220 20.86 -12.05 12.70
N GLU D 221 20.77 -12.68 11.53
CA GLU D 221 20.41 -11.95 10.35
C GLU D 221 18.97 -11.53 10.42
N ALA D 222 18.10 -12.36 10.98
CA ALA D 222 16.70 -11.93 11.30
C ALA D 222 16.72 -10.66 12.13
N ASP D 223 17.57 -10.63 13.14
CA ASP D 223 17.69 -9.45 13.98
C ASP D 223 18.18 -8.18 13.21
N ARG D 224 19.15 -8.35 12.30
CA ARG D 224 19.67 -7.24 11.56
C ARG D 224 18.56 -6.69 10.73
N LEU D 225 17.78 -7.59 10.18
CA LEU D 225 16.69 -7.24 9.28
C LEU D 225 15.61 -6.43 9.98
N ILE D 226 15.11 -6.94 11.09
CA ILE D 226 14.16 -6.24 12.00
C ILE D 226 14.72 -4.90 12.46
N THR D 227 15.99 -4.85 12.84
CA THR D 227 16.51 -3.68 13.52
C THR D 227 16.96 -2.55 12.57
N TYR D 228 17.53 -2.85 11.42
CA TYR D 228 17.96 -1.74 10.57
C TYR D 228 17.80 -1.86 9.07
N LEU D 229 17.45 -3.02 8.56
CA LEU D 229 17.30 -3.15 7.12
C LEU D 229 15.83 -2.96 6.74
N ASP D 230 15.58 -2.84 5.44
CA ASP D 230 14.20 -2.75 4.94
C ASP D 230 13.60 -4.13 4.76
N GLN D 231 12.31 -4.27 5.03
CA GLN D 231 11.64 -5.54 4.85
C GLN D 231 11.84 -6.10 3.42
N THR D 232 11.91 -5.26 2.39
CA THR D 232 12.06 -5.81 1.04
C THR D 232 13.36 -6.61 0.88
N THR D 233 14.27 -6.56 1.85
CA THR D 233 15.53 -7.31 1.77
C THR D 233 15.42 -8.71 2.39
N GLN D 234 14.31 -8.97 3.05
CA GLN D 234 14.19 -10.15 3.88
C GLN D 234 14.41 -11.51 3.13
N LYS D 235 13.62 -11.76 2.09
CA LYS D 235 13.70 -13.05 1.43
C LYS D 235 15.10 -13.32 0.87
N SER D 236 15.59 -12.40 0.07
CA SER D 236 16.92 -12.44 -0.49
C SER D 236 18.02 -12.69 0.54
N LEU D 237 17.99 -11.95 1.65
CA LEU D 237 19.01 -12.07 2.67
C LEU D 237 18.99 -13.45 3.29
N ILE D 238 17.86 -13.86 3.85
CA ILE D 238 17.78 -15.17 4.49
C ILE D 238 18.11 -16.30 3.46
N ALA D 239 17.61 -16.19 2.25
CA ALA D 239 17.89 -17.20 1.26
C ALA D 239 19.41 -17.33 1.07
N THR D 240 20.11 -16.19 1.12
CA THR D 240 21.54 -16.21 0.90
C THR D 240 22.22 -16.91 2.02
N VAL D 241 21.86 -16.57 3.24
CA VAL D 241 22.47 -17.22 4.36
C VAL D 241 22.14 -18.72 4.32
N GLU D 242 20.90 -19.05 4.05
CA GLU D 242 20.49 -20.48 3.93
C GLU D 242 21.29 -21.25 2.86
N LYS D 243 21.46 -20.61 1.72
CA LYS D 243 22.13 -21.22 0.59
C LYS D 243 23.60 -21.45 0.90
N GLN D 244 24.28 -20.45 1.44
CA GLN D 244 25.71 -20.56 1.62
C GLN D 244 26.12 -21.41 2.83
N LEU D 245 25.39 -21.36 3.92
CA LEU D 245 25.76 -22.13 5.09
C LEU D 245 25.16 -23.54 5.08
N LEU D 246 24.03 -23.77 4.41
CA LEU D 246 23.42 -25.11 4.39
C LEU D 246 23.38 -25.70 2.98
N GLY D 247 22.78 -24.98 2.03
CA GLY D 247 22.54 -25.52 0.68
C GLY D 247 23.78 -26.09 0.02
N GLU D 248 24.89 -25.37 0.17
CA GLU D 248 26.14 -25.77 -0.45
C GLU D 248 26.82 -26.92 0.29
N HIS D 249 26.32 -27.32 1.45
CA HIS D 249 27.00 -28.34 2.27
C HIS D 249 26.14 -29.49 2.73
N LEU D 250 24.93 -29.59 2.17
CA LEU D 250 23.98 -30.61 2.64
C LEU D 250 24.60 -31.99 2.67
N THR D 251 25.14 -32.43 1.55
CA THR D 251 25.62 -33.79 1.50
C THR D 251 26.82 -33.99 2.41
N ALA D 252 27.70 -32.98 2.50
CA ALA D 252 28.95 -33.11 3.26
C ALA D 252 28.59 -33.17 4.73
N ILE D 253 27.59 -32.38 5.15
CA ILE D 253 27.15 -32.38 6.54
C ILE D 253 26.64 -33.78 6.93
N LEU D 254 25.81 -34.38 6.08
CA LEU D 254 25.23 -35.68 6.42
C LEU D 254 26.31 -36.78 6.43
N GLN D 255 27.21 -36.74 5.44
CA GLN D 255 28.33 -37.67 5.37
C GLN D 255 29.24 -37.60 6.58
N LYS D 256 29.51 -36.38 7.07
CA LYS D 256 30.45 -36.17 8.16
C LYS D 256 29.82 -36.52 9.50
N GLY D 257 28.52 -36.23 9.69
CA GLY D 257 27.91 -36.29 11.02
C GLY D 257 26.64 -37.10 11.28
N LEU D 258 25.90 -37.49 10.25
CA LEU D 258 24.61 -38.17 10.46
C LEU D 258 24.72 -39.55 11.12
N ASN D 259 25.68 -40.39 10.69
CA ASN D 259 25.86 -41.72 11.32
C ASN D 259 26.14 -41.55 12.82
N ASN D 260 27.00 -40.58 13.18
CA ASN D 260 27.31 -40.38 14.61
CA ASN D 260 27.32 -40.35 14.59
C ASN D 260 26.07 -39.93 15.35
N LEU D 261 25.33 -38.98 14.78
CA LEU D 261 24.14 -38.45 15.46
C LEU D 261 23.10 -39.55 15.69
N LEU D 262 22.92 -40.43 14.70
CA LEU D 262 21.99 -41.54 14.86
C LEU D 262 22.54 -42.66 15.75
N ASP D 263 23.82 -43.03 15.58
CA ASP D 263 24.38 -44.12 16.40
C ASP D 263 24.28 -43.74 17.88
N GLU D 264 24.67 -42.50 18.18
CA GLU D 264 24.82 -42.02 19.54
C GLU D 264 23.46 -41.50 20.08
N ASN D 265 22.41 -41.57 19.25
CA ASN D 265 21.04 -41.20 19.65
C ASN D 265 20.94 -39.73 20.10
N ARG D 266 21.56 -38.82 19.34
CA ARG D 266 21.64 -37.40 19.71
C ARG D 266 20.40 -36.61 19.25
N ILE D 267 19.33 -36.69 20.05
CA ILE D 267 18.02 -36.21 19.66
C ILE D 267 17.95 -34.71 19.43
N GLN D 268 18.48 -33.93 20.37
CA GLN D 268 18.47 -32.45 20.22
C GLN D 268 19.12 -32.04 18.91
N ASP D 269 20.27 -32.63 18.59
CA ASP D 269 21.00 -32.25 17.36
C ASP D 269 20.26 -32.71 16.13
N LEU D 270 19.70 -33.92 16.18
CA LEU D 270 18.87 -34.40 15.09
C LEU D 270 17.64 -33.48 14.86
N SER D 271 16.99 -33.02 15.93
CA SER D 271 15.88 -32.09 15.77
C SER D 271 16.33 -30.84 15.04
N LEU D 272 17.45 -30.28 15.48
CA LEU D 272 18.02 -29.07 14.87
C LEU D 272 18.36 -29.29 13.44
N LEU D 273 19.00 -30.42 13.18
CA LEU D 273 19.35 -30.75 11.80
C LEU D 273 18.08 -30.70 10.95
N TYR D 274 17.01 -31.36 11.39
CA TYR D 274 15.81 -31.46 10.59
C TYR D 274 15.23 -30.04 10.39
N GLN D 275 15.21 -29.24 11.45
CA GLN D 275 14.66 -27.87 11.35
C GLN D 275 15.44 -27.07 10.33
N LEU D 276 16.76 -27.11 10.42
CA LEU D 276 17.60 -26.36 9.46
C LEU D 276 17.48 -26.85 8.03
N PHE D 277 17.50 -28.14 7.85
CA PHE D 277 17.44 -28.68 6.50
C PHE D 277 16.10 -28.41 5.88
N SER D 278 15.08 -28.33 6.71
CA SER D 278 13.73 -28.04 6.22
C SER D 278 13.62 -26.68 5.55
N ARG D 279 14.59 -25.80 5.83
CA ARG D 279 14.58 -24.45 5.28
C ARG D 279 15.14 -24.35 3.89
N VAL D 280 15.78 -25.42 3.40
CA VAL D 280 16.64 -25.34 2.21
C VAL D 280 16.27 -26.32 1.13
N ARG D 281 16.45 -25.92 -0.12
CA ARG D 281 16.08 -26.76 -1.22
C ARG D 281 16.82 -28.08 -1.11
N GLY D 282 16.08 -29.16 -1.28
CA GLY D 282 16.66 -30.48 -1.27
C GLY D 282 17.02 -31.03 0.08
N GLY D 283 16.80 -30.25 1.11
CA GLY D 283 17.32 -30.61 2.43
C GLY D 283 16.73 -31.88 3.01
N VAL D 284 15.40 -31.90 3.13
CA VAL D 284 14.74 -33.05 3.70
C VAL D 284 14.92 -34.26 2.76
N GLN D 285 15.06 -33.98 1.47
CA GLN D 285 15.19 -35.05 0.50
C GLN D 285 16.51 -35.82 0.68
N VAL D 286 17.59 -35.06 0.81
CA VAL D 286 18.91 -35.61 0.99
C VAL D 286 18.94 -36.32 2.34
N LEU D 287 18.37 -35.70 3.37
CA LEU D 287 18.25 -36.34 4.71
C LEU D 287 17.49 -37.65 4.64
N LEU D 288 16.40 -37.65 3.89
CA LEU D 288 15.54 -38.85 3.76
C LEU D 288 16.29 -40.02 3.15
N GLN D 289 17.07 -39.73 2.12
CA GLN D 289 17.81 -40.75 1.44
C GLN D 289 18.88 -41.36 2.35
N GLN D 290 19.56 -40.53 3.16
CA GLN D 290 20.62 -41.04 4.04
C GLN D 290 20.01 -41.86 5.18
N TRP D 291 18.80 -41.50 5.55
CA TRP D 291 18.02 -42.19 6.56
C TRP D 291 17.71 -43.59 6.11
N ILE D 292 17.22 -43.71 4.89
CA ILE D 292 17.02 -45.04 4.27
C ILE D 292 18.32 -45.84 4.25
N GLU D 293 19.44 -45.18 4.00
CA GLU D 293 20.73 -45.86 3.88
C GLU D 293 21.15 -46.42 5.26
N TYR D 294 21.00 -45.58 6.27
CA TYR D 294 21.37 -45.92 7.62
C TYR D 294 20.58 -47.11 8.09
N ILE D 295 19.28 -47.06 7.85
CA ILE D 295 18.40 -48.12 8.33
C ILE D 295 18.68 -49.43 7.61
N LYS D 296 18.89 -49.39 6.29
CA LYS D 296 19.27 -50.59 5.53
C LYS D 296 20.61 -51.16 6.06
N ALA D 297 21.61 -50.32 6.28
CA ALA D 297 22.93 -50.80 6.74
C ALA D 297 22.89 -51.36 8.16
N PHE D 298 22.28 -50.64 9.09
CA PHE D 298 22.21 -51.08 10.49
C PHE D 298 21.34 -52.34 10.62
N GLY D 299 20.21 -52.35 9.91
CA GLY D 299 19.32 -53.51 9.82
C GLY D 299 19.97 -54.73 9.21
N SER D 300 20.76 -54.53 8.17
CA SER D 300 21.54 -55.60 7.57
C SER D 300 22.55 -56.19 8.57
N THR D 301 23.16 -55.35 9.42
CA THR D 301 24.13 -55.86 10.41
C THR D 301 23.51 -56.64 11.56
N ILE D 302 22.25 -56.33 11.92
CA ILE D 302 21.53 -57.15 12.93
C ILE D 302 21.19 -58.51 12.30
N VAL D 303 20.51 -58.51 11.15
CA VAL D 303 20.09 -59.77 10.53
C VAL D 303 21.29 -60.67 10.18
N ILE D 304 22.47 -60.07 9.93
CA ILE D 304 23.73 -60.80 9.84
C ILE D 304 24.39 -60.93 11.21
N GLU D 315 16.04 -57.65 19.20
CA GLU D 315 17.02 -56.60 18.78
C GLU D 315 16.46 -55.67 17.69
N LEU D 316 15.66 -56.26 16.81
CA LEU D 316 14.88 -55.52 15.83
C LEU D 316 13.88 -54.59 16.54
N ASP D 317 13.25 -55.06 17.62
CA ASP D 317 12.31 -54.24 18.41
C ASP D 317 12.98 -53.02 19.05
N ASP D 318 14.18 -53.20 19.60
CA ASP D 318 14.97 -52.10 20.17
C ASP D 318 15.29 -51.04 19.13
N PHE D 319 15.69 -51.49 17.96
CA PHE D 319 16.00 -50.59 16.87
C PHE D 319 14.73 -49.86 16.35
N LYS D 320 13.65 -50.60 16.11
CA LYS D 320 12.37 -50.00 15.76
C LYS D 320 11.96 -48.91 16.78
N ASP D 321 12.10 -49.17 18.08
CA ASP D 321 11.70 -48.20 19.11
C ASP D 321 12.55 -46.97 19.02
N LYS D 322 13.85 -47.15 18.82
CA LYS D 322 14.79 -46.03 18.74
C LYS D 322 14.43 -45.16 17.54
N VAL D 323 14.21 -45.82 16.43
CA VAL D 323 13.94 -45.18 15.17
C VAL D 323 12.56 -44.48 15.20
N ASP D 324 11.52 -45.14 15.72
CA ASP D 324 10.19 -44.53 15.86
C ASP D 324 10.27 -43.25 16.68
N HIS D 325 11.06 -43.29 17.75
CA HIS D 325 11.22 -42.16 18.64
C HIS D 325 11.89 -40.96 17.98
N ILE D 326 12.88 -41.23 17.14
CA ILE D 326 13.53 -40.17 16.34
C ILE D 326 12.55 -39.57 15.34
N ILE D 327 11.81 -40.42 14.64
CA ILE D 327 10.82 -39.91 13.70
C ILE D 327 9.87 -38.96 14.42
N ASP D 328 9.44 -39.41 15.58
CA ASP D 328 8.40 -38.77 16.35
C ASP D 328 8.81 -37.42 16.89
N ILE D 329 10.04 -37.31 17.38
CA ILE D 329 10.47 -36.09 17.98
C ILE D 329 11.33 -35.25 17.06
N CYS D 330 12.33 -35.85 16.44
CA CYS D 330 13.24 -35.05 15.59
C CYS D 330 12.65 -34.69 14.23
N PHE D 331 11.86 -35.58 13.64
CA PHE D 331 11.31 -35.38 12.29
C PHE D 331 9.81 -35.11 12.32
N LEU D 332 9.31 -34.73 13.49
CA LEU D 332 7.93 -34.26 13.62
C LEU D 332 6.84 -35.18 13.08
N LYS D 333 7.03 -36.47 13.24
CA LYS D 333 6.05 -37.47 12.78
C LYS D 333 5.84 -37.47 11.25
N ASN D 334 6.85 -37.02 10.51
CA ASN D 334 6.80 -36.93 9.05
C ASN D 334 6.51 -38.28 8.37
N GLU D 335 5.34 -38.39 7.74
CA GLU D 335 4.86 -39.65 7.13
C GLU D 335 5.86 -40.25 6.13
N LYS D 336 6.51 -39.39 5.36
CA LYS D 336 7.54 -39.79 4.39
C LYS D 336 8.67 -40.62 5.08
N PHE D 337 9.08 -40.21 6.29
CA PHE D 337 10.10 -40.98 7.02
C PHE D 337 9.55 -42.27 7.61
N ILE D 338 8.25 -42.29 7.93
CA ILE D 338 7.62 -43.51 8.49
C ILE D 338 7.60 -44.55 7.39
N ASN D 339 7.10 -44.17 6.21
CA ASN D 339 7.08 -45.04 5.01
C ASN D 339 8.47 -45.51 4.60
N ALA D 340 9.43 -44.60 4.56
CA ALA D 340 10.80 -45.00 4.21
C ALA D 340 11.28 -46.07 5.17
N MET D 341 11.01 -45.88 6.45
CA MET D 341 11.42 -46.82 7.47
C MET D 341 10.71 -48.19 7.33
N LYS D 342 9.40 -48.19 7.07
CA LYS D 342 8.66 -49.45 6.93
C LYS D 342 9.19 -50.26 5.75
N GLU D 343 9.42 -49.57 4.62
CA GLU D 343 10.03 -50.18 3.43
C GLU D 343 11.40 -50.72 3.77
N ALA D 344 12.24 -49.92 4.41
CA ALA D 344 13.57 -50.35 4.81
C ALA D 344 13.54 -51.56 5.73
N PHE D 345 12.58 -51.65 6.66
CA PHE D 345 12.48 -52.84 7.56
C PHE D 345 12.18 -54.10 6.75
N GLU D 346 11.36 -54.00 5.69
CA GLU D 346 11.08 -55.17 4.82
C GLU D 346 12.32 -55.71 4.11
N THR D 347 13.44 -54.97 4.11
CA THR D 347 14.79 -55.53 3.94
C THR D 347 15.09 -56.31 5.22
C1 EDO E . -6.93 9.82 21.96
O1 EDO E . -7.43 9.54 20.62
C2 EDO E . -7.81 10.83 22.74
O2 EDO E . -7.07 11.78 23.57
C1 EDO F . -15.68 25.84 -7.12
O1 EDO F . -15.23 25.15 -8.30
C2 EDO F . -14.47 26.33 -6.33
O2 EDO F . -14.06 27.52 -7.01
C1 EDO G . -9.31 26.72 1.08
O1 EDO G . -9.19 25.65 2.04
C2 EDO G . -10.75 26.83 0.56
O2 EDO G . -10.96 28.11 -0.08
C1 EDO H . -1.35 22.17 19.00
O1 EDO H . -2.43 21.52 18.27
C2 EDO H . -0.96 23.19 17.98
O2 EDO H . -2.18 23.28 17.15
C1 EDO I . -0.58 -21.75 -20.34
O1 EDO I . -1.95 -21.81 -19.99
C2 EDO I . -0.31 -20.30 -20.70
O2 EDO I . -1.49 -19.59 -21.19
C1 EDO J . -22.40 -16.54 6.21
O1 EDO J . -21.72 -15.57 5.38
C2 EDO J . -23.90 -16.42 6.04
O2 EDO J . -24.29 -16.77 4.70
C1 EDO K . 23.29 0.25 19.64
O1 EDO K . 23.37 -0.40 18.36
C2 EDO K . 23.69 1.71 19.50
O2 EDO K . 22.87 2.29 18.46
#